data_7QNC
#
_entry.id   7QNC
#
_cell.length_a   1.00
_cell.length_b   1.00
_cell.length_c   1.00
_cell.angle_alpha   90.00
_cell.angle_beta   90.00
_cell.angle_gamma   90.00
#
_symmetry.space_group_name_H-M   'P 1'
#
loop_
_entity.id
_entity.type
_entity.pdbx_description
1 polymer 'Gamma-aminobutyric acid receptor subunit alpha-4'
2 polymer 'Gamma-aminobutyric acid receptor subunit beta-3'
3 polymer 'Gamma-aminobutyric acid receptor subunit delta'
4 polymer 'Nanobody Nb25'
5 branched alpha-D-mannopyranose-(1-3)-[alpha-D-mannopyranose-(1-6)]beta-D-mannopyranose-(1-4)-2-acetamido-2-deoxy-beta-D-glucopyranose-(1-4)-2-acetamido-2-deoxy-beta-D-glucopyranose
6 branched 2-acetamido-2-deoxy-beta-D-glucopyranose-(1-4)-2-acetamido-2-deoxy-beta-D-glucopyranose
7 non-polymer 2-acetamido-2-deoxy-beta-D-glucopyranose
8 non-polymer DECANE
9 non-polymer 4,5,6,7-tetrahydro-[1,2]oxazolo[5,4-c]pyridin-3-one
10 non-polymer HISTAMINE
#
loop_
_entity_poly.entity_id
_entity_poly.type
_entity_poly.pdbx_seq_one_letter_code
_entity_poly.pdbx_strand_id
1 'polypeptide(L)'
;MVSAKKVPAIALSAGVSFALLRFLCLAVCLNESPGQNQKEEKLCTENFTRILDSLLDGYDNRLRPGFGGPVTEVKTDIYV
TSFGPVSDVEMEYTMDVFFRQTWIDKRLKYDGPIEILRLNNMMVTKVWTPDTFFRNGKKSVSHNMTAPNKLFRIMRNGTI
LYTMRLTISAECPMRLVDFPMDGHACPLKFGSYAYPKSEMIYTWTKGPEKSVEVPKESSSLVQYDLIGQTVSSETIKSIT
GEYIVMTVYFHLRRKMGYFMIQTYIPCIMTVILSQVSFWINKESVPARTVFGITTVLTMTTLSISARHSLPKVSYATAMD
WFIAVCFAFVFSALIEFAAVNYFTNIQMEKAKRKTSKPPQEVPAAPVQREKHPEAPLQNTNANLNMRKRTNALVHSESDV
GNRTEVGNHSSKSSTVVQESSKGTPRSYLASSPNPFSRANAAETISAARALPSASPTSIRTGYMPRKASVGSASTRHVFG
SRLQRIKTTVNTIGATGKLSATPPPSAPPPSGSGTSKIDKYARILFPVTFGAFNMVYWVVYLSKDTMEKSESLM
;
A
2 'polypeptide(L)'
;MWGLAGGRLFGIFSAPVLVAVVCCAQSVNDPGNMSFVKETVDKLLKGYDIRLRPDFGGPPVCVGMNIDIASIDMVSEVNM
DYTLTMYFQQYWRDKRLAYSGIPLNLTLDNRVADQLWVPDTYFLNDKKSFVHGVTVKNRMIRLHPDGTVLYGLRITTTAA
CMMDLRRYPLDEQNCTLEIESYGYTTDDIEFYWRGGDKAVTGVERIELPQFSIVEHRLVSRNVVFATGAYPRLSLSFRLK
RNIGYFILQTYMPSILITILSWVSFWINYDASAARVALGITTVLTMTTINTHLRETLPKIPYVKAIDMYLMGCFVFVFLA
LLEYAFVNYIFFGRGPQRQKKLAEKTAKAKNDRSKSESNRVDAHGNILLTSLEVHNEMNEVSGGIGDTRNSAISFDNSGI
QYRKQSMPREGHGRFLGDRSLPHKKTHLRRRSSQLKIKIPDLTDVNAIDRWSRIVFPFTFSLFNLVYWLYYVN
;
B,C,D
3 'polypeptide(L)'
;MDAPARLLAPLLLLCAQQLRGTRAMNDIGDYVGSNLEISWLPNLDGLIAGYARNFRPGIGGPPVNVALALEVASIDHISE
ANMEYTMTVFLHQSWRDSRLSYNHTNETLGLDSRFVDKLWLPDTFIVNAKSAWFHDVTVENKLIRLQPDGVILYSIRITS
TVACDMDLAKYPMDEQECMLDLESYGYSSEDIVYYWSESQEHIHGLDKLQLAQFTITSYRFTTELMNFKSAGQFPRLSLH
FHLRRNRGVYIIQSYMPSVLLVAMSWVSFWISQAAVPARVSLGITTVLTMTTLMVSARSSLPRASAIKALDVYFWICYVF
VFAALVEYAFAHFNADYRKKQKAKVKVSRPRAEMDVRNAIVLFSLSAAGVTQELAISRRQRRVPGNLMGSYRSVGVETGE
TKKEGAARSGGQGGIRARLRPIDADTIDIYARAVFPAAFAAVNVIYWAAYAMGGSGGSGGSGKTETSQVAPA
;
E
4 'polypeptide(L)'
;QVQLVESGGGLVQGSLRLSCAASGHTFNYPIMGWFRQAPGKEREFVGAISWSGGSTSYADSVKDRFTISRDNAKNTVYLE
MNNLKPEDTAVYYCAAKGRYSGGLYYPTNYDYWGQGTQVTV
;
F,G
#
# COMPACT_ATOMS: atom_id res chain seq x y z
N GLU A 46 6.98 15.72 50.21
CA GLU A 46 5.81 16.16 49.44
C GLU A 46 5.75 17.68 49.38
N ASN A 47 6.90 18.31 49.13
CA ASN A 47 6.95 19.77 49.06
C ASN A 47 6.12 20.29 47.89
N PHE A 48 6.24 19.65 46.72
CA PHE A 48 5.49 20.06 45.55
C PHE A 48 4.26 19.19 45.27
N THR A 49 4.24 17.96 45.76
CA THR A 49 3.04 17.13 45.63
C THR A 49 1.86 17.76 46.37
N ARG A 50 2.13 18.34 47.54
CA ARG A 50 1.09 19.04 48.28
C ARG A 50 0.54 20.22 47.48
N ILE A 51 1.43 20.96 46.82
CA ILE A 51 1.00 22.14 46.07
C ILE A 51 0.09 21.74 44.91
N LEU A 52 0.48 20.71 44.16
CA LEU A 52 -0.32 20.28 43.02
C LEU A 52 -1.67 19.74 43.47
N ASP A 53 -1.69 18.97 44.57
CA ASP A 53 -2.96 18.44 45.07
C ASP A 53 -3.87 19.56 45.53
N SER A 54 -3.31 20.60 46.16
CA SER A 54 -4.11 21.74 46.58
C SER A 54 -4.72 22.46 45.39
N LEU A 55 -3.94 22.62 44.31
CA LEU A 55 -4.47 23.29 43.12
C LEU A 55 -5.61 22.48 42.50
N LEU A 56 -5.45 21.16 42.42
CA LEU A 56 -6.48 20.31 41.83
C LEU A 56 -7.66 20.09 42.77
N ASP A 57 -7.49 20.32 44.06
CA ASP A 57 -8.59 20.16 45.01
C ASP A 57 -9.62 21.27 44.80
N GLY A 58 -10.89 20.89 44.70
CA GLY A 58 -11.93 21.85 44.42
C GLY A 58 -11.80 22.52 43.07
N TYR A 59 -11.31 21.79 42.07
CA TYR A 59 -11.12 22.31 40.73
C TYR A 59 -11.96 21.49 39.75
N ASP A 60 -12.76 22.17 38.95
CA ASP A 60 -13.62 21.53 37.95
C ASP A 60 -13.09 21.89 36.58
N ASN A 61 -12.56 20.89 35.86
CA ASN A 61 -12.01 21.11 34.53
C ASN A 61 -13.07 21.32 33.47
N ARG A 62 -14.35 21.09 33.79
CA ARG A 62 -15.43 21.27 32.85
C ARG A 62 -15.93 22.71 32.79
N LEU A 63 -15.38 23.61 33.59
CA LEU A 63 -15.77 25.01 33.62
C LEU A 63 -14.58 25.88 33.23
N ARG A 64 -14.80 26.79 32.29
CA ARG A 64 -13.74 27.70 31.88
C ARG A 64 -13.39 28.66 33.01
N PRO A 65 -12.16 29.17 33.04
CA PRO A 65 -11.81 30.17 34.05
C PRO A 65 -12.68 31.41 33.92
N GLY A 66 -13.06 31.97 35.06
CA GLY A 66 -14.02 33.06 35.04
C GLY A 66 -15.35 32.69 34.46
N PHE A 67 -15.86 31.50 34.82
CA PHE A 67 -17.11 31.02 34.26
C PHE A 67 -18.26 31.92 34.71
N GLY A 68 -19.07 32.37 33.75
CA GLY A 68 -20.17 33.26 34.03
C GLY A 68 -19.80 34.71 34.26
N GLY A 69 -18.52 35.06 34.10
CA GLY A 69 -18.07 36.41 34.33
C GLY A 69 -17.31 36.98 33.15
N PRO A 70 -16.08 37.42 33.39
CA PRO A 70 -15.28 38.01 32.31
C PRO A 70 -14.96 36.99 31.23
N VAL A 71 -14.81 37.48 30.00
CA VAL A 71 -14.49 36.61 28.88
C VAL A 71 -13.07 36.09 29.01
N THR A 72 -12.90 34.80 28.71
CA THR A 72 -11.58 34.18 28.77
C THR A 72 -10.79 34.52 27.52
N GLU A 73 -9.63 35.14 27.69
CA GLU A 73 -8.77 35.52 26.58
C GLU A 73 -7.64 34.52 26.44
N VAL A 74 -7.51 33.95 25.24
CA VAL A 74 -6.49 32.96 24.94
C VAL A 74 -5.53 33.55 23.92
N LYS A 75 -4.25 33.61 24.28
CA LYS A 75 -3.22 34.12 23.40
C LYS A 75 -2.58 32.96 22.64
N THR A 76 -2.62 33.02 21.31
CA THR A 76 -2.16 31.94 20.47
C THR A 76 -1.04 32.42 19.56
N ASP A 77 0.02 31.62 19.46
CA ASP A 77 1.11 31.85 18.51
C ASP A 77 1.48 30.52 17.89
N ILE A 78 1.90 30.58 16.62
CA ILE A 78 2.16 29.38 15.83
C ILE A 78 3.61 29.43 15.34
N TYR A 79 4.33 28.33 15.53
CA TYR A 79 5.68 28.16 15.01
C TYR A 79 5.64 27.00 14.01
N VAL A 80 5.82 27.32 12.72
CA VAL A 80 5.73 26.32 11.67
C VAL A 80 7.06 25.59 11.59
N THR A 81 7.07 24.32 11.99
CA THR A 81 8.30 23.53 11.93
C THR A 81 8.61 23.08 10.51
N SER A 82 7.58 22.77 9.72
CA SER A 82 7.79 22.32 8.34
C SER A 82 6.51 22.55 7.57
N PHE A 83 6.57 23.38 6.54
CA PHE A 83 5.44 23.60 5.64
C PHE A 83 5.48 22.52 4.57
N GLY A 84 4.60 21.52 4.70
CA GLY A 84 4.67 20.34 3.89
C GLY A 84 4.24 20.61 2.46
N PRO A 85 4.28 19.56 1.64
CA PRO A 85 3.94 19.70 0.23
C PRO A 85 2.48 20.09 0.02
N VAL A 86 2.24 20.80 -1.07
CA VAL A 86 0.90 21.26 -1.44
C VAL A 86 0.41 20.39 -2.59
N SER A 87 -0.74 19.75 -2.40
CA SER A 87 -1.31 18.87 -3.41
C SER A 87 -2.31 19.66 -4.25
N ASP A 88 -1.92 19.96 -5.49
CA ASP A 88 -2.80 20.70 -6.39
C ASP A 88 -4.05 19.89 -6.74
N VAL A 89 -3.88 18.58 -6.96
CA VAL A 89 -5.02 17.74 -7.34
C VAL A 89 -6.04 17.69 -6.23
N GLU A 90 -5.59 17.55 -4.98
CA GLU A 90 -6.50 17.48 -3.85
C GLU A 90 -6.83 18.84 -3.24
N MET A 91 -6.18 19.90 -3.70
CA MET A 91 -6.41 21.25 -3.18
C MET A 91 -6.22 21.30 -1.67
N GLU A 92 -5.16 20.65 -1.18
CA GLU A 92 -4.86 20.63 0.24
C GLU A 92 -3.36 20.79 0.43
N TYR A 93 -2.98 21.22 1.62
CA TYR A 93 -1.58 21.36 1.99
C TYR A 93 -1.37 20.79 3.38
N THR A 94 -0.15 20.32 3.63
CA THR A 94 0.22 19.77 4.93
C THR A 94 1.17 20.73 5.64
N MET A 95 1.09 20.74 6.97
CA MET A 95 1.90 21.66 7.75
C MET A 95 2.05 21.13 9.17
N ASP A 96 3.26 21.16 9.69
CA ASP A 96 3.55 20.78 11.06
C ASP A 96 3.91 22.03 11.86
N VAL A 97 3.21 22.25 12.97
CA VAL A 97 3.34 23.48 13.74
C VAL A 97 3.48 23.16 15.22
N PHE A 98 3.96 24.16 15.96
CA PHE A 98 3.98 24.16 17.42
C PHE A 98 2.88 25.14 17.86
N PHE A 99 1.66 24.64 17.98
CA PHE A 99 0.52 25.49 18.31
C PHE A 99 0.54 25.80 19.80
N ARG A 100 0.87 27.05 20.14
CA ARG A 100 0.98 27.48 21.52
C ARG A 100 -0.27 28.26 21.92
N GLN A 101 -0.79 27.98 23.11
CA GLN A 101 -1.92 28.69 23.67
C GLN A 101 -1.58 29.19 25.06
N THR A 102 -1.96 30.43 25.34
CA THR A 102 -1.64 31.07 26.62
C THR A 102 -2.89 31.75 27.14
N TRP A 103 -3.31 31.41 28.36
CA TRP A 103 -4.45 32.03 29.01
C TRP A 103 -4.16 32.13 30.49
N ILE A 104 -5.08 32.78 31.22
CA ILE A 104 -4.93 33.02 32.65
C ILE A 104 -6.05 32.30 33.37
N ASP A 105 -5.69 31.49 34.36
CA ASP A 105 -6.65 30.76 35.20
C ASP A 105 -6.29 31.04 36.65
N LYS A 106 -7.08 31.90 37.30
CA LYS A 106 -6.80 32.26 38.69
C LYS A 106 -7.00 31.09 39.64
N ARG A 107 -7.74 30.06 39.23
CA ARG A 107 -7.94 28.89 40.09
C ARG A 107 -6.64 28.13 40.34
N LEU A 108 -5.63 28.31 39.49
CA LEU A 108 -4.37 27.61 39.61
C LEU A 108 -3.26 28.48 40.19
N LYS A 109 -3.62 29.62 40.79
CA LYS A 109 -2.63 30.45 41.46
C LYS A 109 -2.01 29.70 42.62
N TYR A 110 -0.69 29.78 42.75
CA TYR A 110 0.03 29.12 43.83
C TYR A 110 1.15 30.01 44.31
N ASP A 111 1.51 29.85 45.59
CA ASP A 111 2.63 30.55 46.19
C ASP A 111 3.71 29.53 46.53
N GLY A 112 4.93 29.77 46.04
CA GLY A 112 6.01 28.85 46.27
C GLY A 112 7.35 29.44 45.85
N PRO A 113 8.43 28.69 46.09
CA PRO A 113 9.77 29.19 45.75
C PRO A 113 9.97 29.35 44.25
N ILE A 114 9.66 28.30 43.49
CA ILE A 114 9.89 28.30 42.05
C ILE A 114 8.75 29.06 41.38
N GLU A 115 9.08 29.78 40.30
CA GLU A 115 8.12 30.63 39.62
C GLU A 115 7.31 29.87 38.57
N ILE A 116 7.92 28.93 37.86
CA ILE A 116 7.28 28.20 36.77
C ILE A 116 7.28 26.72 37.11
N LEU A 117 6.12 26.08 37.01
CA LEU A 117 5.97 24.65 37.26
C LEU A 117 5.86 23.95 35.92
N ARG A 118 7.00 23.49 35.41
CA ARG A 118 7.03 22.71 34.17
C ARG A 118 6.67 21.28 34.51
N LEU A 119 5.41 20.91 34.24
CA LEU A 119 4.86 19.63 34.65
C LEU A 119 4.85 18.65 33.48
N ASN A 120 4.41 17.42 33.77
CA ASN A 120 4.33 16.40 32.75
C ASN A 120 3.18 16.69 31.78
N ASN A 121 3.28 16.10 30.59
CA ASN A 121 2.34 16.40 29.51
C ASN A 121 0.92 15.92 29.82
N MET A 122 0.74 14.94 30.71
CA MET A 122 -0.57 14.42 31.00
C MET A 122 -1.25 15.14 32.17
N MET A 123 -0.60 16.16 32.74
CA MET A 123 -1.29 17.06 33.65
C MET A 123 -2.40 17.84 32.95
N VAL A 124 -2.36 17.89 31.61
CA VAL A 124 -3.33 18.66 30.84
C VAL A 124 -4.74 18.13 31.05
N THR A 125 -4.91 16.81 31.08
CA THR A 125 -6.23 16.21 31.19
C THR A 125 -6.93 16.57 32.49
N LYS A 126 -6.19 16.96 33.53
CA LYS A 126 -6.78 17.29 34.81
C LYS A 126 -7.16 18.76 34.92
N VAL A 127 -6.87 19.58 33.91
CA VAL A 127 -7.16 21.00 33.96
C VAL A 127 -7.93 21.39 32.70
N TRP A 128 -8.60 22.54 32.78
CA TRP A 128 -9.34 23.05 31.64
C TRP A 128 -8.39 23.58 30.57
N THR A 129 -8.70 23.26 29.32
CA THR A 129 -7.94 23.74 28.18
C THR A 129 -8.90 24.20 27.10
N PRO A 130 -8.51 25.19 26.29
CA PRO A 130 -9.39 25.65 25.21
C PRO A 130 -9.65 24.56 24.19
N ASP A 131 -10.85 24.58 23.62
CA ASP A 131 -11.25 23.61 22.60
C ASP A 131 -11.08 24.26 21.23
N THR A 132 -9.83 24.35 20.80
CA THR A 132 -9.49 24.96 19.52
C THR A 132 -9.50 23.90 18.43
N PHE A 133 -10.20 24.17 17.33
CA PHE A 133 -10.24 23.29 16.20
C PHE A 133 -10.04 24.09 14.92
N PHE A 134 -9.50 23.42 13.90
CA PHE A 134 -9.19 24.06 12.63
C PHE A 134 -10.37 23.86 11.68
N ARG A 135 -11.02 24.96 11.31
CA ARG A 135 -12.24 24.86 10.52
C ARG A 135 -11.98 24.30 9.13
N ASN A 136 -10.89 24.72 8.49
CA ASN A 136 -10.55 24.23 7.16
C ASN A 136 -9.62 23.02 7.18
N GLY A 137 -9.29 22.51 8.37
CA GLY A 137 -8.43 21.35 8.47
C GLY A 137 -9.19 20.06 8.27
N LYS A 138 -9.00 19.43 7.10
CA LYS A 138 -9.73 18.21 6.81
C LYS A 138 -9.17 17.01 7.57
N LYS A 139 -7.87 17.01 7.87
CA LYS A 139 -7.26 15.93 8.63
C LYS A 139 -6.13 16.51 9.46
N SER A 140 -6.04 16.08 10.71
CA SER A 140 -5.01 16.56 11.62
C SER A 140 -4.65 15.45 12.60
N VAL A 141 -3.37 15.38 12.96
CA VAL A 141 -2.84 14.35 13.84
C VAL A 141 -2.03 15.02 14.95
N SER A 142 -2.28 14.61 16.19
CA SER A 142 -1.48 15.03 17.32
C SER A 142 -0.47 13.93 17.63
N HIS A 143 0.82 14.28 17.59
CA HIS A 143 1.86 13.29 17.70
C HIS A 143 1.92 12.71 19.12
N ASN A 144 2.29 11.42 19.18
CA ASN A 144 2.30 10.68 20.45
C ASN A 144 3.58 9.86 20.61
N MET A 145 4.64 10.20 19.89
CA MET A 145 5.84 9.34 19.86
C MET A 145 6.65 9.52 21.14
N THR A 146 6.74 8.43 21.91
CA THR A 146 7.54 8.31 23.12
C THR A 146 6.93 9.12 24.26
N ALA A 147 5.95 9.96 23.94
CA ALA A 147 5.18 10.76 24.88
C ALA A 147 4.15 11.56 24.09
N PRO A 148 3.03 11.94 24.71
CA PRO A 148 2.17 12.95 24.07
C PRO A 148 2.92 14.27 23.96
N ASN A 149 3.08 14.76 22.73
CA ASN A 149 3.84 15.97 22.52
C ASN A 149 3.07 17.20 22.99
N LYS A 150 2.95 17.35 24.30
CA LYS A 150 2.28 18.49 24.91
C LYS A 150 3.22 19.15 25.91
N LEU A 151 3.14 20.47 25.98
CA LEU A 151 3.87 21.26 26.97
C LEU A 151 2.87 21.91 27.90
N PHE A 152 3.17 21.88 29.20
CA PHE A 152 2.27 22.43 30.20
C PHE A 152 3.09 23.11 31.29
N ARG A 153 2.90 24.40 31.46
CA ARG A 153 3.61 25.19 32.46
C ARG A 153 2.61 26.06 33.21
N ILE A 154 2.68 26.04 34.54
CA ILE A 154 1.84 26.88 35.38
C ILE A 154 2.72 27.94 36.01
N MET A 155 2.47 29.20 35.65
CA MET A 155 3.23 30.29 36.25
C MET A 155 2.67 30.62 37.63
N ARG A 156 3.44 31.40 38.39
CA ARG A 156 3.07 31.68 39.78
C ARG A 156 1.77 32.46 39.86
N ASN A 157 1.58 33.43 38.97
CA ASN A 157 0.39 34.28 39.02
C ASN A 157 -0.84 33.62 38.39
N GLY A 158 -0.70 32.44 37.79
CA GLY A 158 -1.80 31.72 37.20
C GLY A 158 -1.76 31.61 35.69
N THR A 159 -0.81 32.26 35.04
CA THR A 159 -0.70 32.15 33.59
C THR A 159 -0.31 30.73 33.19
N ILE A 160 -0.97 30.21 32.15
CA ILE A 160 -0.77 28.85 31.69
C ILE A 160 -0.24 28.88 30.26
N LEU A 161 0.85 28.17 30.02
CA LEU A 161 1.41 28.01 28.69
C LEU A 161 1.21 26.56 28.27
N TYR A 162 0.34 26.34 27.28
CA TYR A 162 0.00 25.00 26.81
C TYR A 162 0.23 24.94 25.31
N THR A 163 1.21 24.15 24.88
CA THR A 163 1.54 23.99 23.48
C THR A 163 1.47 22.52 23.10
N MET A 164 1.20 22.27 21.82
CA MET A 164 1.12 20.92 21.30
C MET A 164 1.66 20.89 19.89
N ARG A 165 2.17 19.73 19.49
CA ARG A 165 2.75 19.53 18.17
C ARG A 165 1.71 18.84 17.29
N LEU A 166 1.37 19.46 16.16
CA LEU A 166 0.30 18.99 15.29
C LEU A 166 0.78 18.92 13.85
N THR A 167 0.24 17.96 13.12
CA THR A 167 0.38 17.87 11.67
C THR A 167 -0.98 18.15 11.06
N ILE A 168 -1.09 19.24 10.32
CA ILE A 168 -2.37 19.77 9.86
C ILE A 168 -2.44 19.62 8.34
N SER A 169 -3.51 18.98 7.87
CA SER A 169 -3.85 18.94 6.46
C SER A 169 -5.10 19.80 6.27
N ALA A 170 -4.93 20.97 5.67
CA ALA A 170 -6.01 21.94 5.55
C ALA A 170 -6.38 22.15 4.09
N GLU A 171 -7.67 22.35 3.83
CA GLU A 171 -8.14 22.60 2.48
C GLU A 171 -7.68 23.96 1.99
N CYS A 172 -7.25 24.02 0.73
CA CYS A 172 -6.79 25.26 0.12
C CYS A 172 -7.44 25.41 -1.26
N PRO A 173 -8.53 26.15 -1.37
CA PRO A 173 -9.12 26.39 -2.69
C PRO A 173 -8.16 27.09 -3.62
N MET A 174 -8.16 26.70 -4.88
CA MET A 174 -7.21 27.20 -5.87
C MET A 174 -7.95 27.61 -7.14
N ARG A 175 -7.43 28.66 -7.78
CA ARG A 175 -7.88 29.10 -9.09
C ARG A 175 -6.73 28.88 -10.06
N LEU A 176 -6.84 27.81 -10.86
CA LEU A 176 -5.77 27.40 -11.77
C LEU A 176 -5.92 28.00 -13.16
N VAL A 177 -6.54 29.17 -13.27
CA VAL A 177 -6.68 29.81 -14.57
C VAL A 177 -5.31 30.22 -15.12
N ASP A 178 -4.43 30.69 -14.25
CA ASP A 178 -3.09 31.11 -14.65
C ASP A 178 -2.05 30.00 -14.51
N PHE A 179 -2.47 28.78 -14.21
CA PHE A 179 -1.55 27.67 -14.04
C PHE A 179 -0.74 27.48 -15.31
N PRO A 180 0.58 27.24 -15.21
CA PRO A 180 1.34 27.14 -13.96
C PRO A 180 1.90 28.46 -13.45
N MET A 181 1.68 29.55 -14.19
CA MET A 181 2.18 30.87 -13.80
C MET A 181 1.17 31.58 -12.90
N ASP A 182 0.91 30.97 -11.74
CA ASP A 182 -0.13 31.41 -10.84
C ASP A 182 0.40 31.47 -9.41
N GLY A 183 -0.44 31.96 -8.51
CA GLY A 183 -0.11 32.00 -7.10
C GLY A 183 -1.37 31.82 -6.28
N HIS A 184 -1.20 31.25 -5.08
CA HIS A 184 -2.33 30.94 -4.22
C HIS A 184 -2.04 31.40 -2.80
N ALA A 185 -3.11 31.65 -2.05
CA ALA A 185 -3.05 32.05 -0.65
C ALA A 185 -3.82 31.02 0.17
N CYS A 186 -3.10 30.01 0.66
CA CYS A 186 -3.74 28.94 1.43
C CYS A 186 -4.00 29.42 2.86
N PRO A 187 -5.25 29.42 3.31
CA PRO A 187 -5.56 29.92 4.65
C PRO A 187 -5.51 28.81 5.71
N LEU A 188 -5.55 29.25 6.97
CA LEU A 188 -5.63 28.35 8.12
C LEU A 188 -6.53 29.01 9.15
N LYS A 189 -7.77 28.52 9.27
CA LYS A 189 -8.76 29.10 10.17
C LYS A 189 -8.94 28.18 11.37
N PHE A 190 -8.81 28.75 12.56
CA PHE A 190 -9.03 27.99 13.79
C PHE A 190 -9.79 28.86 14.80
N GLY A 191 -10.51 28.20 15.69
CA GLY A 191 -11.30 28.90 16.68
C GLY A 191 -11.92 27.92 17.64
N SER A 192 -12.67 28.48 18.60
CA SER A 192 -13.33 27.65 19.60
C SER A 192 -14.51 26.91 18.99
N TYR A 193 -14.60 25.61 19.27
CA TYR A 193 -15.71 24.82 18.74
C TYR A 193 -16.99 25.06 19.52
N ALA A 194 -16.91 25.21 20.84
CA ALA A 194 -18.08 25.29 21.70
C ALA A 194 -18.29 26.67 22.30
N TYR A 195 -17.28 27.23 22.94
CA TYR A 195 -17.46 28.51 23.63
C TYR A 195 -17.59 29.64 22.62
N PRO A 196 -18.69 30.41 22.65
CA PRO A 196 -18.84 31.53 21.71
C PRO A 196 -17.93 32.70 22.07
N LYS A 197 -17.98 33.77 21.26
CA LYS A 197 -17.12 34.92 21.52
C LYS A 197 -17.47 35.63 22.82
N SER A 198 -18.70 35.45 23.32
CA SER A 198 -19.06 36.06 24.61
C SER A 198 -18.42 35.33 25.79
N GLU A 199 -17.95 34.10 25.58
CA GLU A 199 -17.32 33.33 26.65
C GLU A 199 -15.82 33.14 26.48
N MET A 200 -15.31 33.17 25.25
CA MET A 200 -13.88 33.02 25.02
C MET A 200 -13.51 33.68 23.70
N ILE A 201 -12.40 34.41 23.72
CA ILE A 201 -11.89 35.10 22.54
C ILE A 201 -10.44 34.69 22.33
N TYR A 202 -9.99 34.84 21.09
CA TYR A 202 -8.63 34.49 20.69
C TYR A 202 -7.89 35.74 20.25
N THR A 203 -6.69 35.94 20.78
CA THR A 203 -5.84 37.06 20.43
C THR A 203 -4.44 36.55 20.13
N TRP A 204 -3.76 37.18 19.19
CA TRP A 204 -2.38 36.81 18.90
C TRP A 204 -1.50 37.19 20.08
N THR A 205 -0.62 36.26 20.48
CA THR A 205 0.23 36.50 21.64
C THR A 205 1.16 37.68 21.41
N LYS A 206 1.89 37.66 20.30
CA LYS A 206 2.71 38.78 19.89
C LYS A 206 1.90 39.67 18.96
N GLY A 207 2.57 40.59 18.27
CA GLY A 207 1.90 41.40 17.27
C GLY A 207 1.43 40.55 16.11
N PRO A 208 0.56 41.12 15.27
CA PRO A 208 0.06 40.36 14.11
C PRO A 208 1.13 39.97 13.10
N GLU A 209 2.39 40.34 13.32
CA GLU A 209 3.49 39.98 12.44
C GLU A 209 4.43 38.96 13.04
N LYS A 210 4.66 39.01 14.36
CA LYS A 210 5.58 38.10 15.02
C LYS A 210 4.91 36.86 15.59
N SER A 211 3.57 36.76 15.50
CA SER A 211 2.88 35.63 16.10
C SER A 211 3.14 34.34 15.34
N VAL A 212 3.20 34.41 14.02
CA VAL A 212 3.44 33.24 13.18
C VAL A 212 4.89 33.29 12.69
N GLU A 213 5.66 32.26 12.98
CA GLU A 213 7.06 32.19 12.63
C GLU A 213 7.27 31.08 11.60
N VAL A 214 7.72 31.45 10.42
CA VAL A 214 7.98 30.48 9.36
C VAL A 214 9.42 30.65 8.88
N PRO A 215 10.38 29.93 9.46
CA PRO A 215 11.76 30.03 9.00
C PRO A 215 11.91 29.50 7.58
N LYS A 216 12.91 30.02 6.88
CA LYS A 216 13.17 29.58 5.51
C LYS A 216 13.54 28.10 5.47
N GLU A 217 14.31 27.64 6.46
CA GLU A 217 14.67 26.23 6.51
C GLU A 217 13.45 25.34 6.68
N SER A 218 12.40 25.85 7.32
CA SER A 218 11.18 25.06 7.52
C SER A 218 10.43 24.80 6.23
N SER A 219 10.73 25.54 5.16
CA SER A 219 10.01 25.38 3.91
C SER A 219 10.35 24.05 3.27
N SER A 220 9.39 23.13 3.23
CA SER A 220 9.55 21.85 2.57
C SER A 220 8.89 21.82 1.19
N LEU A 221 8.50 22.98 0.67
CA LEU A 221 7.85 23.05 -0.63
C LEU A 221 8.81 22.62 -1.74
N VAL A 222 8.26 21.97 -2.75
CA VAL A 222 9.05 21.50 -3.89
C VAL A 222 8.86 22.39 -5.11
N GLN A 223 7.60 22.66 -5.48
CA GLN A 223 7.30 23.48 -6.64
C GLN A 223 6.74 24.85 -6.27
N TYR A 224 6.57 25.14 -4.98
CA TYR A 224 6.05 26.41 -4.53
C TYR A 224 7.11 27.19 -3.75
N ASP A 225 6.89 28.49 -3.64
CA ASP A 225 7.73 29.36 -2.84
C ASP A 225 6.83 30.20 -1.94
N LEU A 226 7.14 30.21 -0.64
CA LEU A 226 6.34 30.95 0.34
C LEU A 226 6.84 32.38 0.38
N ILE A 227 6.15 33.26 -0.35
CA ILE A 227 6.56 34.66 -0.43
C ILE A 227 6.42 35.33 0.93
N GLY A 228 5.28 35.12 1.59
CA GLY A 228 5.04 35.74 2.88
C GLY A 228 3.75 35.25 3.47
N GLN A 229 3.52 35.63 4.73
CA GLN A 229 2.34 35.21 5.47
C GLN A 229 1.69 36.43 6.12
N THR A 230 0.36 36.46 6.09
CA THR A 230 -0.42 37.51 6.72
C THR A 230 -1.49 36.87 7.59
N VAL A 231 -1.75 37.47 8.75
CA VAL A 231 -2.72 36.95 9.69
C VAL A 231 -3.85 37.96 9.85
N SER A 232 -5.01 37.46 10.28
CA SER A 232 -6.17 38.31 10.51
C SER A 232 -7.11 37.58 11.44
N SER A 233 -8.02 38.35 12.05
CA SER A 233 -9.04 37.82 12.94
C SER A 233 -10.41 38.21 12.41
N GLU A 234 -11.31 37.25 12.31
CA GLU A 234 -12.66 37.47 11.81
C GLU A 234 -13.66 36.83 12.76
N THR A 235 -14.93 37.16 12.56
CA THR A 235 -16.01 36.65 13.38
C THR A 235 -17.08 36.04 12.48
N ILE A 236 -17.51 34.82 12.83
CA ILE A 236 -18.53 34.12 12.07
C ILE A 236 -19.70 33.81 12.99
N LYS A 237 -20.87 33.61 12.38
CA LYS A 237 -22.10 33.35 13.11
C LYS A 237 -22.68 32.02 12.66
N SER A 238 -23.21 31.27 13.63
CA SER A 238 -23.84 29.98 13.37
C SER A 238 -25.00 29.81 14.34
N ILE A 239 -25.75 28.72 14.17
CA ILE A 239 -26.90 28.47 15.05
C ILE A 239 -26.44 28.22 16.48
N THR A 240 -25.30 27.55 16.65
CA THR A 240 -24.78 27.31 17.99
C THR A 240 -24.39 28.61 18.67
N GLY A 241 -23.80 29.54 17.92
CA GLY A 241 -23.42 30.82 18.48
C GLY A 241 -22.52 31.58 17.52
N GLU A 242 -21.91 32.64 18.06
CA GLU A 242 -20.99 33.48 17.31
C GLU A 242 -19.58 33.30 17.86
N TYR A 243 -18.64 32.99 16.97
CA TYR A 243 -17.30 32.59 17.37
C TYR A 243 -16.25 33.47 16.71
N ILE A 244 -15.14 33.65 17.41
CA ILE A 244 -13.98 34.37 16.88
C ILE A 244 -13.12 33.39 16.10
N VAL A 245 -12.75 33.76 14.87
CA VAL A 245 -11.95 32.92 14.00
C VAL A 245 -10.65 33.64 13.68
N MET A 246 -9.53 32.95 13.89
CA MET A 246 -8.21 33.48 13.56
C MET A 246 -7.73 32.82 12.27
N THR A 247 -7.34 33.65 11.31
CA THR A 247 -6.96 33.18 9.98
C THR A 247 -5.49 33.51 9.73
N VAL A 248 -4.77 32.54 9.19
CA VAL A 248 -3.38 32.72 8.75
C VAL A 248 -3.32 32.39 7.27
N TYR A 249 -2.87 33.35 6.46
CA TYR A 249 -2.78 33.19 5.03
C TYR A 249 -1.32 33.00 4.62
N PHE A 250 -1.05 31.94 3.87
CA PHE A 250 0.28 31.68 3.35
C PHE A 250 0.25 31.92 1.85
N HIS A 251 1.06 32.88 1.38
CA HIS A 251 1.09 33.26 -0.02
C HIS A 251 2.13 32.41 -0.74
N LEU A 252 1.68 31.54 -1.63
CA LEU A 252 2.54 30.60 -2.34
C LEU A 252 2.62 30.99 -3.80
N ARG A 253 3.83 31.08 -4.32
CA ARG A 253 4.08 31.37 -5.72
C ARG A 253 4.70 30.14 -6.37
N ARG A 254 4.03 29.61 -7.39
CA ARG A 254 4.51 28.39 -8.04
C ARG A 254 5.75 28.66 -8.86
N LYS A 255 6.65 27.68 -8.88
CA LYS A 255 7.85 27.72 -9.72
C LYS A 255 7.57 26.90 -10.97
N MET A 256 7.71 27.54 -12.13
CA MET A 256 7.38 26.91 -13.40
C MET A 256 8.57 26.22 -14.05
N GLY A 257 9.68 26.07 -13.33
CA GLY A 257 10.85 25.41 -13.91
C GLY A 257 10.57 23.98 -14.32
N TYR A 258 9.83 23.24 -13.49
CA TYR A 258 9.48 21.87 -13.84
C TYR A 258 8.56 21.82 -15.06
N PHE A 259 7.51 22.65 -15.06
CA PHE A 259 6.55 22.62 -16.17
C PHE A 259 7.16 23.17 -17.45
N MET A 260 8.15 24.06 -17.34
CA MET A 260 8.81 24.58 -18.53
C MET A 260 9.50 23.47 -19.30
N ILE A 261 10.19 22.57 -18.59
CA ILE A 261 10.94 21.51 -19.26
C ILE A 261 10.10 20.26 -19.48
N GLN A 262 9.11 20.01 -18.61
CA GLN A 262 8.31 18.81 -18.75
C GLN A 262 7.32 18.93 -19.91
N THR A 263 6.71 20.10 -20.07
CA THR A 263 5.64 20.29 -21.04
C THR A 263 5.99 21.30 -22.14
N TYR A 264 6.42 22.51 -21.75
CA TYR A 264 6.60 23.57 -22.74
C TYR A 264 7.69 23.24 -23.74
N ILE A 265 8.86 22.81 -23.24
CA ILE A 265 9.98 22.50 -24.13
C ILE A 265 9.63 21.38 -25.11
N PRO A 266 9.08 20.23 -24.68
CA PRO A 266 8.68 19.22 -25.66
C PRO A 266 7.64 19.72 -26.65
N CYS A 267 6.71 20.56 -26.21
CA CYS A 267 5.69 21.09 -27.12
C CYS A 267 6.32 22.03 -28.14
N ILE A 268 7.23 22.89 -27.71
CA ILE A 268 7.89 23.81 -28.64
C ILE A 268 8.72 23.04 -29.66
N MET A 269 9.48 22.04 -29.19
CA MET A 269 10.31 21.27 -30.09
C MET A 269 9.49 20.44 -31.07
N THR A 270 8.31 19.96 -30.63
CA THR A 270 7.44 19.22 -31.54
C THR A 270 6.95 20.10 -32.67
N VAL A 271 6.58 21.35 -32.36
CA VAL A 271 6.16 22.28 -33.41
C VAL A 271 7.32 22.56 -34.37
N ILE A 272 8.52 22.77 -33.83
CA ILE A 272 9.69 22.97 -34.68
C ILE A 272 9.95 21.74 -35.53
N LEU A 273 9.75 20.55 -34.96
CA LEU A 273 9.96 19.32 -35.72
C LEU A 273 9.02 19.22 -36.90
N SER A 274 7.75 19.61 -36.71
CA SER A 274 6.79 19.58 -37.80
C SER A 274 7.19 20.52 -38.93
N GLN A 275 7.72 21.70 -38.59
CA GLN A 275 8.12 22.66 -39.60
C GLN A 275 9.30 22.19 -40.43
N VAL A 276 10.04 21.17 -39.96
CA VAL A 276 11.14 20.63 -40.75
C VAL A 276 10.63 19.99 -42.02
N SER A 277 9.41 19.43 -41.99
CA SER A 277 8.85 18.78 -43.17
C SER A 277 8.67 19.74 -44.33
N PHE A 278 8.59 21.05 -44.07
CA PHE A 278 8.46 22.03 -45.15
C PHE A 278 9.68 22.01 -46.04
N TRP A 279 10.88 21.90 -45.45
CA TRP A 279 12.10 21.90 -46.23
C TRP A 279 12.29 20.61 -47.02
N ILE A 280 11.60 19.53 -46.63
CA ILE A 280 11.68 18.28 -47.37
C ILE A 280 10.99 18.44 -48.72
N ASN A 281 11.59 17.87 -49.76
CA ASN A 281 11.04 17.99 -51.10
C ASN A 281 9.67 17.33 -51.18
N LYS A 282 8.80 17.91 -52.01
CA LYS A 282 7.43 17.41 -52.14
C LYS A 282 7.36 16.02 -52.74
N GLU A 283 8.39 15.61 -53.48
CA GLU A 283 8.37 14.28 -54.10
C GLU A 283 8.41 13.18 -53.04
N SER A 284 9.00 13.44 -51.88
CA SER A 284 9.09 12.46 -50.80
C SER A 284 7.77 12.47 -50.02
N VAL A 285 6.72 12.00 -50.69
CA VAL A 285 5.39 11.95 -50.07
C VAL A 285 5.38 11.06 -48.83
N PRO A 286 5.89 9.81 -48.86
CA PRO A 286 5.89 9.02 -47.63
C PRO A 286 6.69 9.65 -46.49
N ALA A 287 7.79 10.32 -46.81
CA ALA A 287 8.62 10.91 -45.77
C ALA A 287 7.90 12.05 -45.06
N ARG A 288 7.30 12.97 -45.83
CA ARG A 288 6.61 14.09 -45.20
C ARG A 288 5.31 13.67 -44.54
N THR A 289 4.67 12.61 -45.05
CA THR A 289 3.46 12.12 -44.41
C THR A 289 3.73 11.62 -43.00
N VAL A 290 4.83 10.86 -42.82
CA VAL A 290 5.18 10.37 -41.50
C VAL A 290 5.51 11.52 -40.56
N PHE A 291 6.12 12.59 -41.09
CA PHE A 291 6.43 13.75 -40.27
C PHE A 291 5.18 14.31 -39.60
N GLY A 292 4.11 14.49 -40.39
CA GLY A 292 2.88 15.04 -39.83
C GLY A 292 2.21 14.10 -38.85
N ILE A 293 2.19 12.80 -39.17
CA ILE A 293 1.47 11.84 -38.34
C ILE A 293 2.08 11.75 -36.95
N THR A 294 3.40 11.57 -36.89
CA THR A 294 4.06 11.35 -35.60
C THR A 294 4.00 12.60 -34.72
N THR A 295 4.17 13.77 -35.33
CA THR A 295 4.08 15.01 -34.55
C THR A 295 2.69 15.20 -33.97
N VAL A 296 1.65 14.86 -34.73
CA VAL A 296 0.29 14.96 -34.22
C VAL A 296 0.08 13.98 -33.07
N LEU A 297 0.57 12.75 -33.21
CA LEU A 297 0.45 11.78 -32.14
C LEU A 297 1.21 12.23 -30.89
N THR A 298 2.39 12.82 -31.08
CA THR A 298 3.18 13.27 -29.94
C THR A 298 2.46 14.36 -29.17
N MET A 299 1.82 15.30 -29.87
CA MET A 299 1.08 16.36 -29.20
C MET A 299 -0.09 15.80 -28.41
N THR A 300 -0.73 14.75 -28.92
CA THR A 300 -1.82 14.11 -28.17
C THR A 300 -1.32 13.53 -26.86
N THR A 301 -0.16 12.88 -26.88
CA THR A 301 0.41 12.33 -25.65
C THR A 301 0.76 13.42 -24.66
N LEU A 302 1.36 14.51 -25.14
CA LEU A 302 1.74 15.61 -24.25
C LEU A 302 0.52 16.27 -23.63
N SER A 303 -0.56 16.41 -24.40
CA SER A 303 -1.77 17.04 -23.87
C SER A 303 -2.36 16.22 -22.73
N ILE A 304 -2.39 14.90 -22.89
CA ILE A 304 -2.93 14.04 -21.84
C ILE A 304 -2.02 14.07 -20.60
N SER A 305 -0.70 14.03 -20.81
CA SER A 305 0.22 14.01 -19.69
C SER A 305 0.18 15.30 -18.89
N ALA A 306 -0.08 16.44 -19.55
CA ALA A 306 -0.14 17.71 -18.85
C ALA A 306 -1.28 17.74 -17.84
N ARG A 307 -2.44 17.19 -18.21
CA ARG A 307 -3.60 17.15 -17.33
C ARG A 307 -3.61 15.93 -16.42
N HIS A 308 -2.59 15.08 -16.49
CA HIS A 308 -2.55 13.89 -15.66
C HIS A 308 -2.52 14.26 -14.17
N SER A 309 -1.47 14.95 -13.74
CA SER A 309 -1.37 15.36 -12.36
C SER A 309 -2.29 16.54 -12.04
N LEU A 310 -2.56 17.39 -13.03
CA LEU A 310 -3.41 18.54 -12.81
C LEU A 310 -4.85 18.09 -12.54
N PRO A 311 -5.51 18.66 -11.54
CA PRO A 311 -6.92 18.32 -11.29
C PRO A 311 -7.81 18.77 -12.43
N LYS A 312 -8.91 18.04 -12.62
CA LYS A 312 -9.84 18.31 -13.69
C LYS A 312 -10.73 19.49 -13.30
N VAL A 313 -10.66 20.57 -14.06
CA VAL A 313 -11.46 21.76 -13.83
C VAL A 313 -12.15 22.16 -15.12
N SER A 314 -13.26 22.89 -14.98
CA SER A 314 -14.03 23.29 -16.15
C SER A 314 -13.30 24.35 -16.97
N TYR A 315 -12.67 25.32 -16.30
CA TYR A 315 -12.00 26.40 -17.00
C TYR A 315 -10.68 25.91 -17.61
N ALA A 316 -10.16 26.70 -18.54
CA ALA A 316 -8.94 26.38 -19.25
C ALA A 316 -7.75 27.06 -18.59
N THR A 317 -6.72 26.28 -18.30
CA THR A 317 -5.50 26.83 -17.71
C THR A 317 -4.66 27.50 -18.79
N ALA A 318 -3.66 28.26 -18.34
CA ALA A 318 -2.76 28.93 -19.28
C ALA A 318 -1.98 27.92 -20.11
N MET A 319 -1.55 26.82 -19.49
CA MET A 319 -0.85 25.79 -20.24
C MET A 319 -1.75 25.10 -21.26
N ASP A 320 -3.05 25.03 -20.98
CA ASP A 320 -3.98 24.44 -21.94
C ASP A 320 -4.01 25.23 -23.24
N TRP A 321 -4.00 26.57 -23.13
CA TRP A 321 -3.98 27.40 -24.34
C TRP A 321 -2.71 27.17 -25.14
N PHE A 322 -1.56 27.05 -24.46
CA PHE A 322 -0.30 26.85 -25.16
C PHE A 322 -0.30 25.52 -25.91
N ILE A 323 -0.81 24.46 -25.30
CA ILE A 323 -0.86 23.16 -25.96
C ILE A 323 -1.83 23.20 -27.13
N ALA A 324 -2.99 23.83 -26.94
CA ALA A 324 -3.98 23.89 -28.01
C ALA A 324 -3.45 24.64 -29.23
N VAL A 325 -2.77 25.77 -29.00
CA VAL A 325 -2.18 26.51 -30.12
C VAL A 325 -1.07 25.69 -30.77
N CYS A 326 -0.22 25.05 -29.96
CA CYS A 326 0.84 24.22 -30.51
C CYS A 326 0.26 23.05 -31.30
N PHE A 327 -0.86 22.50 -30.84
CA PHE A 327 -1.52 21.43 -31.58
C PHE A 327 -2.01 21.94 -32.94
N ALA A 328 -2.53 23.17 -32.97
CA ALA A 328 -3.00 23.74 -34.23
C ALA A 328 -1.87 23.89 -35.24
N PHE A 329 -0.71 24.36 -34.79
CA PHE A 329 0.43 24.49 -35.69
C PHE A 329 0.87 23.14 -36.22
N VAL A 330 0.91 22.11 -35.36
CA VAL A 330 1.30 20.78 -35.80
C VAL A 330 0.30 20.23 -36.81
N PHE A 331 -0.99 20.39 -36.50
CA PHE A 331 -2.02 19.89 -37.41
C PHE A 331 -2.02 20.68 -38.72
N SER A 332 -1.82 22.00 -38.65
CA SER A 332 -1.78 22.80 -39.87
C SER A 332 -0.59 22.44 -40.75
N ALA A 333 0.51 21.97 -40.14
CA ALA A 333 1.66 21.55 -40.93
C ALA A 333 1.31 20.37 -41.83
N LEU A 334 0.57 19.39 -41.31
CA LEU A 334 0.14 18.27 -42.13
C LEU A 334 -0.85 18.72 -43.19
N ILE A 335 -1.75 19.65 -42.86
CA ILE A 335 -2.69 20.18 -43.84
C ILE A 335 -1.95 20.89 -44.95
N GLU A 336 -0.87 21.59 -44.61
CA GLU A 336 -0.08 22.28 -45.63
C GLU A 336 0.51 21.28 -46.63
N PHE A 337 1.05 20.16 -46.12
CA PHE A 337 1.59 19.14 -47.03
C PHE A 337 0.49 18.53 -47.88
N ALA A 338 -0.69 18.31 -47.29
CA ALA A 338 -1.81 17.78 -48.06
C ALA A 338 -2.19 18.74 -49.18
N ALA A 339 -2.21 20.04 -48.90
CA ALA A 339 -2.46 21.02 -49.95
C ALA A 339 -1.36 20.99 -51.00
N VAL A 340 -0.10 20.86 -50.58
CA VAL A 340 1.01 20.79 -51.52
C VAL A 340 0.86 19.57 -52.42
N ASN A 341 0.56 18.41 -51.82
CA ASN A 341 0.39 17.19 -52.61
C ASN A 341 -0.83 17.29 -53.51
N TYR A 342 -1.93 17.85 -53.01
CA TYR A 342 -3.14 17.98 -53.81
C TYR A 342 -2.91 18.89 -55.00
N PHE A 343 -2.23 20.02 -54.80
CA PHE A 343 -2.03 20.97 -55.88
C PHE A 343 -1.00 20.46 -56.89
N THR A 344 0.06 19.80 -56.42
CA THR A 344 1.09 19.33 -57.35
C THR A 344 0.58 18.21 -58.23
N ASN A 345 -0.43 17.45 -57.77
CA ASN A 345 -1.04 16.44 -58.63
C ASN A 345 -1.82 17.10 -59.76
N ILE A 346 -2.52 18.20 -59.47
CA ILE A 346 -3.21 18.94 -60.51
C ILE A 346 -2.20 19.51 -61.51
N GLN A 347 -1.10 20.07 -61.01
CA GLN A 347 -0.04 20.56 -61.89
C GLN A 347 0.58 19.42 -62.69
N MET A 348 0.78 18.26 -62.06
CA MET A 348 1.32 17.11 -62.77
C MET A 348 0.38 16.65 -63.87
N GLU A 349 -0.93 16.66 -63.60
CA GLU A 349 -1.93 16.27 -64.57
C GLU A 349 -2.39 17.45 -65.43
N LYS A 350 -1.59 18.50 -65.54
CA LYS A 350 -1.90 19.66 -66.37
C LYS A 350 -3.23 20.30 -65.96
N THR A 515 10.40 23.81 -54.54
CA THR A 515 9.98 24.27 -55.85
C THR A 515 8.48 24.52 -55.89
N SER A 516 7.88 24.70 -54.71
CA SER A 516 6.46 24.94 -54.58
C SER A 516 6.23 26.26 -53.84
N LYS A 517 5.27 27.04 -54.32
CA LYS A 517 4.98 28.32 -53.69
C LYS A 517 4.47 28.13 -52.26
N ILE A 518 3.62 27.12 -52.05
CA ILE A 518 3.10 26.86 -50.71
C ILE A 518 4.24 26.50 -49.76
N ASP A 519 5.17 25.67 -50.21
CA ASP A 519 6.31 25.32 -49.37
C ASP A 519 7.16 26.53 -49.05
N LYS A 520 7.39 27.40 -50.04
CA LYS A 520 8.18 28.61 -49.78
C LYS A 520 7.50 29.51 -48.77
N TYR A 521 6.18 29.68 -48.88
CA TYR A 521 5.45 30.47 -47.89
C TYR A 521 5.49 29.81 -46.52
N ALA A 522 5.31 28.49 -46.48
CA ALA A 522 5.26 27.79 -45.19
C ALA A 522 6.60 27.82 -44.47
N ARG A 523 7.71 27.80 -45.20
CA ARG A 523 9.02 27.82 -44.58
C ARG A 523 9.29 29.11 -43.82
N ILE A 524 8.58 30.18 -44.15
CA ILE A 524 8.79 31.49 -43.54
C ILE A 524 7.61 31.87 -42.65
N LEU A 525 6.38 31.72 -43.14
CA LEU A 525 5.22 32.16 -42.39
C LEU A 525 5.05 31.37 -41.09
N PHE A 526 5.22 30.04 -41.15
CA PHE A 526 5.00 29.22 -39.96
C PHE A 526 5.97 29.57 -38.82
N PRO A 527 7.29 29.66 -39.03
CA PRO A 527 8.16 30.05 -37.90
C PRO A 527 7.85 31.42 -37.34
N VAL A 528 7.47 32.38 -38.20
CA VAL A 528 7.19 33.73 -37.73
C VAL A 528 5.91 33.76 -36.90
N THR A 529 4.85 33.11 -37.39
CA THR A 529 3.58 33.11 -36.67
C THR A 529 3.71 32.41 -35.32
N PHE A 530 4.40 31.26 -35.30
CA PHE A 530 4.62 30.57 -34.03
C PHE A 530 5.51 31.39 -33.10
N GLY A 531 6.55 32.02 -33.66
CA GLY A 531 7.38 32.90 -32.85
C GLY A 531 6.61 34.10 -32.33
N ALA A 532 5.73 34.66 -33.16
CA ALA A 532 4.89 35.77 -32.71
C ALA A 532 3.96 35.34 -31.59
N PHE A 533 3.41 34.13 -31.69
CA PHE A 533 2.53 33.63 -30.64
C PHE A 533 3.26 33.50 -29.31
N ASN A 534 4.50 33.00 -29.34
CA ASN A 534 5.26 32.84 -28.11
C ASN A 534 5.49 34.19 -27.43
N MET A 535 5.83 35.22 -28.19
CA MET A 535 6.03 36.54 -27.60
C MET A 535 4.73 37.06 -26.98
N VAL A 536 3.60 36.86 -27.66
CA VAL A 536 2.33 37.29 -27.09
C VAL A 536 1.97 36.45 -25.87
N TYR A 537 2.15 35.14 -25.96
CA TYR A 537 1.72 34.25 -24.88
C TYR A 537 2.50 34.51 -23.60
N TRP A 538 3.82 34.62 -23.70
CA TRP A 538 4.65 34.75 -22.50
C TRP A 538 4.48 36.13 -21.86
N VAL A 539 4.40 37.18 -22.68
CA VAL A 539 4.29 38.53 -22.13
C VAL A 539 2.99 38.71 -21.36
N VAL A 540 1.90 38.17 -21.90
CA VAL A 540 0.58 38.36 -21.27
C VAL A 540 0.56 37.72 -19.88
N TYR A 541 1.08 36.50 -19.76
CA TYR A 541 0.95 35.78 -18.50
C TYR A 541 2.05 36.15 -17.50
N LEU A 542 3.28 36.35 -17.98
CA LEU A 542 4.36 36.72 -17.07
C LEU A 542 4.18 38.12 -16.50
N SER A 543 3.40 38.98 -17.16
CA SER A 543 3.15 40.31 -16.63
C SER A 543 2.24 40.27 -15.41
N LYS A 544 1.30 39.32 -15.37
CA LYS A 544 0.38 39.19 -14.26
C LYS A 544 1.10 38.82 -12.96
N GLY B 32 13.68 -14.04 44.83
CA GLY B 32 13.07 -15.35 44.92
C GLY B 32 11.71 -15.33 45.63
N ASN B 33 11.68 -14.67 46.78
CA ASN B 33 10.41 -14.43 47.48
C ASN B 33 9.62 -13.37 46.72
N MET B 34 8.53 -13.80 46.05
CA MET B 34 7.79 -12.89 45.20
C MET B 34 6.94 -11.91 46.01
N SER B 35 6.48 -12.33 47.19
CA SER B 35 5.77 -11.41 48.07
C SER B 35 6.70 -10.31 48.57
N PHE B 36 7.97 -10.65 48.84
CA PHE B 36 8.94 -9.65 49.26
C PHE B 36 9.22 -8.66 48.13
N VAL B 37 9.43 -9.17 46.91
CA VAL B 37 9.66 -8.28 45.77
C VAL B 37 8.42 -7.44 45.51
N LYS B 38 7.23 -8.04 45.60
CA LYS B 38 6.00 -7.29 45.40
C LYS B 38 5.86 -6.17 46.41
N GLU B 39 6.20 -6.45 47.68
CA GLU B 39 6.15 -5.44 48.72
C GLU B 39 7.10 -4.30 48.40
N THR B 40 8.35 -4.63 48.06
CA THR B 40 9.35 -3.61 47.73
C THR B 40 8.85 -2.71 46.60
N VAL B 41 8.34 -3.31 45.52
CA VAL B 41 7.92 -2.53 44.36
C VAL B 41 6.68 -1.70 44.69
N ASP B 42 5.74 -2.28 45.43
CA ASP B 42 4.57 -1.52 45.86
C ASP B 42 5.00 -0.30 46.66
N LYS B 43 6.00 -0.46 47.53
CA LYS B 43 6.47 0.66 48.34
C LYS B 43 7.08 1.74 47.44
N LEU B 44 7.83 1.33 46.42
CA LEU B 44 8.43 2.28 45.49
C LEU B 44 7.36 3.16 44.85
N LEU B 45 6.22 2.59 44.49
CA LEU B 45 5.20 3.29 43.72
C LEU B 45 4.15 3.94 44.61
N LYS B 46 4.24 3.73 45.92
CA LYS B 46 3.30 4.33 46.86
C LYS B 46 3.59 5.83 46.98
N GLY B 47 2.61 6.65 46.62
CA GLY B 47 2.79 8.09 46.65
C GLY B 47 3.71 8.63 45.58
N TYR B 48 4.04 7.82 44.58
CA TYR B 48 4.86 8.27 43.47
C TYR B 48 4.04 9.22 42.59
N ASP B 49 4.57 10.41 42.34
CA ASP B 49 3.90 11.40 41.51
C ASP B 49 4.53 11.41 40.13
N ILE B 50 3.82 10.83 39.15
CA ILE B 50 4.28 10.82 37.76
C ILE B 50 4.41 12.21 37.19
N ARG B 51 3.75 13.21 37.79
CA ARG B 51 3.76 14.55 37.23
C ARG B 51 5.10 15.24 37.38
N LEU B 52 5.90 14.83 38.36
CA LEU B 52 7.13 15.53 38.73
C LEU B 52 8.32 14.73 38.21
N ARG B 53 9.20 15.40 37.48
CA ARG B 53 10.45 14.78 37.07
C ARG B 53 11.31 14.45 38.28
N PRO B 54 12.22 13.48 38.15
CA PRO B 54 13.22 13.26 39.19
C PRO B 54 14.00 14.54 39.48
N ASP B 55 14.21 14.80 40.77
CA ASP B 55 14.94 15.98 41.23
C ASP B 55 14.26 17.28 40.80
N PHE B 56 12.93 17.24 40.67
CA PHE B 56 12.14 18.42 40.39
C PHE B 56 12.60 19.60 41.25
N GLY B 57 12.82 20.74 40.60
CA GLY B 57 13.28 21.93 41.29
C GLY B 57 14.77 21.96 41.56
N GLY B 58 15.49 20.90 41.21
CA GLY B 58 16.91 20.81 41.44
C GLY B 58 17.67 20.81 40.14
N PRO B 59 18.89 20.29 40.15
CA PRO B 59 19.68 20.21 38.91
C PRO B 59 18.99 19.35 37.88
N PRO B 60 19.28 19.56 36.59
CA PRO B 60 18.60 18.76 35.56
C PRO B 60 18.91 17.28 35.70
N VAL B 61 17.94 16.45 35.30
CA VAL B 61 18.15 15.02 35.19
C VAL B 61 18.91 14.72 33.90
N CYS B 62 20.00 13.96 34.01
CA CYS B 62 20.79 13.57 32.85
C CYS B 62 20.20 12.30 32.27
N VAL B 63 19.82 12.35 30.99
CA VAL B 63 19.22 11.21 30.30
C VAL B 63 20.18 10.74 29.22
N GLY B 64 20.65 9.50 29.36
CA GLY B 64 21.52 8.90 28.36
C GLY B 64 20.69 8.14 27.33
N MET B 65 21.11 8.26 26.07
CA MET B 65 20.37 7.68 24.96
C MET B 65 21.28 6.85 24.09
N ASN B 66 20.82 5.64 23.76
N ASN B 66 20.82 5.64 23.74
CA ASN B 66 21.48 4.75 22.83
CA ASN B 66 21.53 4.79 22.80
C ASN B 66 20.48 4.28 21.79
C ASN B 66 20.53 4.19 21.82
N ILE B 67 20.94 4.07 20.56
CA ILE B 67 20.10 3.58 19.49
C ILE B 67 20.73 2.30 18.92
N ASP B 68 19.91 1.29 18.71
CA ASP B 68 20.30 0.11 17.93
C ASP B 68 19.43 0.08 16.67
N ILE B 69 20.06 0.34 15.54
CA ILE B 69 19.33 0.42 14.27
CA ILE B 69 19.33 0.41 14.28
C ILE B 69 18.97 -0.99 13.81
N ALA B 70 17.70 -1.18 13.46
CA ALA B 70 17.22 -2.44 12.91
C ALA B 70 17.22 -2.45 11.39
N SER B 71 16.76 -1.38 10.77
CA SER B 71 16.59 -1.32 9.32
C SER B 71 16.38 0.13 8.91
N ILE B 72 16.74 0.44 7.67
CA ILE B 72 16.15 1.57 6.94
C ILE B 72 15.36 0.99 5.77
N ASP B 73 14.03 1.02 5.90
CA ASP B 73 13.18 0.27 4.99
C ASP B 73 13.13 0.91 3.61
N MET B 74 13.06 2.24 3.56
CA MET B 74 12.72 2.97 2.34
C MET B 74 13.39 4.33 2.39
N VAL B 75 13.78 4.81 1.22
CA VAL B 75 14.19 6.20 1.02
C VAL B 75 13.42 6.72 -0.19
N SER B 76 12.67 7.79 0.01
CA SER B 76 11.78 8.34 -1.01
C SER B 76 12.29 9.71 -1.43
N GLU B 77 12.68 9.83 -2.71
CA GLU B 77 12.97 11.14 -3.27
C GLU B 77 11.71 11.96 -3.46
N VAL B 78 10.61 11.33 -3.90
CA VAL B 78 9.37 12.05 -4.19
CA VAL B 78 9.39 12.07 -4.18
C VAL B 78 8.83 12.70 -2.91
N ASN B 79 8.82 11.95 -1.82
CA ASN B 79 8.33 12.47 -0.55
C ASN B 79 9.42 13.11 0.29
N MET B 80 10.68 13.04 -0.16
CA MET B 80 11.84 13.55 0.58
C MET B 80 11.79 13.09 2.04
N ASP B 81 11.82 11.78 2.23
CA ASP B 81 11.81 11.20 3.56
C ASP B 81 12.39 9.79 3.50
N TYR B 82 12.61 9.22 4.67
CA TYR B 82 13.11 7.87 4.82
C TYR B 82 12.43 7.23 6.02
N THR B 83 12.43 5.90 6.04
CA THR B 83 11.76 5.14 7.09
C THR B 83 12.79 4.32 7.85
N LEU B 84 12.87 4.54 9.15
CA LEU B 84 13.86 3.93 10.02
C LEU B 84 13.16 3.08 11.07
N THR B 85 13.72 1.91 11.35
CA THR B 85 13.31 1.10 12.50
C THR B 85 14.51 0.96 13.43
N MET B 86 14.29 1.19 14.72
CA MET B 86 15.37 1.21 15.69
C MET B 86 14.86 0.75 17.04
N TYR B 87 15.80 0.32 17.88
CA TYR B 87 15.56 0.14 19.31
C TYR B 87 16.07 1.36 20.05
N PHE B 88 15.16 2.14 20.63
CA PHE B 88 15.48 3.41 21.25
C PHE B 88 15.46 3.22 22.76
N GLN B 89 16.59 3.50 23.41
CA GLN B 89 16.75 3.28 24.84
C GLN B 89 17.08 4.58 25.54
N GLN B 90 16.51 4.77 26.74
CA GLN B 90 16.76 5.94 27.55
C GLN B 90 17.25 5.51 28.92
N TYR B 91 18.32 6.16 29.39
N TYR B 91 18.25 6.23 29.44
CA TYR B 91 18.93 5.85 30.68
CA TYR B 91 18.95 5.87 30.66
C TYR B 91 18.89 7.09 31.56
C TYR B 91 18.98 7.06 31.60
N TRP B 92 18.35 6.94 32.76
CA TRP B 92 18.36 8.03 33.73
C TRP B 92 18.25 7.44 35.13
N ARG B 93 18.51 8.29 36.12
CA ARG B 93 18.40 7.93 37.53
C ARG B 93 17.17 8.62 38.13
N ASP B 94 16.30 7.83 38.76
CA ASP B 94 15.19 8.35 39.55
C ASP B 94 15.35 7.83 40.98
N LYS B 95 15.83 8.70 41.87
CA LYS B 95 16.09 8.31 43.24
C LYS B 95 14.83 7.87 43.98
N ARG B 96 13.65 8.21 43.47
CA ARG B 96 12.41 7.72 44.06
C ARG B 96 12.24 6.22 43.91
N LEU B 97 12.94 5.61 42.97
CA LEU B 97 12.79 4.19 42.66
C LEU B 97 13.92 3.34 43.21
N ALA B 98 14.82 3.93 43.98
CA ALA B 98 15.92 3.18 44.58
C ALA B 98 15.38 2.16 45.58
N TYR B 99 15.95 0.97 45.56
CA TYR B 99 15.53 -0.10 46.46
C TYR B 99 16.77 -0.80 47.02
N SER B 100 16.62 -1.33 48.23
CA SER B 100 17.69 -2.01 48.94
C SER B 100 17.30 -3.44 49.25
N GLY B 101 18.32 -4.26 49.54
CA GLY B 101 18.11 -5.61 49.99
C GLY B 101 17.76 -6.59 48.89
N ILE B 102 17.90 -6.20 47.63
CA ILE B 102 17.71 -7.07 46.48
C ILE B 102 18.90 -6.84 45.54
N PRO B 103 19.87 -7.75 45.49
CA PRO B 103 21.02 -7.59 44.59
C PRO B 103 20.76 -8.09 43.17
N LEU B 104 19.66 -7.62 42.58
CA LEU B 104 19.30 -7.94 41.21
C LEU B 104 18.87 -6.66 40.51
N ASN B 105 18.97 -6.66 39.18
CA ASN B 105 18.22 -5.71 38.38
C ASN B 105 16.85 -6.29 38.05
N LEU B 106 15.81 -5.52 38.35
CA LEU B 106 14.43 -5.96 38.18
C LEU B 106 13.97 -5.61 36.77
N THR B 107 13.74 -6.62 35.95
CA THR B 107 13.01 -6.45 34.70
C THR B 107 11.51 -6.57 34.99
N LEU B 108 10.77 -5.50 34.70
CA LEU B 108 9.36 -5.43 35.01
C LEU B 108 8.54 -5.49 33.73
N ASP B 109 7.30 -5.96 33.87
CA ASP B 109 6.35 -5.95 32.75
C ASP B 109 6.22 -4.54 32.20
N ASN B 110 6.11 -4.43 30.88
CA ASN B 110 6.13 -3.13 30.22
C ASN B 110 4.98 -2.23 30.65
N ARG B 111 3.90 -2.80 31.21
CA ARG B 111 2.78 -1.99 31.65
C ARG B 111 3.11 -1.11 32.83
N VAL B 112 4.20 -1.39 33.56
CA VAL B 112 4.61 -0.54 34.66
C VAL B 112 5.01 0.85 34.18
N ALA B 113 5.41 0.97 32.90
CA ALA B 113 5.82 2.25 32.35
C ALA B 113 4.74 3.31 32.51
N ASP B 114 3.47 2.90 32.54
CA ASP B 114 2.37 3.85 32.68
C ASP B 114 2.28 4.43 34.09
N GLN B 115 2.98 3.85 35.06
CA GLN B 115 2.96 4.35 36.43
C GLN B 115 4.23 5.12 36.78
N LEU B 116 5.15 5.29 35.83
CA LEU B 116 6.43 5.93 36.07
C LEU B 116 6.50 7.24 35.28
N TRP B 117 7.31 8.17 35.77
CA TRP B 117 7.76 9.27 34.93
C TRP B 117 8.70 8.74 33.86
N VAL B 118 8.50 9.21 32.63
CA VAL B 118 9.49 8.99 31.57
C VAL B 118 9.74 10.33 30.86
N PRO B 119 10.91 10.47 30.23
CA PRO B 119 11.19 11.71 29.50
C PRO B 119 10.19 11.94 28.38
N ASP B 120 10.02 13.20 28.02
CA ASP B 120 9.10 13.59 26.94
C ASP B 120 9.85 13.74 25.62
N THR B 121 10.58 12.69 25.26
CA THR B 121 11.42 12.72 24.08
C THR B 121 10.57 12.61 22.82
N TYR B 122 10.92 13.40 21.80
CA TYR B 122 10.25 13.31 20.51
C TYR B 122 11.29 13.51 19.41
N PHE B 123 10.87 13.20 18.18
CA PHE B 123 11.72 13.32 16.99
C PHE B 123 11.23 14.51 16.18
N LEU B 124 12.02 15.60 16.19
CA LEU B 124 11.54 16.87 15.67
C LEU B 124 11.28 16.82 14.17
N ASN B 125 12.01 15.99 13.43
CA ASN B 125 11.85 15.91 11.99
C ASN B 125 11.10 14.65 11.55
N ASP B 126 10.36 14.02 12.45
CA ASP B 126 9.58 12.85 12.07
C ASP B 126 8.24 13.25 11.44
N LYS B 127 7.79 12.43 10.49
CA LYS B 127 6.51 12.64 9.83
C LYS B 127 5.42 11.73 10.38
N LYS B 128 5.75 10.48 10.71
CA LYS B 128 4.80 9.52 11.23
C LYS B 128 5.58 8.41 11.91
N SER B 129 5.23 8.12 13.16
CA SER B 129 5.93 7.13 13.96
C SER B 129 4.95 6.36 14.82
N PHE B 130 5.34 5.15 15.19
CA PHE B 130 4.54 4.33 16.09
C PHE B 130 5.45 3.38 16.85
N VAL B 131 5.00 2.99 18.04
CA VAL B 131 5.59 1.89 18.79
C VAL B 131 4.90 0.59 18.39
N HIS B 132 5.69 -0.41 18.02
CA HIS B 132 5.14 -1.71 17.65
C HIS B 132 4.35 -2.30 18.80
N GLY B 133 3.25 -2.98 18.47
CA GLY B 133 2.29 -3.38 19.48
C GLY B 133 1.98 -4.87 19.59
N VAL B 134 2.67 -5.70 18.81
CA VAL B 134 2.42 -7.14 18.81
C VAL B 134 3.68 -7.85 19.31
N THR B 135 3.51 -8.84 20.19
CA THR B 135 2.20 -9.24 20.71
C THR B 135 1.79 -8.32 21.86
N VAL B 136 2.77 -7.55 22.32
CA VAL B 136 2.57 -6.53 23.34
C VAL B 136 3.29 -5.28 22.86
N LYS B 137 3.11 -4.18 23.59
CA LYS B 137 3.83 -2.96 23.26
CA LYS B 137 3.83 -2.96 23.26
C LYS B 137 5.32 -3.21 23.39
N ASN B 138 6.06 -2.96 22.31
CA ASN B 138 7.49 -3.27 22.28
C ASN B 138 8.20 -2.25 23.17
N ARG B 139 8.15 -2.52 24.48
CA ARG B 139 8.61 -1.59 25.49
C ARG B 139 9.25 -2.39 26.62
N MET B 140 10.33 -1.83 27.19
CA MET B 140 11.02 -2.48 28.30
C MET B 140 11.20 -1.49 29.45
N ILE B 141 11.12 -2.00 30.67
CA ILE B 141 11.51 -1.25 31.87
C ILE B 141 12.40 -2.15 32.70
N ARG B 142 13.62 -1.68 32.97
CA ARG B 142 14.55 -2.37 33.88
C ARG B 142 14.98 -1.39 34.96
N LEU B 143 14.71 -1.73 36.21
CA LEU B 143 15.13 -0.96 37.36
C LEU B 143 16.43 -1.50 37.94
N HIS B 144 17.22 -0.61 38.54
CA HIS B 144 18.48 -0.95 39.17
C HIS B 144 18.46 -0.49 40.62
N PRO B 145 19.19 -1.18 41.52
CA PRO B 145 19.12 -0.85 42.94
C PRO B 145 19.36 0.61 43.28
N ASP B 146 20.20 1.30 42.50
CA ASP B 146 20.49 2.70 42.77
C ASP B 146 19.43 3.65 42.21
N GLY B 147 18.37 3.12 41.61
CA GLY B 147 17.32 3.94 41.05
C GLY B 147 17.50 4.32 39.60
N THR B 148 18.49 3.72 38.93
CA THR B 148 18.61 3.90 37.48
C THR B 148 17.47 3.18 36.77
N VAL B 149 16.82 3.89 35.86
CA VAL B 149 15.73 3.32 35.05
C VAL B 149 16.22 3.17 33.62
N LEU B 150 16.04 1.98 33.06
CA LEU B 150 16.33 1.70 31.66
C LEU B 150 15.01 1.52 30.94
N TYR B 151 14.73 2.39 29.98
CA TYR B 151 13.46 2.40 29.26
C TYR B 151 13.74 2.24 27.78
N GLY B 152 13.25 1.15 27.20
CA GLY B 152 13.52 0.82 25.81
C GLY B 152 12.24 0.77 25.00
N LEU B 153 12.32 1.26 23.77
CA LEU B 153 11.19 1.22 22.84
C LEU B 153 11.68 0.76 21.48
N ARG B 154 10.84 0.01 20.76
CA ARG B 154 11.09 -0.32 19.37
C ARG B 154 10.18 0.56 18.51
N ILE B 155 10.79 1.44 17.72
CA ILE B 155 10.07 2.50 17.02
C ILE B 155 10.34 2.37 15.53
N THR B 156 9.31 2.54 14.72
CA THR B 156 9.47 2.82 13.30
C THR B 156 9.06 4.26 13.04
N THR B 157 9.95 5.02 12.40
CA THR B 157 9.73 6.43 12.13
C THR B 157 9.94 6.70 10.65
N THR B 158 9.01 7.43 10.04
CA THR B 158 9.27 8.12 8.77
C THR B 158 9.68 9.54 9.08
N ALA B 159 10.88 9.92 8.67
CA ALA B 159 11.47 11.20 9.02
C ALA B 159 11.84 11.98 7.76
N ALA B 160 11.64 13.29 7.82
CA ALA B 160 11.94 14.14 6.67
C ALA B 160 13.43 14.15 6.37
N CYS B 161 13.77 14.28 5.10
CA CYS B 161 15.16 14.46 4.68
C CYS B 161 15.15 15.26 3.37
N MET B 162 15.41 16.56 3.48
CA MET B 162 15.52 17.41 2.31
C MET B 162 16.75 17.02 1.50
N MET B 163 16.56 16.71 0.23
CA MET B 163 17.62 16.22 -0.63
C MET B 163 17.99 17.26 -1.68
N ASP B 164 19.28 17.37 -1.96
CA ASP B 164 19.81 18.21 -3.03
C ASP B 164 19.99 17.33 -4.26
N LEU B 165 19.08 17.47 -5.23
CA LEU B 165 19.04 16.59 -6.39
C LEU B 165 19.71 17.21 -7.61
N ARG B 166 20.57 18.21 -7.40
CA ARG B 166 21.23 18.86 -8.52
C ARG B 166 22.18 17.91 -9.25
N ARG B 167 22.77 16.98 -8.53
CA ARG B 167 23.71 16.01 -9.10
C ARG B 167 23.07 14.65 -9.29
N TYR B 168 21.76 14.55 -9.10
CA TYR B 168 21.06 13.27 -9.21
C TYR B 168 21.21 12.71 -10.63
N PRO B 169 21.49 11.40 -10.78
CA PRO B 169 21.65 10.43 -9.70
C PRO B 169 23.08 10.16 -9.25
N LEU B 170 23.97 11.15 -9.38
CA LEU B 170 25.33 11.05 -8.88
C LEU B 170 25.50 11.84 -7.59
N ASP B 171 24.49 11.81 -6.73
CA ASP B 171 24.37 12.70 -5.59
C ASP B 171 24.73 11.99 -4.29
N GLU B 172 25.10 12.80 -3.30
CA GLU B 172 25.33 12.34 -1.94
C GLU B 172 24.38 13.12 -1.03
N GLN B 173 23.64 12.41 -0.19
CA GLN B 173 22.66 13.04 0.67
C GLN B 173 23.05 12.93 2.14
N ASN B 174 22.58 13.89 2.93
CA ASN B 174 22.72 13.91 4.37
C ASN B 174 21.32 13.84 4.97
N CYS B 175 20.99 12.73 5.60
CA CYS B 175 19.71 12.55 6.28
C CYS B 175 19.95 12.45 7.77
N THR B 176 19.23 13.26 8.55
CA THR B 176 19.41 13.34 9.99
C THR B 176 18.17 12.82 10.71
N LEU B 177 18.37 12.48 11.98
CA LEU B 177 17.29 12.30 12.95
C LEU B 177 17.53 13.21 14.13
N GLU B 178 16.61 14.14 14.37
CA GLU B 178 16.78 15.15 15.41
C GLU B 178 15.96 14.75 16.64
N ILE B 179 16.64 14.56 17.77
CA ILE B 179 16.03 14.06 18.99
C ILE B 179 16.04 15.18 20.02
N GLU B 180 14.88 15.47 20.60
CA GLU B 180 14.78 16.63 21.48
C GLU B 180 13.79 16.35 22.60
N SER B 181 13.93 17.11 23.68
CA SER B 181 12.92 17.15 24.73
C SER B 181 11.80 18.10 24.34
N TYR B 182 10.55 17.64 24.46
CA TYR B 182 9.44 18.47 24.01
C TYR B 182 9.23 19.67 24.93
N GLY B 183 9.06 19.41 26.23
CA GLY B 183 8.59 20.45 27.13
C GLY B 183 9.57 20.87 28.19
N TYR B 184 10.52 19.99 28.52
CA TYR B 184 11.51 20.29 29.54
C TYR B 184 12.70 21.00 28.89
N THR B 185 13.07 22.15 29.46
CA THR B 185 14.25 22.88 29.03
C THR B 185 15.51 22.26 29.62
N THR B 186 16.66 22.83 29.24
CA THR B 186 17.94 22.38 29.78
C THR B 186 18.11 22.73 31.24
N ASP B 187 17.24 23.56 31.81
CA ASP B 187 17.17 23.69 33.26
C ASP B 187 16.69 22.43 33.93
N ASP B 188 15.90 21.61 33.22
CA ASP B 188 15.24 20.47 33.81
C ASP B 188 15.76 19.13 33.32
N ILE B 189 16.15 19.03 32.06
CA ILE B 189 16.61 17.77 31.50
C ILE B 189 17.83 18.02 30.61
N GLU B 190 18.71 17.05 30.56
CA GLU B 190 19.89 17.09 29.70
C GLU B 190 20.05 15.75 28.99
N PHE B 191 20.46 15.79 27.73
CA PHE B 191 20.70 14.59 26.96
C PHE B 191 22.19 14.41 26.72
N TYR B 192 22.60 13.14 26.64
CA TYR B 192 23.94 12.80 26.16
C TYR B 192 23.89 11.47 25.43
N TRP B 193 24.83 11.28 24.53
CA TRP B 193 25.04 9.98 23.87
C TRP B 193 25.77 9.05 24.83
N ARG B 194 25.07 8.03 25.31
CA ARG B 194 25.63 7.12 26.31
C ARG B 194 26.61 6.18 25.62
N GLY B 195 27.89 6.32 25.95
CA GLY B 195 28.94 5.64 25.25
C GLY B 195 29.65 6.45 24.18
N GLY B 196 29.32 7.73 24.07
CA GLY B 196 29.92 8.59 23.06
C GLY B 196 29.68 8.06 21.65
N ASP B 197 30.77 7.74 20.95
CA ASP B 197 30.70 7.35 19.55
C ASP B 197 30.20 5.93 19.35
N LYS B 198 30.02 5.16 20.42
CA LYS B 198 29.46 3.82 20.36
C LYS B 198 27.99 3.79 20.76
N ALA B 199 27.37 4.96 20.96
CA ALA B 199 25.98 5.00 21.41
C ALA B 199 25.02 4.47 20.36
N VAL B 200 25.41 4.46 19.08
CA VAL B 200 24.54 4.00 18.00
C VAL B 200 25.18 2.77 17.39
N THR B 201 24.43 1.66 17.41
CA THR B 201 24.87 0.40 16.86
C THR B 201 23.98 0.02 15.67
N GLY B 202 24.46 -0.95 14.90
CA GLY B 202 23.65 -1.53 13.85
C GLY B 202 23.71 -0.81 12.52
N VAL B 203 24.65 0.10 12.32
CA VAL B 203 24.77 0.80 11.04
C VAL B 203 25.14 -0.20 9.95
N GLU B 204 25.84 -1.27 10.31
CA GLU B 204 26.20 -2.30 9.34
C GLU B 204 24.99 -3.07 8.85
N ARG B 205 23.88 -3.03 9.58
CA ARG B 205 22.69 -3.77 9.20
C ARG B 205 21.95 -3.10 8.04
N ILE B 206 22.14 -1.80 7.87
CA ILE B 206 21.40 -1.06 6.84
C ILE B 206 21.75 -1.62 5.47
N GLU B 207 20.73 -2.05 4.73
CA GLU B 207 20.90 -2.69 3.43
C GLU B 207 19.93 -2.01 2.46
N LEU B 208 20.33 -0.84 1.96
CA LEU B 208 19.59 -0.14 0.93
C LEU B 208 20.17 -0.49 -0.43
N PRO B 209 19.40 -1.07 -1.35
CA PRO B 209 19.96 -1.39 -2.68
C PRO B 209 20.55 -0.19 -3.38
N GLN B 210 19.92 0.97 -3.26
CA GLN B 210 20.27 2.15 -4.05
C GLN B 210 21.32 3.02 -3.36
N PHE B 211 21.64 2.77 -2.11
CA PHE B 211 22.54 3.62 -1.35
C PHE B 211 23.53 2.77 -0.56
N SER B 212 24.71 3.34 -0.35
CA SER B 212 25.66 2.88 0.67
C SER B 212 25.74 3.93 1.77
N ILE B 213 25.81 3.48 3.01
CA ILE B 213 26.06 4.38 4.14
C ILE B 213 27.55 4.64 4.21
N VAL B 214 27.95 5.88 3.90
CA VAL B 214 29.37 6.24 3.93
C VAL B 214 29.84 6.44 5.37
N GLU B 215 29.03 7.14 6.17
CA GLU B 215 29.46 7.61 7.48
C GLU B 215 28.21 7.90 8.31
N HIS B 216 28.35 7.81 9.62
CA HIS B 216 27.38 8.37 10.55
C HIS B 216 28.11 9.21 11.60
N ARG B 217 27.40 10.22 12.10
CA ARG B 217 27.96 11.12 13.11
C ARG B 217 26.94 11.35 14.21
N LEU B 218 27.45 11.59 15.41
CA LEU B 218 26.63 11.90 16.58
C LEU B 218 26.95 13.31 17.04
N VAL B 219 25.93 14.13 17.22
CA VAL B 219 26.11 15.50 17.65
C VAL B 219 25.24 15.75 18.88
N SER B 220 25.69 16.68 19.72
CA SER B 220 24.95 17.12 20.89
C SER B 220 25.01 18.64 20.93
N ARG B 221 23.87 19.29 21.13
CA ARG B 221 23.85 20.73 21.28
C ARG B 221 22.57 21.15 21.98
N ASN B 222 22.50 22.45 22.30
CA ASN B 222 21.30 23.07 22.83
C ASN B 222 20.66 23.94 21.76
N VAL B 223 19.33 23.87 21.68
CA VAL B 223 18.56 24.62 20.69
C VAL B 223 17.64 25.58 21.44
N VAL B 224 17.64 26.84 21.05
CA VAL B 224 16.89 27.89 21.72
C VAL B 224 15.64 28.19 20.91
N PHE B 225 14.50 28.22 21.59
CA PHE B 225 13.22 28.69 21.06
C PHE B 225 12.67 29.78 21.96
N ALA B 226 11.53 30.35 21.54
CA ALA B 226 10.88 31.37 22.34
C ALA B 226 10.55 30.87 23.75
N THR B 227 10.27 29.57 23.88
CA THR B 227 9.90 29.01 25.17
C THR B 227 11.11 28.59 26.00
N GLY B 228 12.31 28.65 25.44
CA GLY B 228 13.53 28.44 26.19
C GLY B 228 14.51 27.61 25.41
N ALA B 229 15.58 27.18 26.10
CA ALA B 229 16.64 26.38 25.53
C ALA B 229 16.37 24.90 25.78
N TYR B 230 16.46 24.09 24.72
CA TYR B 230 16.13 22.68 24.82
C TYR B 230 17.31 21.81 24.43
N PRO B 231 17.48 20.67 25.08
CA PRO B 231 18.55 19.74 24.70
C PRO B 231 18.24 19.05 23.38
N ARG B 232 19.27 18.85 22.57
CA ARG B 232 19.13 18.23 21.27
C ARG B 232 20.22 17.19 21.08
N LEU B 233 19.84 16.03 20.54
CA LEU B 233 20.76 15.06 19.98
C LEU B 233 20.43 14.84 18.51
N SER B 234 21.47 14.75 17.68
CA SER B 234 21.29 14.58 16.25
C SER B 234 22.08 13.38 15.76
N LEU B 235 21.42 12.50 15.03
CA LEU B 235 22.06 11.39 14.34
C LEU B 235 21.89 11.62 12.84
N SER B 236 23.01 11.63 12.12
CA SER B 236 22.99 11.83 10.68
C SER B 236 23.73 10.72 9.96
N PHE B 237 23.33 10.47 8.72
CA PHE B 237 24.00 9.51 7.85
C PHE B 237 24.35 10.19 6.54
N ARG B 238 25.43 9.75 5.92
CA ARG B 238 25.80 10.17 4.58
C ARG B 238 25.50 9.03 3.62
N LEU B 239 24.61 9.27 2.67
CA LEU B 239 24.16 8.26 1.71
C LEU B 239 24.75 8.56 0.35
N LYS B 240 25.37 7.54 -0.26
CA LYS B 240 25.93 7.66 -1.60
C LYS B 240 25.11 6.80 -2.55
N ARG B 241 24.51 7.41 -3.56
CA ARG B 241 23.66 6.70 -4.50
C ARG B 241 24.51 5.75 -5.35
N ASN B 242 24.04 4.51 -5.51
CA ASN B 242 24.66 3.59 -6.44
C ASN B 242 24.24 3.91 -7.87
N ILE B 243 25.23 4.10 -8.75
CA ILE B 243 24.95 4.50 -10.12
C ILE B 243 24.37 3.35 -10.94
N GLY B 244 24.68 2.11 -10.58
CA GLY B 244 24.48 0.99 -11.49
C GLY B 244 23.09 0.93 -12.09
N TYR B 245 22.06 1.09 -11.25
CA TYR B 245 20.68 1.02 -11.75
C TYR B 245 20.43 2.06 -12.83
N PHE B 246 20.98 3.27 -12.64
CA PHE B 246 20.69 4.39 -13.52
C PHE B 246 21.43 4.25 -14.85
N ILE B 247 22.66 3.76 -14.81
CA ILE B 247 23.37 3.38 -16.03
C ILE B 247 22.49 2.49 -16.89
N LEU B 248 21.88 1.48 -16.27
CA LEU B 248 21.14 0.47 -17.01
C LEU B 248 19.77 1.01 -17.45
N GLN B 249 19.13 1.80 -16.59
CA GLN B 249 17.73 2.16 -16.80
C GLN B 249 17.58 3.35 -17.74
N THR B 250 18.43 4.36 -17.60
CA THR B 250 18.29 5.59 -18.37
C THR B 250 19.49 5.87 -19.27
N TYR B 251 20.71 5.77 -18.73
CA TYR B 251 21.89 6.13 -19.51
C TYR B 251 22.07 5.23 -20.73
N MET B 252 22.01 3.90 -20.53
CA MET B 252 22.25 3.00 -21.65
C MET B 252 21.19 3.12 -22.74
N PRO B 253 19.89 3.12 -22.45
CA PRO B 253 18.92 3.37 -23.54
C PRO B 253 19.18 4.64 -24.32
N SER B 254 19.56 5.72 -23.65
CA SER B 254 19.81 6.98 -24.34
C SER B 254 21.02 6.88 -25.25
N ILE B 255 22.07 6.20 -24.80
CA ILE B 255 23.25 5.98 -25.64
C ILE B 255 22.87 5.17 -26.87
N LEU B 256 22.04 4.13 -26.68
CA LEU B 256 21.69 3.25 -27.79
C LEU B 256 20.79 3.97 -28.80
N ILE B 257 19.91 4.85 -28.33
CA ILE B 257 19.09 5.63 -29.25
C ILE B 257 19.96 6.59 -30.05
N THR B 258 20.95 7.20 -29.39
CA THR B 258 21.83 8.14 -30.08
C THR B 258 22.64 7.44 -31.16
N ILE B 259 23.15 6.25 -30.85
CA ILE B 259 23.88 5.47 -31.85
C ILE B 259 22.94 5.10 -32.99
N LEU B 260 21.72 4.68 -32.66
CA LEU B 260 20.71 4.35 -33.67
C LEU B 260 20.52 5.51 -34.64
N SER B 261 20.51 6.74 -34.14
CA SER B 261 20.30 7.91 -34.98
C SER B 261 21.36 8.02 -36.07
N TRP B 262 22.57 7.53 -35.81
CA TRP B 262 23.68 7.67 -36.74
C TRP B 262 23.57 6.72 -37.93
N VAL B 263 22.84 5.62 -37.78
CA VAL B 263 22.61 4.67 -38.86
C VAL B 263 22.14 5.40 -40.12
N SER B 264 21.34 6.45 -39.93
CA SER B 264 20.83 7.26 -41.04
C SER B 264 21.95 7.67 -42.01
N PHE B 265 23.13 8.00 -41.47
CA PHE B 265 24.17 8.57 -42.32
C PHE B 265 24.76 7.55 -43.28
N TRP B 266 24.54 6.26 -43.03
CA TRP B 266 24.99 5.21 -43.93
CA TRP B 266 24.99 5.21 -43.93
C TRP B 266 23.91 4.80 -44.93
N ILE B 267 22.74 5.40 -44.87
CA ILE B 267 21.64 5.09 -45.77
C ILE B 267 21.67 6.07 -46.94
N ASN B 268 21.30 5.59 -48.12
CA ASN B 268 21.30 6.42 -49.31
C ASN B 268 20.35 7.60 -49.13
N TYR B 269 20.76 8.76 -49.63
CA TYR B 269 19.98 9.98 -49.47
C TYR B 269 18.66 9.93 -50.23
N ASP B 270 18.50 8.99 -51.17
CA ASP B 270 17.23 8.85 -51.86
C ASP B 270 16.20 8.12 -51.02
N ALA B 271 16.65 7.41 -49.99
CA ALA B 271 15.78 6.65 -49.08
C ALA B 271 15.13 7.59 -48.07
N SER B 272 14.27 8.47 -48.59
CA SER B 272 13.73 9.54 -47.77
C SER B 272 12.87 8.99 -46.63
N ALA B 273 12.01 8.02 -46.94
CA ALA B 273 11.15 7.44 -45.92
C ALA B 273 11.99 6.80 -44.81
N ALA B 274 13.02 6.04 -45.20
CA ALA B 274 13.84 5.33 -44.23
C ALA B 274 14.58 6.30 -43.32
N ARG B 275 15.21 7.32 -43.90
CA ARG B 275 16.05 8.22 -43.13
C ARG B 275 15.23 9.17 -42.27
N VAL B 276 14.06 9.59 -42.77
CA VAL B 276 13.18 10.43 -41.97
C VAL B 276 12.58 9.63 -40.82
N ALA B 277 12.29 8.34 -41.06
CA ALA B 277 11.76 7.49 -40.01
C ALA B 277 12.76 7.38 -38.86
N LEU B 278 14.04 7.16 -39.19
CA LEU B 278 15.07 7.07 -38.16
C LEU B 278 15.11 8.35 -37.34
N GLY B 279 15.07 9.51 -38.00
CA GLY B 279 15.10 10.77 -37.28
C GLY B 279 13.95 10.91 -36.31
N ILE B 280 12.72 10.67 -36.80
CA ILE B 280 11.53 10.83 -35.96
C ILE B 280 11.59 9.90 -34.76
N THR B 281 11.78 8.60 -35.01
CA THR B 281 11.65 7.60 -33.96
C THR B 281 12.64 7.86 -32.81
N THR B 282 13.86 8.26 -33.16
CA THR B 282 14.87 8.51 -32.12
C THR B 282 14.53 9.77 -31.35
N VAL B 283 14.10 10.82 -32.04
CA VAL B 283 13.72 12.07 -31.39
C VAL B 283 12.56 11.82 -30.42
N LEU B 284 11.54 11.10 -30.88
CA LEU B 284 10.34 10.90 -30.07
C LEU B 284 10.63 9.94 -28.91
N THR B 285 11.47 8.94 -29.13
CA THR B 285 11.86 8.04 -28.05
C THR B 285 12.58 8.81 -26.94
N MET B 286 13.41 9.78 -27.32
CA MET B 286 14.14 10.55 -26.32
C MET B 286 13.21 11.45 -25.51
N THR B 287 12.10 11.88 -26.11
CA THR B 287 11.11 12.66 -25.36
C THR B 287 10.37 11.79 -24.36
N THR B 288 9.96 10.59 -24.77
CA THR B 288 9.25 9.70 -23.86
C THR B 288 10.14 9.31 -22.68
N ILE B 289 11.44 9.11 -22.93
CA ILE B 289 12.36 8.75 -21.85
C ILE B 289 12.46 9.91 -20.86
N ASN B 290 12.62 11.13 -21.37
CA ASN B 290 12.74 12.31 -20.52
C ASN B 290 11.51 12.46 -19.63
N THR B 291 10.33 12.50 -20.24
CA THR B 291 9.11 12.81 -19.50
C THR B 291 8.80 11.71 -18.48
N HIS B 292 8.97 10.44 -18.88
CA HIS B 292 8.81 9.33 -17.94
C HIS B 292 9.70 9.50 -16.72
N LEU B 293 10.98 9.80 -16.94
CA LEU B 293 11.94 9.88 -15.85
C LEU B 293 11.49 10.88 -14.78
N ARG B 294 11.08 12.07 -15.20
CA ARG B 294 10.79 13.15 -14.26
C ARG B 294 9.46 12.93 -13.54
N GLU B 295 8.66 11.97 -13.99
CA GLU B 295 7.45 11.55 -13.28
C GLU B 295 7.75 10.61 -12.12
N THR B 296 8.98 10.13 -12.01
CA THR B 296 9.42 9.30 -10.90
C THR B 296 10.00 10.13 -9.76
N LEU B 297 10.08 11.43 -9.92
CA LEU B 297 10.83 12.33 -9.06
C LEU B 297 9.94 13.49 -8.66
N PRO B 298 10.28 14.24 -7.61
CA PRO B 298 9.49 15.41 -7.25
C PRO B 298 9.62 16.53 -8.27
N LYS B 299 8.66 17.44 -8.23
CA LYS B 299 8.53 18.52 -9.21
C LYS B 299 9.46 19.67 -8.83
N ILE B 300 10.76 19.40 -8.93
CA ILE B 300 11.79 20.38 -8.61
C ILE B 300 11.95 21.34 -9.78
N PRO B 301 12.25 22.61 -9.54
CA PRO B 301 12.38 23.58 -10.64
C PRO B 301 13.76 23.65 -11.30
N TYR B 302 14.75 22.90 -10.83
CA TYR B 302 16.10 23.02 -11.36
C TYR B 302 16.45 21.80 -12.20
N VAL B 303 17.55 21.93 -12.94
CA VAL B 303 18.02 20.87 -13.83
C VAL B 303 18.95 19.94 -13.07
N LYS B 304 18.69 18.64 -13.17
CA LYS B 304 19.53 17.63 -12.55
C LYS B 304 20.65 17.21 -13.49
N ALA B 305 21.55 16.36 -12.98
CA ALA B 305 22.61 15.81 -13.81
C ALA B 305 22.04 14.96 -14.94
N ILE B 306 21.04 14.13 -14.62
CA ILE B 306 20.46 13.24 -15.62
C ILE B 306 19.73 14.04 -16.71
N ASP B 307 19.07 15.13 -16.31
CA ASP B 307 18.44 16.02 -17.28
C ASP B 307 19.47 16.55 -18.27
N MET B 308 20.66 16.92 -17.79
CA MET B 308 21.69 17.45 -18.67
C MET B 308 22.10 16.42 -19.70
N TYR B 309 22.25 15.15 -19.28
CA TYR B 309 22.63 14.09 -20.20
C TYR B 309 21.56 13.90 -21.27
N LEU B 310 20.29 13.80 -20.84
CA LEU B 310 19.21 13.55 -21.78
C LEU B 310 19.06 14.70 -22.76
N MET B 311 19.30 15.93 -22.30
CA MET B 311 19.22 17.08 -23.18
C MET B 311 20.34 17.05 -24.22
N GLY B 312 21.55 16.63 -23.80
CA GLY B 312 22.62 16.45 -24.76
C GLY B 312 22.28 15.39 -25.79
N CYS B 313 21.75 14.25 -25.33
CA CYS B 313 21.42 13.17 -26.27
C CYS B 313 20.32 13.60 -27.23
N PHE B 314 19.34 14.36 -26.73
CA PHE B 314 18.27 14.87 -27.59
C PHE B 314 18.85 15.74 -28.70
N VAL B 315 19.78 16.63 -28.35
CA VAL B 315 20.36 17.54 -29.34
C VAL B 315 21.08 16.77 -30.43
N PHE B 316 21.80 15.70 -30.06
CA PHE B 316 22.50 14.91 -31.06
C PHE B 316 21.52 14.30 -32.05
N VAL B 317 20.46 13.65 -31.54
CA VAL B 317 19.58 12.91 -32.44
C VAL B 317 18.75 13.88 -33.26
N PHE B 318 18.41 15.03 -32.69
CA PHE B 318 17.66 16.05 -33.43
C PHE B 318 18.50 16.62 -34.57
N LEU B 319 19.78 16.88 -34.31
CA LEU B 319 20.68 17.37 -35.35
C LEU B 319 20.89 16.34 -36.45
N ALA B 320 20.86 15.05 -36.10
CA ALA B 320 20.99 14.02 -37.13
C ALA B 320 19.85 14.07 -38.11
N LEU B 321 18.62 14.30 -37.62
CA LEU B 321 17.49 14.45 -38.53
C LEU B 321 17.61 15.73 -39.34
N LEU B 322 18.00 16.83 -38.68
CA LEU B 322 18.18 18.10 -39.37
C LEU B 322 19.28 18.00 -40.41
N GLU B 323 20.30 17.18 -40.16
CA GLU B 323 21.33 16.94 -41.15
C GLU B 323 20.73 16.41 -42.44
N TYR B 324 19.77 15.48 -42.32
CA TYR B 324 19.15 14.91 -43.52
C TYR B 324 18.30 15.96 -44.22
N ALA B 325 17.57 16.77 -43.46
CA ALA B 325 16.80 17.86 -44.05
C ALA B 325 17.72 18.74 -44.89
N PHE B 326 18.91 19.02 -44.38
CA PHE B 326 19.87 19.83 -45.12
C PHE B 326 20.32 19.10 -46.39
N VAL B 327 20.66 17.82 -46.25
CA VAL B 327 21.05 17.02 -47.41
C VAL B 327 19.91 17.01 -48.42
N ASN B 328 18.70 16.69 -47.94
CA ASN B 328 17.53 16.65 -48.81
C ASN B 328 17.37 18.01 -49.49
N TYR B 329 17.59 19.09 -48.73
CA TYR B 329 17.37 20.45 -49.23
C TYR B 329 18.27 20.77 -50.40
N ILE B 330 19.45 20.16 -50.48
CA ILE B 330 20.32 20.69 -51.51
C ILE B 330 20.40 19.68 -52.62
N PHE B 331 20.04 18.43 -52.34
CA PHE B 331 20.25 17.42 -53.36
C PHE B 331 19.17 17.61 -54.42
N PHE B 332 18.03 18.17 -53.99
CA PHE B 332 16.87 18.50 -54.79
C PHE B 332 16.57 19.99 -54.80
N ALA B 447 29.74 13.52 -48.97
CA ALA B 447 29.83 14.94 -48.67
C ALA B 447 29.42 15.21 -47.22
N ILE B 448 28.21 15.74 -47.05
CA ILE B 448 27.70 16.06 -45.72
C ILE B 448 27.55 14.79 -44.89
N ASP B 449 27.05 13.71 -45.49
CA ASP B 449 26.95 12.44 -44.77
C ASP B 449 28.32 11.95 -44.35
N ARG B 450 29.30 12.00 -45.25
CA ARG B 450 30.63 11.49 -44.91
C ARG B 450 31.22 12.28 -43.75
N TRP B 451 31.05 13.60 -43.76
CA TRP B 451 31.48 14.44 -42.65
C TRP B 451 30.68 14.13 -41.38
N SER B 452 29.40 13.79 -41.54
CA SER B 452 28.57 13.44 -40.38
C SER B 452 29.00 12.11 -39.76
N ARG B 453 29.44 11.16 -40.60
CA ARG B 453 29.82 9.85 -40.08
C ARG B 453 30.97 9.92 -39.09
N ILE B 454 31.83 10.93 -39.20
CA ILE B 454 32.96 11.08 -38.30
C ILE B 454 32.67 12.08 -37.19
N VAL B 455 32.06 13.22 -37.53
CA VAL B 455 31.95 14.32 -36.56
C VAL B 455 30.96 13.97 -35.46
N PHE B 456 29.86 13.29 -35.81
CA PHE B 456 28.85 12.96 -34.80
C PHE B 456 29.38 11.99 -33.76
N PRO B 457 29.93 10.82 -34.11
CA PRO B 457 30.44 9.93 -33.06
C PRO B 457 31.53 10.59 -32.25
N PHE B 458 32.38 11.39 -32.89
CA PHE B 458 33.46 12.07 -32.20
C PHE B 458 32.93 13.10 -31.21
N THR B 459 31.89 13.86 -31.60
CA THR B 459 31.32 14.84 -30.69
C THR B 459 30.62 14.17 -29.51
N PHE B 460 29.93 13.06 -29.76
CA PHE B 460 29.24 12.36 -28.67
C PHE B 460 30.24 11.81 -27.67
N SER B 461 31.38 11.31 -28.16
CA SER B 461 32.43 10.83 -27.25
C SER B 461 32.96 11.97 -26.40
N LEU B 462 33.23 13.12 -27.02
CA LEU B 462 33.65 14.30 -26.29
C LEU B 462 32.59 14.69 -25.25
N PHE B 463 31.33 14.76 -25.67
CA PHE B 463 30.24 15.11 -24.75
C PHE B 463 30.24 14.20 -23.54
N ASN B 464 30.35 12.88 -23.77
CA ASN B 464 30.32 11.94 -22.66
C ASN B 464 31.53 12.14 -21.76
N LEU B 465 32.70 12.36 -22.36
CA LEU B 465 33.93 12.54 -21.59
C LEU B 465 33.78 13.72 -20.63
N VAL B 466 33.36 14.87 -21.16
CA VAL B 466 33.21 16.07 -20.34
C VAL B 466 32.19 15.81 -19.23
N TYR B 467 31.06 15.21 -19.59
CA TYR B 467 29.98 14.97 -18.63
C TYR B 467 30.48 14.12 -17.47
N TRP B 468 31.03 12.93 -17.79
CA TRP B 468 31.34 11.96 -16.75
C TRP B 468 32.55 12.40 -15.92
N LEU B 469 33.40 13.27 -16.47
CA LEU B 469 34.50 13.84 -15.70
C LEU B 469 33.98 14.86 -14.69
N TYR B 470 33.06 15.72 -15.14
CA TYR B 470 32.52 16.76 -14.28
C TYR B 470 31.82 16.17 -13.07
N TYR B 471 31.10 15.06 -13.26
CA TYR B 471 30.17 14.54 -12.26
C TYR B 471 30.70 13.35 -11.50
N VAL B 472 31.63 12.58 -12.08
CA VAL B 472 32.31 11.54 -11.34
C VAL B 472 33.71 12.01 -10.95
N GLY C 32 -20.02 -26.41 37.23
CA GLY C 32 -21.46 -26.26 37.15
C GLY C 32 -21.99 -25.16 38.04
N ASN C 33 -21.56 -25.15 39.30
CA ASN C 33 -21.85 -24.06 40.21
C ASN C 33 -21.03 -22.84 39.81
N MET C 34 -21.70 -21.83 39.25
CA MET C 34 -21.00 -20.68 38.72
C MET C 34 -20.48 -19.76 39.82
N SER C 35 -21.18 -19.70 40.95
CA SER C 35 -20.69 -18.96 42.11
C SER C 35 -19.42 -19.58 42.67
N PHE C 36 -19.35 -20.91 42.66
CA PHE C 36 -18.15 -21.61 43.11
C PHE C 36 -16.98 -21.32 42.17
N VAL C 37 -17.21 -21.40 40.86
CA VAL C 37 -16.15 -21.11 39.90
C VAL C 37 -15.75 -19.64 40.00
N LYS C 38 -16.73 -18.75 40.16
CA LYS C 38 -16.41 -17.33 40.29
C LYS C 38 -15.56 -17.08 41.52
N GLU C 39 -15.89 -17.74 42.63
CA GLU C 39 -15.10 -17.61 43.86
C GLU C 39 -13.67 -18.07 43.62
N THR C 40 -13.51 -19.26 43.03
CA THR C 40 -12.19 -19.80 42.76
C THR C 40 -11.36 -18.83 41.92
N VAL C 41 -11.95 -18.31 40.84
CA VAL C 41 -11.19 -17.44 39.94
C VAL C 41 -10.89 -16.11 40.62
N ASP C 42 -11.86 -15.56 41.36
CA ASP C 42 -11.60 -14.34 42.11
C ASP C 42 -10.42 -14.52 43.06
N LYS C 43 -10.34 -15.69 43.71
CA LYS C 43 -9.26 -15.96 44.63
C LYS C 43 -7.93 -16.00 43.89
N LEU C 44 -7.92 -16.60 42.70
CA LEU C 44 -6.70 -16.67 41.89
C LEU C 44 -6.15 -15.27 41.62
N LEU C 45 -7.03 -14.31 41.34
CA LEU C 45 -6.62 -12.99 40.89
C LEU C 45 -6.49 -12.00 42.05
N LYS C 46 -6.82 -12.44 43.27
CA LYS C 46 -6.71 -11.57 44.43
C LYS C 46 -5.25 -11.41 44.80
N GLY C 47 -4.76 -10.16 44.78
CA GLY C 47 -3.37 -9.90 45.05
C GLY C 47 -2.40 -10.36 43.98
N TYR C 48 -2.91 -10.71 42.80
CA TYR C 48 -2.05 -11.09 41.69
C TYR C 48 -1.33 -9.86 41.16
N ASP C 49 -0.01 -9.93 41.06
CA ASP C 49 0.79 -8.82 40.56
C ASP C 49 1.21 -9.12 39.12
N ILE C 50 0.57 -8.44 38.17
CA ILE C 50 0.89 -8.57 36.76
C ILE C 50 2.33 -8.14 36.46
N ARG C 51 2.94 -7.35 37.34
CA ARG C 51 4.27 -6.82 37.06
C ARG C 51 5.34 -7.89 37.14
N LEU C 52 5.10 -8.97 37.88
CA LEU C 52 6.11 -9.97 38.19
C LEU C 52 5.84 -11.21 37.35
N ARG C 53 6.87 -11.67 36.63
CA ARG C 53 6.76 -12.93 35.91
C ARG C 53 6.59 -14.09 36.90
N PRO C 54 6.02 -15.20 36.44
CA PRO C 54 6.01 -16.41 37.25
C PRO C 54 7.41 -16.82 37.66
N ASP C 55 7.56 -17.20 38.93
CA ASP C 55 8.84 -17.60 39.49
C ASP C 55 9.88 -16.48 39.43
N PHE C 56 9.41 -15.23 39.51
CA PHE C 56 10.28 -14.08 39.60
C PHE C 56 11.41 -14.33 40.58
N GLY C 57 12.63 -14.05 40.16
CA GLY C 57 13.80 -14.25 40.99
C GLY C 57 14.30 -15.67 41.02
N GLY C 58 13.61 -16.60 40.36
CA GLY C 58 13.97 -17.99 40.35
C GLY C 58 14.42 -18.43 38.96
N PRO C 59 14.34 -19.72 38.69
CA PRO C 59 14.71 -20.22 37.36
C PRO C 59 13.80 -19.62 36.29
N PRO C 60 14.27 -19.55 35.04
CA PRO C 60 13.44 -18.96 33.98
C PRO C 60 12.15 -19.73 33.78
N VAL C 61 11.11 -18.99 33.39
CA VAL C 61 9.85 -19.60 32.95
C VAL C 61 10.02 -20.14 31.54
N CYS C 62 9.67 -21.40 31.32
CA CYS C 62 9.73 -22.01 30.00
C CYS C 62 8.41 -21.73 29.28
N VAL C 63 8.51 -21.08 28.11
CA VAL C 63 7.34 -20.73 27.31
C VAL C 63 7.38 -21.55 26.02
N GLY C 64 6.37 -22.40 25.84
CA GLY C 64 6.24 -23.17 24.61
C GLY C 64 5.39 -22.42 23.60
N MET C 65 5.80 -22.54 22.33
N MET C 65 5.80 -22.52 22.34
CA MET C 65 5.17 -21.84 21.22
CA MET C 65 5.14 -21.78 21.27
C MET C 65 4.69 -22.83 20.17
C MET C 65 4.81 -22.71 20.11
N ASN C 66 3.51 -22.55 19.61
N ASN C 66 3.59 -22.57 19.60
CA ASN C 66 3.00 -23.28 18.47
CA ASN C 66 3.16 -23.30 18.41
C ASN C 66 2.39 -22.27 17.50
C ASN C 66 2.39 -22.34 17.51
N ILE C 67 2.61 -22.47 16.20
CA ILE C 67 2.01 -21.61 15.19
C ILE C 67 1.13 -22.47 14.30
N ASP C 68 -0.07 -21.98 14.02
CA ASP C 68 -0.94 -22.53 12.97
C ASP C 68 -1.08 -21.49 11.89
N ILE C 69 -0.49 -21.75 10.72
CA ILE C 69 -0.48 -20.78 9.64
C ILE C 69 -1.83 -20.77 8.94
N ALA C 70 -2.40 -19.58 8.79
CA ALA C 70 -3.67 -19.41 8.08
C ALA C 70 -3.47 -19.08 6.61
N SER C 71 -2.55 -18.20 6.28
CA SER C 71 -2.34 -17.72 4.92
C SER C 71 -1.01 -17.00 4.85
N ILE C 72 -0.43 -16.97 3.66
CA ILE C 72 0.51 -15.93 3.25
C ILE C 72 -0.12 -15.12 2.14
N ASP C 73 -0.57 -13.90 2.47
CA ASP C 73 -1.44 -13.16 1.58
C ASP C 73 -0.67 -12.61 0.38
N MET C 74 0.55 -12.14 0.61
CA MET C 74 1.28 -11.35 -0.38
C MET C 74 2.77 -11.55 -0.16
N VAL C 75 3.51 -11.53 -1.28
CA VAL C 75 4.97 -11.43 -1.25
C VAL C 75 5.36 -10.30 -2.20
N SER C 76 6.08 -9.31 -1.67
CA SER C 76 6.42 -8.11 -2.42
C SER C 76 7.93 -8.08 -2.64
N GLU C 77 8.35 -8.14 -3.90
CA GLU C 77 9.74 -7.88 -4.24
C GLU C 77 10.11 -6.41 -4.06
N VAL C 78 9.20 -5.50 -4.44
CA VAL C 78 9.52 -4.08 -4.38
C VAL C 78 9.74 -3.63 -2.94
N ASN C 79 8.88 -4.08 -2.02
CA ASN C 79 9.03 -3.74 -0.62
C ASN C 79 9.89 -4.74 0.15
N MET C 80 10.30 -5.83 -0.49
CA MET C 80 11.06 -6.90 0.15
C MET C 80 10.44 -7.31 1.48
N ASP C 81 9.19 -7.78 1.39
CA ASP C 81 8.47 -8.23 2.56
C ASP C 81 7.36 -9.18 2.14
N TYR C 82 6.75 -9.82 3.13
CA TYR C 82 5.64 -10.73 2.92
C TYR C 82 4.65 -10.54 4.06
N THR C 83 3.41 -10.95 3.82
CA THR C 83 2.34 -10.78 4.79
C THR C 83 1.82 -12.15 5.20
N LEU C 84 1.87 -12.44 6.50
CA LEU C 84 1.52 -13.72 7.06
C LEU C 84 0.35 -13.56 8.02
N THR C 85 -0.60 -14.49 7.97
CA THR C 85 -1.63 -14.60 8.99
C THR C 85 -1.49 -15.96 9.68
N MET C 86 -1.53 -15.95 11.00
CA MET C 86 -1.27 -17.16 11.78
C MET C 86 -2.06 -17.11 13.08
N TYR C 87 -2.26 -18.29 13.66
CA TYR C 87 -2.71 -18.43 15.04
C TYR C 87 -1.49 -18.68 15.93
N PHE C 88 -1.16 -17.72 16.77
CA PHE C 88 0.05 -17.76 17.58
C PHE C 88 -0.34 -18.11 19.01
N GLN C 89 0.20 -19.23 19.51
CA GLN C 89 -0.13 -19.74 20.83
CA GLN C 89 -0.13 -19.73 20.84
C GLN C 89 1.11 -19.77 21.71
N GLN C 90 0.92 -19.46 22.99
CA GLN C 90 1.99 -19.50 23.98
C GLN C 90 1.56 -20.38 25.14
N TYR C 91 2.46 -21.25 25.58
N TYR C 91 2.49 -21.18 25.65
CA TYR C 91 2.21 -22.19 26.66
CA TYR C 91 2.22 -22.20 26.65
C TYR C 91 3.23 -21.95 27.76
C TYR C 91 3.23 -22.07 27.78
N TRP C 92 2.74 -21.76 28.98
CA TRP C 92 3.63 -21.64 30.14
C TRP C 92 2.85 -22.02 31.39
N ARG C 93 3.59 -22.21 32.48
CA ARG C 93 3.02 -22.50 33.79
C ARG C 93 3.17 -21.29 34.69
N ASP C 94 2.06 -20.86 35.28
CA ASP C 94 2.06 -19.82 36.31
C ASP C 94 1.44 -20.43 37.56
N LYS C 95 2.29 -20.80 38.53
CA LYS C 95 1.82 -21.45 39.74
C LYS C 95 0.87 -20.57 40.57
N ARG C 96 0.87 -19.26 40.32
CA ARG C 96 -0.09 -18.39 40.99
C ARG C 96 -1.53 -18.66 40.56
N LEU C 97 -1.73 -19.31 39.42
CA LEU C 97 -3.06 -19.53 38.87
C LEU C 97 -3.55 -20.96 39.06
N ALA C 98 -2.79 -21.78 39.79
CA ALA C 98 -3.20 -23.15 40.05
C ALA C 98 -4.46 -23.18 40.89
N TYR C 99 -5.39 -24.06 40.56
CA TYR C 99 -6.65 -24.20 41.28
C TYR C 99 -6.95 -25.68 41.48
N SER C 100 -7.66 -25.95 42.57
CA SER C 100 -8.01 -27.31 42.96
C SER C 100 -9.53 -27.46 43.04
N GLY C 101 -9.98 -28.71 42.99
CA GLY C 101 -11.38 -29.03 43.20
C GLY C 101 -12.26 -28.78 41.99
N ILE C 102 -11.67 -28.51 40.84
CA ILE C 102 -12.38 -28.37 39.58
C ILE C 102 -11.64 -29.19 38.53
N PRO C 103 -12.16 -30.36 38.15
CA PRO C 103 -11.49 -31.20 37.13
C PRO C 103 -11.86 -30.80 35.70
N LEU C 104 -11.71 -29.52 35.39
CA LEU C 104 -11.94 -28.99 34.06
C LEU C 104 -10.80 -28.06 33.71
N ASN C 105 -10.59 -27.86 32.40
CA ASN C 105 -9.85 -26.71 31.92
C ASN C 105 -10.81 -25.54 31.71
N LEU C 106 -10.48 -24.41 32.31
CA LEU C 106 -11.33 -23.22 32.27
C LEU C 106 -10.97 -22.39 31.05
N THR C 107 -11.89 -22.31 30.08
CA THR C 107 -11.80 -21.32 29.03
C THR C 107 -12.45 -20.04 29.52
N LEU C 108 -11.67 -18.96 29.56
CA LEU C 108 -12.13 -17.68 30.09
C LEU C 108 -12.28 -16.67 28.97
N ASP C 109 -13.17 -15.70 29.20
CA ASP C 109 -13.33 -14.60 28.26
C ASP C 109 -11.98 -13.90 28.04
N ASN C 110 -11.74 -13.50 26.80
CA ASN C 110 -10.44 -12.98 26.42
C ASN C 110 -10.05 -11.72 27.18
N ARG C 111 -11.02 -11.02 27.78
CA ARG C 111 -10.70 -9.82 28.53
C ARG C 111 -9.93 -10.11 29.81
N VAL C 112 -9.92 -11.36 30.28
CA VAL C 112 -9.14 -11.71 31.46
C VAL C 112 -7.64 -11.55 31.20
N ALA C 113 -7.23 -11.62 29.93
CA ALA C 113 -5.81 -11.49 29.59
C ALA C 113 -5.21 -10.19 30.11
N ASP C 114 -6.03 -9.15 30.26
CA ASP C 114 -5.55 -7.87 30.76
C ASP C 114 -5.23 -7.89 32.25
N GLN C 115 -5.66 -8.93 32.97
CA GLN C 115 -5.39 -9.05 34.39
C GLN C 115 -4.30 -10.07 34.69
N LEU C 116 -3.69 -10.66 33.66
CA LEU C 116 -2.69 -11.70 33.82
C LEU C 116 -1.35 -11.20 33.32
N TRP C 117 -0.26 -11.77 33.84
CA TRP C 117 1.02 -11.68 33.17
C TRP C 117 0.99 -12.48 31.88
N VAL C 118 1.53 -11.89 30.81
CA VAL C 118 1.81 -12.65 29.59
C VAL C 118 3.23 -12.33 29.15
N PRO C 119 3.85 -13.23 28.38
CA PRO C 119 5.19 -12.97 27.86
C PRO C 119 5.22 -11.73 26.99
N ASP C 120 6.39 -11.10 26.91
CA ASP C 120 6.59 -9.91 26.09
C ASP C 120 7.17 -10.28 24.73
N THR C 121 6.49 -11.20 24.06
CA THR C 121 6.96 -11.72 22.78
C THR C 121 6.73 -10.70 21.67
N TYR C 122 7.72 -10.57 20.79
CA TYR C 122 7.60 -9.71 19.63
C TYR C 122 8.28 -10.37 18.44
N PHE C 123 8.02 -9.83 17.26
CA PHE C 123 8.58 -10.32 16.00
C PHE C 123 9.64 -9.33 15.52
N LEU C 124 10.91 -9.73 15.63
CA LEU C 124 12.00 -8.79 15.45
C LEU C 124 12.08 -8.24 14.03
N ASN C 125 11.65 -9.02 13.04
CA ASN C 125 11.72 -8.58 11.65
C ASN C 125 10.35 -8.19 11.09
N ASP C 126 9.38 -7.90 11.95
CA ASP C 126 8.09 -7.44 11.48
C ASP C 126 8.09 -5.95 11.15
N LYS C 127 7.31 -5.58 10.15
CA LYS C 127 7.15 -4.19 9.73
C LYS C 127 5.87 -3.57 10.27
N LYS C 128 4.78 -4.33 10.27
CA LYS C 128 3.48 -3.86 10.73
C LYS C 128 2.62 -5.05 11.06
N SER C 129 2.06 -5.09 12.27
CA SER C 129 1.27 -6.21 12.73
C SER C 129 0.11 -5.72 13.56
N PHE C 130 -0.94 -6.53 13.63
CA PHE C 130 -2.10 -6.23 14.45
C PHE C 130 -2.79 -7.52 14.86
N VAL C 131 -3.45 -7.48 16.01
CA VAL C 131 -4.38 -8.52 16.42
C VAL C 131 -5.77 -8.20 15.89
N HIS C 132 -6.39 -9.16 15.20
CA HIS C 132 -7.72 -8.97 14.68
C HIS C 132 -8.71 -8.66 15.80
N GLY C 133 -9.67 -7.78 15.51
CA GLY C 133 -10.50 -7.23 16.56
C GLY C 133 -12.00 -7.41 16.41
N VAL C 134 -12.44 -8.14 15.40
CA VAL C 134 -13.86 -8.37 15.14
C VAL C 134 -14.16 -9.85 15.30
N THR C 135 -15.27 -10.18 15.97
CA THR C 135 -16.16 -9.20 16.61
C THR C 135 -15.59 -8.78 17.96
N VAL C 136 -14.61 -9.55 18.41
CA VAL C 136 -13.86 -9.26 19.63
C VAL C 136 -12.40 -9.45 19.30
N LYS C 137 -11.53 -9.09 20.25
CA LYS C 137 -10.11 -9.32 20.06
CA LYS C 137 -10.10 -9.32 20.06
C LYS C 137 -9.85 -10.81 19.91
N ASN C 138 -9.22 -11.20 18.80
CA ASN C 138 -9.02 -12.61 18.49
C ASN C 138 -7.95 -13.14 19.45
N ARG C 139 -8.39 -13.45 20.65
CA ARG C 139 -7.51 -13.81 21.75
C ARG C 139 -8.19 -14.89 22.59
N MET C 140 -7.39 -15.83 23.10
CA MET C 140 -7.90 -16.91 23.92
C MET C 140 -7.07 -17.02 25.20
N ILE C 141 -7.74 -17.37 26.31
CA ILE C 141 -7.09 -17.74 27.55
C ILE C 141 -7.73 -19.02 28.04
N ARG C 142 -6.92 -20.07 28.19
CA ARG C 142 -7.36 -21.32 28.80
C ARG C 142 -6.46 -21.66 29.97
N LEU C 143 -7.04 -21.77 31.16
CA LEU C 143 -6.33 -22.17 32.36
C LEU C 143 -6.48 -23.67 32.61
N HIS C 144 -5.45 -24.25 33.24
CA HIS C 144 -5.44 -25.65 33.60
C HIS C 144 -5.21 -25.81 35.10
N PRO C 145 -5.72 -26.88 35.71
CA PRO C 145 -5.65 -27.01 37.18
C PRO C 145 -4.25 -26.86 37.75
N ASP C 146 -3.22 -27.26 37.01
CA ASP C 146 -1.85 -27.16 37.49
C ASP C 146 -1.24 -25.77 37.31
N GLY C 147 -2.01 -24.82 36.79
CA GLY C 147 -1.53 -23.48 36.57
C GLY C 147 -0.92 -23.23 35.21
N THR C 148 -1.04 -24.18 34.28
CA THR C 148 -0.66 -23.94 32.91
C THR C 148 -1.61 -22.94 32.25
N VAL C 149 -1.05 -21.92 31.61
CA VAL C 149 -1.82 -20.92 30.88
C VAL C 149 -1.61 -21.13 29.39
N LEU C 150 -2.70 -21.22 28.65
N LEU C 150 -2.71 -21.21 28.65
CA LEU C 150 -2.68 -21.26 27.19
CA LEU C 150 -2.67 -21.26 27.19
C LEU C 150 -3.19 -19.91 26.69
C LEU C 150 -3.20 -19.94 26.64
N TYR C 151 -2.34 -19.21 25.94
CA TYR C 151 -2.66 -17.88 25.45
C TYR C 151 -2.53 -17.87 23.93
N GLY C 152 -3.62 -17.63 23.23
CA GLY C 152 -3.65 -17.69 21.78
C GLY C 152 -4.02 -16.35 21.18
N LEU C 153 -3.37 -16.00 20.07
CA LEU C 153 -3.66 -14.78 19.34
C LEU C 153 -3.73 -15.08 17.85
N ARG C 154 -4.62 -14.39 17.15
CA ARG C 154 -4.64 -14.42 15.69
C ARG C 154 -4.03 -13.14 15.18
N ILE C 155 -2.90 -13.26 14.49
CA ILE C 155 -2.06 -12.12 14.14
C ILE C 155 -1.88 -12.11 12.64
N THR C 156 -1.95 -10.92 12.04
CA THR C 156 -1.45 -10.69 10.70
C THR C 156 -0.21 -9.81 10.79
N THR C 157 0.88 -10.27 10.19
CA THR C 157 2.16 -9.57 10.23
C THR C 157 2.68 -9.36 8.82
N THR C 158 3.14 -8.15 8.52
CA THR C 158 4.02 -7.91 7.40
C THR C 158 5.46 -7.92 7.91
N ALA C 159 6.26 -8.84 7.39
CA ALA C 159 7.61 -9.06 7.91
C ALA C 159 8.62 -8.89 6.79
N ALA C 160 9.78 -8.32 7.12
CA ALA C 160 10.83 -8.09 6.14
C ALA C 160 11.38 -9.42 5.63
N CYS C 161 11.80 -9.42 4.36
CA CYS C 161 12.49 -10.57 3.77
C CYS C 161 13.41 -10.04 2.68
N MET C 162 14.69 -9.90 3.00
CA MET C 162 15.68 -9.49 2.01
C MET C 162 15.84 -10.59 0.96
N MET C 163 15.67 -10.23 -0.30
CA MET C 163 15.68 -11.19 -1.39
C MET C 163 16.92 -10.99 -2.26
N ASP C 164 17.49 -12.10 -2.71
CA ASP C 164 18.61 -12.10 -3.66
C ASP C 164 18.03 -12.29 -5.05
N LEU C 165 17.97 -11.19 -5.82
CA LEU C 165 17.30 -11.19 -7.11
C LEU C 165 18.27 -11.37 -8.27
N ARG C 166 19.46 -11.89 -8.01
CA ARG C 166 20.46 -12.07 -9.06
C ARG C 166 19.99 -13.08 -10.10
N ARG C 167 19.22 -14.08 -9.68
CA ARG C 167 18.71 -15.12 -10.57
C ARG C 167 17.25 -14.90 -10.93
N TYR C 168 16.68 -13.76 -10.56
CA TYR C 168 15.28 -13.48 -10.81
C TYR C 168 15.01 -13.49 -12.31
N PRO C 169 13.90 -14.12 -12.76
CA PRO C 169 12.90 -14.80 -11.95
C PRO C 169 13.08 -16.30 -11.79
N LEU C 170 14.31 -16.78 -11.85
CA LEU C 170 14.62 -18.20 -11.59
C LEU C 170 15.23 -18.38 -10.22
N ASP C 171 14.74 -17.63 -9.23
CA ASP C 171 15.38 -17.49 -7.94
C ASP C 171 14.66 -18.32 -6.88
N GLU C 172 15.40 -18.62 -5.81
CA GLU C 172 14.87 -19.26 -4.61
C GLU C 172 15.15 -18.33 -3.44
N GLN C 173 14.13 -18.05 -2.65
CA GLN C 173 14.26 -17.12 -1.53
C GLN C 173 14.08 -17.83 -0.20
N ASN C 174 14.71 -17.26 0.82
CA ASN C 174 14.59 -17.69 2.21
C ASN C 174 13.97 -16.53 2.99
N CYS C 175 12.73 -16.71 3.43
CA CYS C 175 12.04 -15.72 4.24
C CYS C 175 11.82 -16.29 5.64
N THR C 176 12.22 -15.53 6.66
CA THR C 176 12.16 -15.98 8.04
C THR C 176 11.16 -15.14 8.83
N LEU C 177 10.73 -15.69 9.96
CA LEU C 177 10.07 -14.95 11.03
C LEU C 177 10.85 -15.15 12.31
N GLU C 178 11.36 -14.06 12.88
CA GLU C 178 12.21 -14.12 14.06
C GLU C 178 11.40 -13.74 15.29
N ILE C 179 11.29 -14.67 16.24
CA ILE C 179 10.46 -14.52 17.42
C ILE C 179 11.38 -14.40 18.63
N GLU C 180 11.17 -13.36 19.44
CA GLU C 180 12.09 -13.09 20.53
C GLU C 180 11.35 -12.49 21.71
N SER C 181 11.95 -12.63 22.89
CA SER C 181 11.50 -11.89 24.07
C SER C 181 12.06 -10.49 24.04
N TYR C 182 11.19 -9.49 24.26
CA TYR C 182 11.65 -8.11 24.17
C TYR C 182 12.56 -7.73 25.32
N GLY C 183 12.09 -7.93 26.56
CA GLY C 183 12.77 -7.37 27.71
C GLY C 183 13.34 -8.38 28.68
N TYR C 184 12.81 -9.60 28.66
CA TYR C 184 13.29 -10.64 29.56
C TYR C 184 14.44 -11.38 28.90
N THR C 185 15.56 -11.50 29.61
CA THR C 185 16.70 -12.28 29.15
C THR C 185 16.47 -13.76 29.40
N THR C 186 17.43 -14.58 28.97
CA THR C 186 17.38 -16.01 29.21
C THR C 186 17.57 -16.38 30.68
N ASP C 187 17.97 -15.42 31.52
CA ASP C 187 17.88 -15.63 32.96
C ASP C 187 16.43 -15.71 33.43
N ASP C 188 15.50 -15.07 32.71
CA ASP C 188 14.13 -14.94 33.16
C ASP C 188 13.12 -15.73 32.34
N ILE C 189 13.34 -15.87 31.03
N ILE C 189 13.33 -15.86 31.02
CA ILE C 189 12.40 -16.56 30.16
CA ILE C 189 12.37 -16.52 30.13
C ILE C 189 13.18 -17.41 29.17
C ILE C 189 13.13 -17.38 29.13
N GLU C 190 12.57 -18.53 28.79
CA GLU C 190 13.13 -19.43 27.79
C GLU C 190 12.04 -19.84 26.82
N PHE C 191 12.39 -19.94 25.53
CA PHE C 191 11.45 -20.36 24.51
C PHE C 191 11.81 -21.76 24.02
N TYR C 192 10.79 -22.51 23.62
CA TYR C 192 10.99 -23.75 22.89
C TYR C 192 9.84 -23.97 21.93
N TRP C 193 10.10 -24.72 20.86
CA TRP C 193 9.05 -25.16 19.94
C TRP C 193 8.30 -26.33 20.58
N ARG C 194 7.04 -26.10 20.94
CA ARG C 194 6.26 -27.09 21.65
C ARG C 194 5.81 -28.15 20.65
N GLY C 195 6.32 -29.37 20.79
CA GLY C 195 6.13 -30.42 19.81
C GLY C 195 7.29 -30.58 18.84
N GLY C 196 8.38 -29.86 19.03
CA GLY C 196 9.51 -29.96 18.12
C GLY C 196 9.14 -29.59 16.70
N ASP C 197 9.30 -30.56 15.78
CA ASP C 197 9.11 -30.31 14.36
C ASP C 197 7.64 -30.24 13.97
N LYS C 198 6.73 -30.54 14.88
CA LYS C 198 5.30 -30.41 14.63
C LYS C 198 4.72 -29.14 15.24
N ALA C 199 5.56 -28.25 15.77
CA ALA C 199 5.07 -27.05 16.42
C ALA C 199 4.39 -26.09 15.46
N VAL C 200 4.69 -26.19 14.16
CA VAL C 200 4.12 -25.29 13.16
C VAL C 200 3.26 -26.13 12.22
N THR C 201 1.99 -25.79 12.13
CA THR C 201 1.03 -26.47 11.27
C THR C 201 0.54 -25.51 10.20
N GLY C 202 -0.09 -26.08 9.18
CA GLY C 202 -0.77 -25.30 8.17
C GLY C 202 0.10 -24.84 7.02
N VAL C 203 1.30 -25.40 6.88
CA VAL C 203 2.16 -25.03 5.75
C VAL C 203 1.51 -25.45 4.43
N GLU C 204 0.70 -26.50 4.46
CA GLU C 204 0.00 -26.94 3.27
C GLU C 204 -1.07 -25.96 2.83
N ARG C 205 -1.51 -25.07 3.71
CA ARG C 205 -2.54 -24.10 3.38
C ARG C 205 -2.02 -22.97 2.50
N ILE C 206 -0.71 -22.71 2.56
CA ILE C 206 -0.14 -21.58 1.84
C ILE C 206 -0.35 -21.78 0.35
N GLU C 207 -1.00 -20.82 -0.30
CA GLU C 207 -1.36 -20.89 -1.72
C GLU C 207 -0.92 -19.59 -2.37
N LEU C 208 0.37 -19.50 -2.68
CA LEU C 208 0.91 -18.37 -3.43
C LEU C 208 0.96 -18.75 -4.90
N PRO C 209 0.29 -18.00 -5.79
CA PRO C 209 0.37 -18.35 -7.22
C PRO C 209 1.79 -18.38 -7.76
N GLN C 210 2.63 -17.45 -7.32
CA GLN C 210 3.95 -17.25 -7.90
C GLN C 210 5.04 -18.10 -7.22
N PHE C 211 4.72 -18.74 -6.10
CA PHE C 211 5.72 -19.48 -5.34
C PHE C 211 5.16 -20.82 -4.89
N SER C 212 6.06 -21.79 -4.77
CA SER C 212 5.82 -23.01 -4.02
C SER C 212 6.67 -23.00 -2.76
N ILE C 213 6.11 -23.47 -1.66
CA ILE C 213 6.87 -23.67 -0.43
C ILE C 213 7.62 -24.99 -0.53
N VAL C 214 8.95 -24.91 -0.64
CA VAL C 214 9.76 -26.12 -0.77
C VAL C 214 9.90 -26.80 0.59
N GLU C 215 10.17 -26.01 1.63
CA GLU C 215 10.58 -26.52 2.93
C GLU C 215 10.30 -25.46 3.97
N HIS C 216 10.10 -25.90 5.21
CA HIS C 216 10.16 -25.02 6.36
C HIS C 216 11.05 -25.65 7.43
N ARG C 217 11.68 -24.80 8.24
CA ARG C 217 12.56 -25.25 9.30
C ARG C 217 12.29 -24.47 10.57
N LEU C 218 12.53 -25.11 11.70
CA LEU C 218 12.37 -24.51 13.02
C LEU C 218 13.72 -24.48 13.70
N VAL C 219 14.12 -23.30 14.19
CA VAL C 219 15.41 -23.15 14.85
C VAL C 219 15.17 -22.52 16.22
N SER C 220 16.07 -22.83 17.15
CA SER C 220 16.07 -22.25 18.49
C SER C 220 17.51 -21.86 18.82
N ARG C 221 17.69 -20.64 19.31
CA ARG C 221 19.01 -20.21 19.75
C ARG C 221 18.88 -19.04 20.70
N ASN C 222 20.01 -18.64 21.29
CA ASN C 222 20.11 -17.45 22.11
C ASN C 222 20.84 -16.36 21.33
N VAL C 223 20.34 -15.14 21.45
CA VAL C 223 20.92 -13.98 20.77
C VAL C 223 21.39 -13.00 21.82
N VAL C 224 22.62 -12.53 21.68
CA VAL C 224 23.24 -11.64 22.67
C VAL C 224 23.22 -10.22 22.14
N PHE C 225 22.77 -9.29 22.97
CA PHE C 225 22.84 -7.86 22.75
C PHE C 225 23.54 -7.20 23.93
N ALA C 226 23.74 -5.88 23.81
CA ALA C 226 24.37 -5.13 24.89
C ALA C 226 23.60 -5.27 26.19
N THR C 227 22.28 -5.44 26.12
CA THR C 227 21.45 -5.54 27.30
C THR C 227 21.35 -6.97 27.85
N GLY C 228 21.90 -7.94 27.13
CA GLY C 228 22.01 -9.30 27.63
C GLY C 228 21.68 -10.31 26.55
N ALA C 229 21.55 -11.56 26.98
CA ALA C 229 21.24 -12.68 26.08
C ALA C 229 19.73 -12.94 26.07
N TYR C 230 19.16 -13.05 24.88
CA TYR C 230 17.72 -13.19 24.76
C TYR C 230 17.37 -14.47 24.02
N PRO C 231 16.27 -15.12 24.41
CA PRO C 231 15.82 -16.32 23.68
C PRO C 231 15.25 -15.96 22.31
N ARG C 232 15.54 -16.81 21.33
CA ARG C 232 15.08 -16.60 19.97
C ARG C 232 14.50 -17.89 19.41
N LEU C 233 13.37 -17.77 18.72
CA LEU C 233 12.85 -18.81 17.84
C LEU C 233 12.75 -18.26 16.43
N SER C 234 13.12 -19.08 15.45
N SER C 234 13.12 -19.08 15.45
CA SER C 234 13.11 -18.67 14.05
CA SER C 234 13.11 -18.67 14.05
C SER C 234 12.31 -19.67 13.23
C SER C 234 12.32 -19.67 13.23
N LEU C 235 11.38 -19.16 12.43
CA LEU C 235 10.65 -19.95 11.45
C LEU C 235 11.02 -19.41 10.08
N SER C 236 11.50 -20.29 9.20
CA SER C 236 11.87 -19.90 7.85
C SER C 236 11.19 -20.79 6.83
N PHE C 237 11.00 -20.23 5.63
CA PHE C 237 10.44 -20.95 4.50
C PHE C 237 11.38 -20.79 3.31
N ARG C 238 11.41 -21.81 2.46
CA ARG C 238 12.11 -21.74 1.18
C ARG C 238 11.08 -21.61 0.08
N LEU C 239 11.13 -20.51 -0.66
N LEU C 239 11.14 -20.50 -0.66
CA LEU C 239 10.16 -20.23 -1.71
CA LEU C 239 10.18 -20.21 -1.71
C LEU C 239 10.82 -20.36 -3.07
C LEU C 239 10.85 -20.38 -3.07
N LYS C 240 10.19 -21.12 -3.95
CA LYS C 240 10.67 -21.32 -5.32
C LYS C 240 9.71 -20.64 -6.28
N ARG C 241 10.23 -19.68 -7.04
CA ARG C 241 9.39 -18.90 -7.96
C ARG C 241 8.92 -19.80 -9.10
N ASN C 242 7.63 -19.71 -9.42
CA ASN C 242 7.11 -20.38 -10.61
C ASN C 242 7.45 -19.58 -11.86
N ILE C 243 8.09 -20.26 -12.83
CA ILE C 243 8.56 -19.59 -14.03
C ILE C 243 7.41 -19.23 -14.97
N GLY C 244 6.31 -19.99 -14.91
CA GLY C 244 5.31 -19.94 -15.98
C GLY C 244 4.86 -18.54 -16.36
N TYR C 245 4.55 -17.72 -15.36
CA TYR C 245 4.09 -16.36 -15.64
C TYR C 245 5.13 -15.58 -16.44
N PHE C 246 6.41 -15.75 -16.10
CA PHE C 246 7.47 -14.95 -16.69
C PHE C 246 7.77 -15.40 -18.12
N ILE C 247 7.73 -16.71 -18.37
CA ILE C 247 7.79 -17.22 -19.74
C ILE C 247 6.77 -16.50 -20.60
N LEU C 248 5.55 -16.37 -20.10
CA LEU C 248 4.45 -15.84 -20.91
C LEU C 248 4.55 -14.32 -21.01
N GLN C 249 4.96 -13.65 -19.93
CA GLN C 249 4.84 -12.20 -19.85
C GLN C 249 6.02 -11.49 -20.49
N THR C 250 7.24 -12.00 -20.30
CA THR C 250 8.44 -11.34 -20.78
C THR C 250 9.23 -12.18 -21.77
N TYR C 251 9.47 -13.46 -21.47
CA TYR C 251 10.32 -14.27 -22.33
C TYR C 251 9.70 -14.45 -23.71
N MET C 252 8.43 -14.84 -23.77
CA MET C 252 7.82 -15.11 -25.07
C MET C 252 7.72 -13.86 -25.94
N PRO C 253 7.24 -12.71 -25.46
CA PRO C 253 7.29 -11.51 -26.31
C PRO C 253 8.67 -11.20 -26.87
N SER C 254 9.72 -11.36 -26.04
CA SER C 254 11.07 -11.06 -26.51
C SER C 254 11.51 -12.03 -27.60
N ILE C 255 11.16 -13.31 -27.46
CA ILE C 255 11.47 -14.29 -28.50
C ILE C 255 10.75 -13.92 -29.80
N LEU C 256 9.49 -13.52 -29.69
CA LEU C 256 8.70 -13.22 -30.88
C LEU C 256 9.20 -11.97 -31.58
N ILE C 257 9.65 -10.97 -30.81
CA ILE C 257 10.24 -9.77 -31.41
C ILE C 257 11.53 -10.12 -32.13
N THR C 258 12.35 -11.00 -31.53
CA THR C 258 13.61 -11.37 -32.15
C THR C 258 13.38 -12.11 -33.46
N ILE C 259 12.40 -13.02 -33.47
CA ILE C 259 12.05 -13.72 -34.70
C ILE C 259 11.56 -12.72 -35.74
N LEU C 260 10.70 -11.78 -35.31
CA LEU C 260 10.19 -10.74 -36.20
C LEU C 260 11.33 -10.00 -36.88
N SER C 261 12.41 -9.72 -36.15
CA SER C 261 13.54 -8.98 -36.71
C SER C 261 14.15 -9.71 -37.90
N TRP C 262 14.07 -11.04 -37.93
CA TRP C 262 14.71 -11.82 -38.97
C TRP C 262 13.95 -11.77 -40.30
N VAL C 263 12.65 -11.46 -40.25
CA VAL C 263 11.85 -11.31 -41.46
C VAL C 263 12.54 -10.38 -42.45
N SER C 264 13.22 -9.35 -41.94
CA SER C 264 13.94 -8.41 -42.78
C SER C 264 14.84 -9.11 -43.80
N PHE C 265 15.48 -10.21 -43.40
CA PHE C 265 16.48 -10.83 -44.27
C PHE C 265 15.86 -11.48 -45.49
N TRP C 266 14.55 -11.73 -45.47
CA TRP C 266 13.84 -12.28 -46.62
CA TRP C 266 13.84 -12.28 -46.63
C TRP C 266 13.23 -11.20 -47.51
N ILE C 267 13.39 -9.93 -47.15
CA ILE C 267 12.85 -8.81 -47.92
C ILE C 267 13.93 -8.31 -48.86
N ASN C 268 13.51 -7.86 -50.04
CA ASN C 268 14.46 -7.35 -51.02
C ASN C 268 15.21 -6.14 -50.46
N TYR C 269 16.50 -6.07 -50.78
CA TYR C 269 17.34 -5.00 -50.28
C TYR C 269 16.95 -3.62 -50.81
N ASP C 270 16.15 -3.57 -51.88
CA ASP C 270 15.69 -2.29 -52.38
C ASP C 270 14.54 -1.73 -51.55
N ALA C 271 13.89 -2.59 -50.76
CA ALA C 271 12.76 -2.20 -49.90
C ALA C 271 13.29 -1.52 -48.64
N SER C 272 13.88 -0.34 -48.83
CA SER C 272 14.58 0.31 -47.74
C SER C 272 13.62 0.70 -46.62
N ALA C 273 12.48 1.26 -46.98
CA ALA C 273 11.51 1.67 -45.96
C ALA C 273 11.03 0.45 -45.16
N ALA C 274 10.73 -0.65 -45.84
CA ALA C 274 10.21 -1.83 -45.16
C ALA C 274 11.24 -2.41 -44.21
N ARG C 275 12.49 -2.56 -44.67
CA ARG C 275 13.50 -3.23 -43.86
C ARG C 275 14.00 -2.35 -42.72
N VAL C 276 14.05 -1.04 -42.93
CA VAL C 276 14.43 -0.13 -41.86
C VAL C 276 13.33 -0.07 -40.82
N ALA C 277 12.06 -0.13 -41.27
CA ALA C 277 10.94 -0.13 -40.33
C ALA C 277 11.02 -1.33 -39.40
N LEU C 278 11.30 -2.52 -39.95
CA LEU C 278 11.43 -3.72 -39.14
C LEU C 278 12.52 -3.54 -38.09
N GLY C 279 13.67 -3.00 -38.49
CA GLY C 279 14.77 -2.80 -37.55
C GLY C 279 14.36 -1.89 -36.42
N ILE C 280 13.79 -0.73 -36.74
CA ILE C 280 13.42 0.26 -35.72
C ILE C 280 12.41 -0.33 -34.75
N THR C 281 11.30 -0.87 -35.28
CA THR C 281 10.19 -1.27 -34.43
C THR C 281 10.61 -2.35 -33.43
N THR C 282 11.44 -3.29 -33.87
CA THR C 282 11.87 -4.36 -32.98
C THR C 282 12.83 -3.83 -31.92
N VAL C 283 13.75 -2.96 -32.32
CA VAL C 283 14.70 -2.36 -31.38
C VAL C 283 13.95 -1.56 -30.32
N LEU C 284 12.99 -0.73 -30.75
CA LEU C 284 12.28 0.13 -29.81
C LEU C 284 11.33 -0.66 -28.92
N THR C 285 10.71 -1.71 -29.47
CA THR C 285 9.86 -2.57 -28.66
C THR C 285 10.66 -3.24 -27.55
N MET C 286 11.91 -3.63 -27.84
CA MET C 286 12.74 -4.28 -26.84
C MET C 286 13.14 -3.31 -25.74
N THR C 287 13.25 -2.03 -26.06
CA THR C 287 13.54 -1.03 -25.04
C THR C 287 12.34 -0.82 -24.12
N THR C 288 11.15 -0.72 -24.69
CA THR C 288 9.94 -0.53 -23.88
C THR C 288 9.72 -1.72 -22.95
N ILE C 289 10.01 -2.93 -23.42
CA ILE C 289 9.85 -4.12 -22.60
C ILE C 289 10.83 -4.08 -21.42
N ASN C 290 12.08 -3.74 -21.70
CA ASN C 290 13.10 -3.67 -20.66
C ASN C 290 12.71 -2.67 -19.58
N THR C 291 12.43 -1.43 -19.99
CA THR C 291 12.19 -0.36 -19.01
C THR C 291 10.94 -0.63 -18.20
N HIS C 292 9.86 -1.09 -18.86
CA HIS C 292 8.66 -1.48 -18.16
C HIS C 292 8.94 -2.51 -17.07
N LEU C 293 9.68 -3.57 -17.42
CA LEU C 293 9.94 -4.66 -16.50
C LEU C 293 10.56 -4.16 -15.20
N ARG C 294 11.60 -3.33 -15.31
CA ARG C 294 12.37 -2.92 -14.14
C ARG C 294 11.61 -1.92 -13.28
N GLU C 295 10.51 -1.36 -13.79
CA GLU C 295 9.62 -0.52 -13.00
C GLU C 295 8.69 -1.33 -12.10
N THR C 296 8.64 -2.65 -12.28
CA THR C 296 7.87 -3.54 -11.43
C THR C 296 8.67 -4.06 -10.26
N LEU C 297 9.95 -3.70 -10.17
CA LEU C 297 10.92 -4.31 -9.27
C LEU C 297 11.64 -3.20 -8.52
N PRO C 298 12.30 -3.52 -7.41
CA PRO C 298 13.08 -2.50 -6.70
C PRO C 298 14.30 -2.07 -7.50
N LYS C 299 14.82 -0.90 -7.12
CA LYS C 299 15.92 -0.24 -7.83
C LYS C 299 17.25 -0.84 -7.38
N ILE C 300 17.45 -2.10 -7.73
CA ILE C 300 18.67 -2.82 -7.39
C ILE C 300 19.77 -2.43 -8.36
N PRO C 301 21.03 -2.37 -7.92
CA PRO C 301 22.12 -1.96 -8.81
C PRO C 301 22.74 -3.08 -9.66
N TYR C 302 22.32 -4.32 -9.49
CA TYR C 302 22.95 -5.43 -10.19
C TYR C 302 22.06 -5.95 -11.31
N VAL C 303 22.65 -6.78 -12.17
CA VAL C 303 21.95 -7.35 -13.31
C VAL C 303 21.30 -8.66 -12.90
N LYS C 304 20.02 -8.80 -13.21
CA LYS C 304 19.27 -10.02 -12.94
C LYS C 304 19.39 -10.99 -14.12
N ALA C 305 18.84 -12.19 -13.93
CA ALA C 305 18.80 -13.16 -15.01
C ALA C 305 17.96 -12.66 -16.17
N ILE C 306 16.81 -12.05 -15.87
CA ILE C 306 15.91 -11.58 -16.94
C ILE C 306 16.56 -10.43 -17.71
N ASP C 307 17.29 -9.57 -17.01
CA ASP C 307 18.05 -8.51 -17.68
C ASP C 307 19.03 -9.09 -18.69
N MET C 308 19.71 -10.18 -18.33
CA MET C 308 20.68 -10.79 -19.24
C MET C 308 19.99 -11.27 -20.51
N TYR C 309 18.81 -11.88 -20.37
CA TYR C 309 18.07 -12.36 -21.53
C TYR C 309 17.67 -11.20 -22.44
N LEU C 310 17.10 -10.15 -21.84
CA LEU C 310 16.62 -9.02 -22.63
C LEU C 310 17.78 -8.32 -23.34
N MET C 311 18.94 -8.27 -22.68
CA MET C 311 20.11 -7.66 -23.31
C MET C 311 20.60 -8.49 -24.47
N GLY C 312 20.57 -9.82 -24.35
CA GLY C 312 20.88 -10.67 -25.48
C GLY C 312 19.92 -10.47 -26.63
N CYS C 313 18.62 -10.42 -26.34
CA CYS C 313 17.63 -10.25 -27.40
C CYS C 313 17.80 -8.89 -28.08
N PHE C 314 18.09 -7.85 -27.29
CA PHE C 314 18.33 -6.52 -27.85
C PHE C 314 19.49 -6.55 -28.85
N VAL C 315 20.58 -7.22 -28.48
CA VAL C 315 21.76 -7.27 -29.34
C VAL C 315 21.43 -7.95 -30.66
N PHE C 316 20.64 -9.03 -30.63
CA PHE C 316 20.27 -9.71 -31.86
C PHE C 316 19.51 -8.77 -32.78
N VAL C 317 18.48 -8.10 -32.27
CA VAL C 317 17.61 -7.32 -33.14
C VAL C 317 18.35 -6.08 -33.62
N PHE C 318 19.22 -5.52 -32.79
CA PHE C 318 20.02 -4.37 -33.18
C PHE C 318 20.99 -4.73 -34.30
N LEU C 319 21.63 -5.89 -34.19
CA LEU C 319 22.53 -6.35 -35.24
C LEU C 319 21.79 -6.63 -36.55
N ALA C 320 20.53 -7.07 -36.46
CA ALA C 320 19.76 -7.30 -37.68
C ALA C 320 19.56 -6.01 -38.45
N LEU C 321 19.29 -4.91 -37.74
CA LEU C 321 19.16 -3.62 -38.40
C LEU C 321 20.51 -3.17 -38.95
N LEU C 322 21.58 -3.34 -38.15
CA LEU C 322 22.91 -2.97 -38.61
C LEU C 322 23.34 -3.79 -39.80
N GLU C 323 22.89 -5.05 -39.88
CA GLU C 323 23.15 -5.87 -41.05
C GLU C 323 22.62 -5.20 -42.30
N TYR C 324 21.41 -4.62 -42.22
CA TYR C 324 20.85 -3.97 -43.40
C TYR C 324 21.63 -2.71 -43.75
N ALA C 325 22.02 -1.94 -42.73
CA ALA C 325 22.87 -0.77 -42.97
C ALA C 325 24.10 -1.17 -43.75
N PHE C 326 24.70 -2.31 -43.39
CA PHE C 326 25.88 -2.79 -44.09
C PHE C 326 25.52 -3.16 -45.52
N VAL C 327 24.42 -3.90 -45.70
CA VAL C 327 23.98 -4.27 -47.04
C VAL C 327 23.71 -3.00 -47.85
N ASN C 328 22.95 -2.06 -47.26
CA ASN C 328 22.63 -0.81 -47.93
C ASN C 328 23.93 -0.09 -48.29
N TYR C 329 24.91 -0.14 -47.38
CA TYR C 329 26.16 0.59 -47.54
C TYR C 329 26.93 0.09 -48.76
N ILE C 330 26.77 -1.17 -49.14
CA ILE C 330 27.70 -1.60 -50.16
C ILE C 330 26.95 -1.75 -51.46
N PHE C 331 25.62 -1.85 -51.38
CA PHE C 331 24.89 -2.14 -52.60
C PHE C 331 24.84 -0.86 -53.42
N PHE C 332 24.92 0.28 -52.71
CA PHE C 332 24.94 1.63 -53.24
C PHE C 332 26.23 2.37 -52.92
N ALA C 447 23.87 -13.07 -50.59
CA ALA C 447 25.18 -12.78 -50.02
C ALA C 447 25.10 -12.63 -48.51
N ILE C 448 25.16 -11.37 -48.05
CA ILE C 448 25.10 -11.09 -46.62
C ILE C 448 23.76 -11.51 -46.04
N ASP C 449 22.67 -11.25 -46.77
CA ASP C 449 21.35 -11.70 -46.31
C ASP C 449 21.29 -13.21 -46.21
N ARG C 450 21.81 -13.92 -47.22
CA ARG C 450 21.74 -15.37 -47.20
C ARG C 450 22.51 -15.93 -46.00
N TRP C 451 23.69 -15.36 -45.73
CA TRP C 451 24.46 -15.74 -44.55
C TRP C 451 23.73 -15.36 -43.27
N SER C 452 23.00 -14.25 -43.29
CA SER C 452 22.24 -13.82 -42.12
C SER C 452 21.06 -14.76 -41.85
N ARG C 453 20.44 -15.29 -42.91
CA ARG C 453 19.27 -16.16 -42.73
C ARG C 453 19.59 -17.41 -41.92
N ILE C 454 20.85 -17.86 -41.97
CA ILE C 454 21.25 -19.07 -41.24
C ILE C 454 21.93 -18.72 -39.93
N VAL C 455 22.83 -17.73 -39.93
CA VAL C 455 23.68 -17.49 -38.77
C VAL C 455 22.86 -16.91 -37.61
N PHE C 456 21.90 -16.02 -37.91
CA PHE C 456 21.13 -15.40 -36.85
C PHE C 456 20.25 -16.41 -36.12
N PRO C 457 19.40 -17.20 -36.78
CA PRO C 457 18.61 -18.18 -36.01
C PRO C 457 19.48 -19.16 -35.25
N PHE C 458 20.60 -19.56 -35.86
CA PHE C 458 21.51 -20.50 -35.22
C PHE C 458 22.14 -19.90 -33.97
N THR C 459 22.54 -18.64 -34.04
CA THR C 459 23.15 -17.99 -32.88
C THR C 459 22.14 -17.80 -31.76
N PHE C 460 20.90 -17.44 -32.11
CA PHE C 460 19.87 -17.25 -31.09
C PHE C 460 19.55 -18.56 -30.38
N SER C 461 19.54 -19.67 -31.13
CA SER C 461 19.32 -20.98 -30.51
C SER C 461 20.45 -21.30 -29.54
N LEU C 462 21.69 -21.07 -29.96
CA LEU C 462 22.83 -21.23 -29.08
C LEU C 462 22.70 -20.36 -27.84
N PHE C 463 22.39 -19.07 -28.04
CA PHE C 463 22.22 -18.16 -26.92
C PHE C 463 21.21 -18.70 -25.92
N ASN C 464 20.06 -19.15 -26.41
CA ASN C 464 19.01 -19.65 -25.53
C ASN C 464 19.49 -20.90 -24.80
N LEU C 465 20.18 -21.79 -25.52
CA LEU C 465 20.65 -23.04 -24.93
C LEU C 465 21.57 -22.74 -23.75
N VAL C 466 22.57 -21.89 -23.97
CA VAL C 466 23.52 -21.55 -22.90
C VAL C 466 22.78 -20.92 -21.73
N TYR C 467 21.88 -19.97 -22.02
CA TYR C 467 21.18 -19.25 -20.96
C TYR C 467 20.38 -20.22 -20.09
N TRP C 468 19.52 -21.02 -20.72
CA TRP C 468 18.58 -21.84 -19.95
C TRP C 468 19.27 -23.00 -19.26
N LEU C 469 20.45 -23.41 -19.75
CA LEU C 469 21.24 -24.41 -19.05
C LEU C 469 21.89 -23.83 -17.80
N TYR C 470 22.43 -22.62 -17.92
CA TYR C 470 23.11 -21.97 -16.80
C TYR C 470 22.14 -21.76 -15.63
N TYR C 471 20.90 -21.39 -15.93
CA TYR C 471 19.97 -20.89 -14.92
C TYR C 471 18.93 -21.92 -14.50
N VAL C 472 18.61 -22.89 -15.36
CA VAL C 472 17.76 -24.00 -14.96
C VAL C 472 18.63 -25.23 -14.70
N GLY D 32 -41.86 2.74 32.52
CA GLY D 32 -42.20 4.13 32.70
C GLY D 32 -41.47 4.78 33.87
N ASN D 33 -41.50 4.10 35.01
CA ASN D 33 -40.71 4.52 36.16
C ASN D 33 -39.24 4.21 35.90
N MET D 34 -38.44 5.25 35.67
CA MET D 34 -37.05 5.05 35.27
C MET D 34 -36.19 4.62 36.45
N SER D 35 -36.53 5.05 37.67
CA SER D 35 -35.83 4.58 38.86
C SER D 35 -36.07 3.09 39.07
N PHE D 36 -37.29 2.62 38.78
CA PHE D 36 -37.59 1.20 38.89
C PHE D 36 -36.80 0.39 37.85
N VAL D 37 -36.77 0.87 36.61
CA VAL D 37 -36.01 0.17 35.58
C VAL D 37 -34.52 0.22 35.91
N LYS D 38 -34.04 1.36 36.40
CA LYS D 38 -32.63 1.48 36.76
C LYS D 38 -32.29 0.49 37.87
N GLU D 39 -33.17 0.36 38.86
CA GLU D 39 -32.96 -0.59 39.95
C GLU D 39 -32.88 -2.00 39.41
N THR D 40 -33.85 -2.39 38.57
CA THR D 40 -33.87 -3.73 38.00
C THR D 40 -32.57 -4.02 37.26
N VAL D 41 -32.13 -3.09 36.40
CA VAL D 41 -30.94 -3.33 35.59
C VAL D 41 -29.69 -3.36 36.48
N ASP D 42 -29.61 -2.45 37.45
CA ASP D 42 -28.49 -2.49 38.38
C ASP D 42 -28.40 -3.83 39.09
N LYS D 43 -29.55 -4.39 39.47
CA LYS D 43 -29.58 -5.69 40.14
C LYS D 43 -29.07 -6.78 39.21
N LEU D 44 -29.45 -6.72 37.94
CA LEU D 44 -28.99 -7.69 36.95
C LEU D 44 -27.47 -7.73 36.89
N LEU D 45 -26.82 -6.57 36.93
CA LEU D 45 -25.39 -6.45 36.71
C LEU D 45 -24.59 -6.52 38.01
N LYS D 46 -25.28 -6.59 39.15
CA LYS D 46 -24.60 -6.68 40.43
C LYS D 46 -24.02 -8.07 40.60
N GLY D 47 -22.70 -8.15 40.75
CA GLY D 47 -22.02 -9.43 40.86
C GLY D 47 -21.98 -10.23 39.58
N TYR D 48 -22.29 -9.61 38.45
CA TYR D 48 -22.21 -10.29 37.17
C TYR D 48 -20.74 -10.47 36.79
N ASP D 49 -20.35 -11.70 36.48
CA ASP D 49 -18.98 -12.00 36.09
C ASP D 49 -18.91 -12.18 34.58
N ILE D 50 -18.36 -11.18 33.90
CA ILE D 50 -18.17 -11.23 32.46
C ILE D 50 -17.26 -12.35 32.03
N ARG D 51 -16.44 -12.88 32.94
CA ARG D 51 -15.46 -13.90 32.57
C ARG D 51 -16.10 -15.23 32.27
N LEU D 52 -17.30 -15.48 32.80
CA LEU D 52 -17.94 -16.80 32.75
C LEU D 52 -19.05 -16.74 31.72
N ARG D 53 -19.05 -17.68 30.78
CA ARG D 53 -20.15 -17.81 29.85
C ARG D 53 -21.42 -18.21 30.59
N PRO D 54 -22.59 -17.90 30.00
CA PRO D 54 -23.84 -18.44 30.54
C PRO D 54 -23.80 -19.96 30.63
N ASP D 55 -24.29 -20.48 31.77
CA ASP D 55 -24.32 -21.92 32.04
C ASP D 55 -22.93 -22.52 32.05
N PHE D 56 -21.92 -21.73 32.45
CA PHE D 56 -20.57 -22.21 32.63
C PHE D 56 -20.56 -23.54 33.36
N GLY D 57 -19.82 -24.51 32.80
CA GLY D 57 -19.74 -25.83 33.39
C GLY D 57 -20.91 -26.73 33.06
N GLY D 58 -21.91 -26.22 32.33
CA GLY D 58 -23.08 -26.98 31.98
C GLY D 58 -23.15 -27.23 30.49
N PRO D 59 -24.34 -27.49 29.97
CA PRO D 59 -24.49 -27.70 28.53
C PRO D 59 -24.08 -26.46 27.75
N PRO D 60 -23.69 -26.60 26.49
CA PRO D 60 -23.25 -25.43 25.73
C PRO D 60 -24.38 -24.41 25.56
N VAL D 61 -23.99 -23.15 25.49
CA VAL D 61 -24.92 -22.08 25.14
C VAL D 61 -25.15 -22.08 23.63
N CYS D 62 -26.41 -22.09 23.23
CA CYS D 62 -26.78 -22.06 21.82
C CYS D 62 -26.84 -20.60 21.38
N VAL D 63 -26.05 -20.24 20.37
CA VAL D 63 -26.00 -18.88 19.84
C VAL D 63 -26.57 -18.89 18.43
N GLY D 64 -27.66 -18.16 18.24
CA GLY D 64 -28.25 -18.02 16.92
C GLY D 64 -27.70 -16.79 16.21
N MET D 65 -27.46 -16.93 14.91
CA MET D 65 -26.84 -15.87 14.14
C MET D 65 -27.66 -15.60 12.88
N ASN D 66 -27.90 -14.31 12.60
CA ASN D 66 -28.51 -13.89 11.36
C ASN D 66 -27.75 -12.70 10.81
N ILE D 67 -27.63 -12.65 9.49
CA ILE D 67 -26.89 -11.62 8.78
C ILE D 67 -27.85 -10.87 7.88
N ASP D 68 -27.75 -9.54 7.88
CA ASP D 68 -28.42 -8.68 6.91
C ASP D 68 -27.33 -8.00 6.09
N ILE D 69 -27.21 -8.40 4.82
CA ILE D 69 -26.16 -7.88 3.95
C ILE D 69 -26.51 -6.45 3.52
N ALA D 70 -25.55 -5.54 3.68
CA ALA D 70 -25.72 -4.17 3.22
C ALA D 70 -25.15 -3.94 1.83
N SER D 71 -23.96 -4.47 1.56
CA SER D 71 -23.26 -4.22 0.30
C SER D 71 -22.12 -5.22 0.19
N ILE D 72 -21.74 -5.50 -1.06
CA ILE D 72 -20.40 -5.98 -1.38
C ILE D 72 -19.70 -4.90 -2.19
N ASP D 73 -18.76 -4.20 -1.56
CA ASP D 73 -18.23 -2.97 -2.14
C ASP D 73 -17.29 -3.27 -3.30
N MET D 74 -16.47 -4.31 -3.17
CA MET D 74 -15.35 -4.54 -4.08
C MET D 74 -15.07 -6.03 -4.15
N VAL D 75 -14.65 -6.48 -5.32
CA VAL D 75 -14.07 -7.80 -5.51
C VAL D 75 -12.76 -7.63 -6.26
N SER D 76 -11.66 -8.10 -5.66
CA SER D 76 -10.32 -7.91 -6.18
C SER D 76 -9.76 -9.25 -6.62
N GLU D 77 -9.49 -9.39 -7.92
CA GLU D 77 -8.74 -10.54 -8.42
C GLU D 77 -7.27 -10.47 -8.00
N VAL D 78 -6.67 -9.28 -8.04
CA VAL D 78 -5.25 -9.16 -7.74
C VAL D 78 -4.96 -9.54 -6.30
N ASN D 79 -5.80 -9.07 -5.38
CA ASN D 79 -5.63 -9.39 -3.96
C ASN D 79 -6.39 -10.65 -3.56
N MET D 80 -7.17 -11.24 -4.46
CA MET D 80 -8.01 -12.40 -4.19
C MET D 80 -8.79 -12.22 -2.88
N ASP D 81 -9.62 -11.19 -2.87
CA ASP D 81 -10.45 -10.90 -1.71
C ASP D 81 -11.66 -10.07 -2.15
N TYR D 82 -12.59 -9.90 -1.21
CA TYR D 82 -13.78 -9.11 -1.43
C TYR D 82 -14.10 -8.37 -0.15
N THR D 83 -14.86 -7.29 -0.27
CA THR D 83 -15.21 -6.44 0.88
C THR D 83 -16.71 -6.47 1.07
N LEU D 84 -17.15 -6.87 2.26
CA LEU D 84 -18.54 -7.05 2.60
C LEU D 84 -18.92 -6.12 3.74
N THR D 85 -20.10 -5.51 3.65
CA THR D 85 -20.70 -4.81 4.77
C THR D 85 -22.00 -5.49 5.14
N MET D 86 -22.20 -5.73 6.43
CA MET D 86 -23.34 -6.50 6.89
C MET D 86 -23.76 -6.03 8.28
N TYR D 87 -24.99 -6.32 8.63
CA TYR D 87 -25.47 -6.24 10.01
C TYR D 87 -25.42 -7.64 10.62
N PHE D 88 -24.53 -7.83 11.59
CA PHE D 88 -24.28 -9.14 12.18
C PHE D 88 -24.95 -9.19 13.55
N GLN D 89 -25.87 -10.14 13.73
CA GLN D 89 -26.65 -10.24 14.95
C GLN D 89 -26.43 -11.60 15.60
N GLN D 90 -26.34 -11.61 16.93
CA GLN D 90 -26.17 -12.82 17.71
C GLN D 90 -27.30 -12.93 18.72
N TYR D 91 -27.88 -14.13 18.81
N TYR D 91 -27.81 -14.15 18.89
CA TYR D 91 -28.98 -14.43 19.71
CA TYR D 91 -28.99 -14.43 19.70
C TYR D 91 -28.55 -15.51 20.68
C TYR D 91 -28.67 -15.55 20.67
N TRP D 92 -28.74 -15.27 21.97
CA TRP D 92 -28.49 -16.30 22.97
C TRP D 92 -29.27 -15.96 24.23
N ARG D 93 -29.37 -16.94 25.12
CA ARG D 93 -30.02 -16.78 26.41
C ARG D 93 -28.97 -16.73 27.52
N ASP D 94 -29.02 -15.69 28.34
CA ASP D 94 -28.20 -15.60 29.55
C ASP D 94 -29.16 -15.47 30.74
N LYS D 95 -29.35 -16.58 31.46
CA LYS D 95 -30.29 -16.60 32.59
C LYS D 95 -29.91 -15.64 33.70
N ARG D 96 -28.65 -15.18 33.73
CA ARG D 96 -28.25 -14.16 34.70
C ARG D 96 -28.92 -12.82 34.45
N LEU D 97 -29.43 -12.58 33.25
CA LEU D 97 -30.00 -11.30 32.88
C LEU D 97 -31.52 -11.32 32.85
N ALA D 98 -32.14 -12.42 33.26
CA ALA D 98 -33.59 -12.52 33.30
C ALA D 98 -34.16 -11.53 34.32
N TYR D 99 -35.26 -10.86 33.94
CA TYR D 99 -35.89 -9.88 34.81
C TYR D 99 -37.41 -10.09 34.75
N SER D 100 -38.06 -9.75 35.87
CA SER D 100 -39.50 -9.91 36.01
C SER D 100 -40.15 -8.56 36.30
N GLY D 101 -41.46 -8.52 36.08
CA GLY D 101 -42.26 -7.36 36.42
C GLY D 101 -42.14 -6.21 35.45
N ILE D 102 -41.54 -6.43 34.29
CA ILE D 102 -41.46 -5.45 33.21
C ILE D 102 -41.83 -6.17 31.92
N PRO D 103 -43.05 -5.97 31.38
CA PRO D 103 -43.45 -6.61 30.14
C PRO D 103 -43.01 -5.85 28.88
N LEU D 104 -41.72 -5.54 28.82
CA LEU D 104 -41.12 -4.88 27.68
C LEU D 104 -39.81 -5.58 27.34
N ASN D 105 -39.38 -5.44 26.10
CA ASN D 105 -37.98 -5.68 25.75
C ASN D 105 -37.19 -4.39 25.93
N LEU D 106 -36.11 -4.48 26.69
CA LEU D 106 -35.28 -3.32 27.03
C LEU D 106 -34.21 -3.15 25.96
N THR D 107 -34.30 -2.07 25.19
CA THR D 107 -33.20 -1.63 24.35
C THR D 107 -32.29 -0.74 25.18
N LEU D 108 -31.04 -1.14 25.33
CA LEU D 108 -30.08 -0.45 26.17
C LEU D 108 -29.02 0.23 25.32
N ASP D 109 -28.45 1.30 25.87
CA ASP D 109 -27.33 1.98 25.22
C ASP D 109 -26.21 0.99 24.93
N ASN D 110 -25.57 1.15 23.77
CA ASN D 110 -24.60 0.17 23.31
C ASN D 110 -23.41 0.03 24.25
N ARG D 111 -23.16 1.02 25.11
CA ARG D 111 -22.05 0.93 26.04
C ARG D 111 -22.23 -0.15 27.10
N VAL D 112 -23.47 -0.63 27.30
CA VAL D 112 -23.71 -1.72 28.25
C VAL D 112 -23.02 -3.00 27.79
N ALA D 113 -22.76 -3.14 26.49
CA ALA D 113 -22.12 -4.34 25.96
C ALA D 113 -20.79 -4.63 26.65
N ASP D 114 -20.10 -3.58 27.12
CA ASP D 114 -18.82 -3.74 27.80
C ASP D 114 -18.95 -4.37 29.17
N GLN D 115 -20.17 -4.43 29.72
CA GLN D 115 -20.40 -5.02 31.03
C GLN D 115 -21.01 -6.41 30.95
N LEU D 116 -21.22 -6.93 29.74
CA LEU D 116 -21.87 -8.21 29.53
C LEU D 116 -20.88 -9.20 28.93
N TRP D 117 -21.13 -10.49 29.16
CA TRP D 117 -20.52 -11.52 28.34
C TRP D 117 -21.09 -11.46 26.93
N VAL D 118 -20.21 -11.56 25.93
CA VAL D 118 -20.65 -11.78 24.56
C VAL D 118 -19.82 -12.92 23.96
N PRO D 119 -20.34 -13.60 22.94
CA PRO D 119 -19.56 -14.66 22.29
C PRO D 119 -18.28 -14.13 21.69
N ASP D 120 -17.30 -15.01 21.57
CA ASP D 120 -16.00 -14.66 20.98
C ASP D 120 -15.96 -15.01 19.51
N THR D 121 -16.95 -14.52 18.77
CA THR D 121 -17.09 -14.84 17.36
C THR D 121 -16.06 -14.09 16.53
N TYR D 122 -15.48 -14.79 15.56
CA TYR D 122 -14.56 -14.16 14.62
C TYR D 122 -14.77 -14.75 13.23
N PHE D 123 -14.18 -14.09 12.24
CA PHE D 123 -14.28 -14.50 10.84
C PHE D 123 -12.94 -15.07 10.41
N LEU D 124 -12.90 -16.39 10.24
CA LEU D 124 -11.62 -17.09 10.10
C LEU D 124 -10.90 -16.70 8.82
N ASN D 125 -11.62 -16.32 7.76
CA ASN D 125 -10.99 -15.96 6.50
C ASN D 125 -11.00 -14.45 6.25
N ASP D 126 -11.18 -13.65 7.29
CA ASP D 126 -11.12 -12.20 7.13
C ASP D 126 -9.68 -11.70 7.11
N LYS D 127 -9.46 -10.63 6.33
CA LYS D 127 -8.16 -9.98 6.25
C LYS D 127 -8.08 -8.71 7.09
N LYS D 128 -9.16 -7.93 7.10
CA LYS D 128 -9.21 -6.68 7.85
C LYS D 128 -10.67 -6.31 8.05
N SER D 129 -11.05 -6.06 9.30
CA SER D 129 -12.44 -5.77 9.63
C SER D 129 -12.49 -4.71 10.73
N PHE D 130 -13.61 -3.99 10.78
CA PHE D 130 -13.82 -3.00 11.82
C PHE D 130 -15.32 -2.84 12.06
N VAL D 131 -15.67 -2.44 13.28
CA VAL D 131 -17.01 -1.99 13.61
C VAL D 131 -17.10 -0.48 13.38
N HIS D 132 -18.10 -0.06 12.62
CA HIS D 132 -18.29 1.36 12.35
C HIS D 132 -18.49 2.12 13.65
N GLY D 133 -17.95 3.34 13.71
CA GLY D 133 -17.87 4.06 14.96
C GLY D 133 -18.52 5.43 15.01
N VAL D 134 -19.20 5.84 13.94
CA VAL D 134 -19.84 7.14 13.88
C VAL D 134 -21.35 6.94 13.77
N THR D 135 -22.12 7.73 14.52
CA THR D 135 -21.61 8.71 15.47
C THR D 135 -21.22 8.03 16.79
N VAL D 136 -21.66 6.78 16.91
CA VAL D 136 -21.33 5.92 18.04
C VAL D 136 -20.95 4.57 17.45
N LYS D 137 -20.47 3.67 18.30
CA LYS D 137 -20.17 2.33 17.85
C LYS D 137 -21.46 1.67 17.36
N ASN D 138 -21.45 1.20 16.11
CA ASN D 138 -22.65 0.64 15.51
C ASN D 138 -22.93 -0.71 16.15
N ARG D 139 -23.54 -0.64 17.32
CA ARG D 139 -23.74 -1.81 18.18
C ARG D 139 -25.09 -1.68 18.87
N MET D 140 -25.77 -2.81 19.05
CA MET D 140 -27.06 -2.83 19.71
C MET D 140 -27.07 -3.90 20.79
N ILE D 141 -27.77 -3.62 21.89
CA ILE D 141 -28.08 -4.61 22.92
C ILE D 141 -29.56 -4.51 23.23
N ARG D 142 -30.29 -5.62 23.05
CA ARG D 142 -31.69 -5.70 23.45
C ARG D 142 -31.86 -6.89 24.38
N LEU D 143 -32.33 -6.64 25.58
CA LEU D 143 -32.64 -7.68 26.56
C LEU D 143 -34.12 -8.05 26.51
N HIS D 144 -34.41 -9.31 26.85
CA HIS D 144 -35.76 -9.82 26.90
C HIS D 144 -36.03 -10.39 28.30
N PRO D 145 -37.30 -10.36 28.74
CA PRO D 145 -37.60 -10.79 30.12
C PRO D 145 -37.08 -12.17 30.49
N ASP D 146 -37.00 -13.10 29.53
CA ASP D 146 -36.51 -14.44 29.81
C ASP D 146 -34.99 -14.53 29.82
N GLY D 147 -34.28 -13.42 29.63
CA GLY D 147 -32.84 -13.42 29.62
C GLY D 147 -32.21 -13.62 28.25
N THR D 148 -33.01 -13.61 27.19
CA THR D 148 -32.45 -13.60 25.85
C THR D 148 -31.76 -12.28 25.56
N VAL D 149 -30.53 -12.35 25.05
CA VAL D 149 -29.75 -11.18 24.68
C VAL D 149 -29.65 -11.12 23.17
N LEU D 150 -30.01 -9.98 22.59
CA LEU D 150 -29.82 -9.70 21.17
C LEU D 150 -28.69 -8.71 21.01
N TYR D 151 -27.63 -9.12 20.33
CA TYR D 151 -26.43 -8.32 20.18
C TYR D 151 -26.16 -8.13 18.69
N GLY D 152 -26.21 -6.89 18.24
CA GLY D 152 -26.05 -6.58 16.82
C GLY D 152 -24.85 -5.69 16.58
N LEU D 153 -24.15 -5.96 15.47
CA LEU D 153 -23.00 -5.17 15.06
C LEU D 153 -23.11 -4.88 13.57
N ARG D 154 -22.65 -3.69 13.16
CA ARG D 154 -22.49 -3.37 11.76
C ARG D 154 -21.01 -3.44 11.42
N ILE D 155 -20.65 -4.39 10.56
CA ILE D 155 -19.26 -4.74 10.32
C ILE D 155 -18.96 -4.59 8.83
N THR D 156 -17.80 -4.04 8.52
CA THR D 156 -17.23 -4.15 7.19
C THR D 156 -16.01 -5.06 7.27
N THR D 157 -15.98 -6.08 6.42
CA THR D 157 -14.90 -7.07 6.41
C THR D 157 -14.35 -7.19 5.00
N THR D 158 -13.02 -7.19 4.89
CA THR D 158 -12.33 -7.70 3.71
C THR D 158 -11.93 -9.15 3.99
N ALA D 159 -12.45 -10.06 3.18
CA ALA D 159 -12.28 -11.49 3.41
C ALA D 159 -11.63 -12.14 2.21
N ALA D 160 -10.75 -13.12 2.47
CA ALA D 160 -10.05 -13.82 1.42
C ALA D 160 -11.03 -14.63 0.56
N CYS D 161 -10.71 -14.73 -0.73
CA CYS D 161 -11.46 -15.61 -1.64
C CYS D 161 -10.50 -16.07 -2.73
N MET D 162 -9.99 -17.29 -2.59
CA MET D 162 -9.14 -17.87 -3.62
C MET D 162 -9.96 -18.13 -4.87
N MET D 163 -9.51 -17.59 -6.00
CA MET D 163 -10.24 -17.67 -7.25
C MET D 163 -9.51 -18.58 -8.24
N ASP D 164 -10.29 -19.34 -8.99
CA ASP D 164 -9.79 -20.18 -10.09
C ASP D 164 -9.95 -19.39 -11.37
N LEU D 165 -8.84 -18.85 -11.89
CA LEU D 165 -8.88 -17.96 -13.03
C LEU D 165 -8.55 -18.66 -14.34
N ARG D 166 -8.69 -19.99 -14.38
CA ARG D 166 -8.37 -20.74 -15.59
C ARG D 166 -9.32 -20.39 -16.72
N ARG D 167 -10.57 -20.06 -16.40
CA ARG D 167 -11.58 -19.71 -17.39
C ARG D 167 -11.82 -18.22 -17.47
N TYR D 168 -10.99 -17.42 -16.80
CA TYR D 168 -11.18 -15.98 -16.76
C TYR D 168 -11.06 -15.41 -18.17
N PRO D 169 -11.94 -14.49 -18.56
CA PRO D 169 -13.04 -13.92 -17.77
C PRO D 169 -14.39 -14.58 -17.94
N LEU D 170 -14.43 -15.86 -18.28
CA LEU D 170 -15.67 -16.62 -18.38
C LEU D 170 -15.84 -17.54 -17.18
N ASP D 171 -15.44 -17.06 -15.99
CA ASP D 171 -15.28 -17.90 -14.81
C ASP D 171 -16.44 -17.71 -13.85
N GLU D 172 -16.63 -18.70 -13.00
CA GLU D 172 -17.57 -18.66 -11.89
C GLU D 172 -16.78 -18.89 -10.60
N GLN D 173 -16.97 -18.02 -9.62
CA GLN D 173 -16.22 -18.11 -8.38
C GLN D 173 -17.13 -18.43 -7.21
N ASN D 174 -16.53 -19.06 -6.20
CA ASN D 174 -17.18 -19.37 -4.92
C ASN D 174 -16.42 -18.61 -3.84
N CYS D 175 -17.05 -17.60 -3.26
CA CYS D 175 -16.47 -16.84 -2.16
C CYS D 175 -17.28 -17.10 -0.89
N THR D 176 -16.59 -17.46 0.18
CA THR D 176 -17.22 -17.83 1.44
C THR D 176 -16.89 -16.82 2.52
N LEU D 177 -17.71 -16.83 3.58
CA LEU D 177 -17.38 -16.21 4.86
C LEU D 177 -17.49 -17.27 5.95
N GLU D 178 -16.39 -17.55 6.62
CA GLU D 178 -16.33 -18.60 7.62
C GLU D 178 -16.42 -17.99 9.02
N ILE D 179 -17.46 -18.37 9.76
CA ILE D 179 -17.77 -17.80 11.07
C ILE D 179 -17.52 -18.87 12.12
N GLU D 180 -16.73 -18.54 13.14
CA GLU D 180 -16.32 -19.55 14.10
C GLU D 180 -16.20 -18.93 15.49
N SER D 181 -16.28 -19.77 16.51
CA SER D 181 -15.92 -19.39 17.86
C SER D 181 -14.42 -19.48 18.05
N TYR D 182 -13.81 -18.41 18.59
CA TYR D 182 -12.35 -18.40 18.71
C TYR D 182 -11.86 -19.39 19.77
N GLY D 183 -12.38 -19.27 20.99
CA GLY D 183 -11.78 -19.98 22.10
C GLY D 183 -12.68 -21.02 22.75
N TYR D 184 -13.99 -20.89 22.58
CA TYR D 184 -14.93 -21.84 23.15
C TYR D 184 -15.13 -22.99 22.18
N THR D 185 -14.97 -24.22 22.68
CA THR D 185 -15.25 -25.41 21.90
C THR D 185 -16.75 -25.70 21.88
N THR D 186 -17.12 -26.76 21.15
CA THR D 186 -18.51 -27.19 21.09
C THR D 186 -19.00 -27.78 22.41
N ASP D 187 -18.10 -28.04 23.35
CA ASP D 187 -18.52 -28.33 24.72
C ASP D 187 -19.15 -27.11 25.38
N ASP D 188 -18.77 -25.91 24.95
CA ASP D 188 -19.17 -24.68 25.63
C ASP D 188 -20.11 -23.81 24.83
N ILE D 189 -19.99 -23.78 23.51
CA ILE D 189 -20.82 -22.92 22.67
C ILE D 189 -21.21 -23.68 21.42
N GLU D 190 -22.41 -23.39 20.92
CA GLU D 190 -22.91 -23.96 19.68
C GLU D 190 -23.52 -22.86 18.82
N PHE D 191 -23.32 -22.95 17.51
CA PHE D 191 -23.88 -21.99 16.58
C PHE D 191 -24.99 -22.65 15.77
N TYR D 192 -25.98 -21.83 15.38
CA TYR D 192 -26.96 -22.25 14.39
C TYR D 192 -27.41 -21.03 13.60
N TRP D 193 -27.87 -21.28 12.38
CA TRP D 193 -28.50 -20.25 11.57
C TRP D 193 -29.93 -20.03 12.05
N ARG D 194 -30.18 -18.87 12.64
CA ARG D 194 -31.49 -18.59 13.25
C ARG D 194 -32.48 -18.27 12.13
N GLY D 195 -33.46 -19.15 11.95
CA GLY D 195 -34.36 -19.10 10.82
C GLY D 195 -33.99 -20.00 9.67
N GLY D 196 -32.99 -20.85 9.82
CA GLY D 196 -32.55 -21.73 8.75
C GLY D 196 -32.14 -20.97 7.51
N ASP D 197 -32.85 -21.22 6.41
CA ASP D 197 -32.49 -20.67 5.12
C ASP D 197 -32.85 -19.20 4.97
N LYS D 198 -33.57 -18.63 5.93
CA LYS D 198 -33.90 -17.21 5.95
C LYS D 198 -33.00 -16.41 6.88
N ALA D 199 -31.96 -17.04 7.44
CA ALA D 199 -31.10 -16.35 8.40
C ALA D 199 -30.29 -15.24 7.75
N VAL D 200 -30.10 -15.27 6.44
CA VAL D 200 -29.32 -14.26 5.73
C VAL D 200 -30.25 -13.52 4.79
N THR D 201 -30.34 -12.21 4.98
CA THR D 201 -31.18 -11.34 4.16
C THR D 201 -30.29 -10.37 3.38
N GLY D 202 -30.90 -9.74 2.38
CA GLY D 202 -30.25 -8.65 1.67
C GLY D 202 -29.37 -9.08 0.51
N VAL D 203 -29.46 -10.34 0.08
CA VAL D 203 -28.67 -10.78 -1.06
C VAL D 203 -29.09 -10.03 -2.32
N GLU D 204 -30.35 -9.60 -2.38
CA GLU D 204 -30.83 -8.83 -3.53
C GLU D 204 -30.21 -7.44 -3.58
N ARG D 205 -29.65 -6.95 -2.48
CA ARG D 205 -29.05 -5.63 -2.44
C ARG D 205 -27.69 -5.59 -3.14
N ILE D 206 -27.02 -6.74 -3.24
CA ILE D 206 -25.67 -6.78 -3.79
C ILE D 206 -25.72 -6.32 -5.25
N GLU D 207 -24.95 -5.29 -5.56
CA GLU D 207 -24.93 -4.69 -6.90
C GLU D 207 -23.48 -4.56 -7.34
N LEU D 208 -22.92 -5.67 -7.82
CA LEU D 208 -21.59 -5.66 -8.40
C LEU D 208 -21.70 -5.52 -9.90
N PRO D 209 -21.11 -4.48 -10.51
CA PRO D 209 -21.20 -4.34 -11.97
C PRO D 209 -20.68 -5.56 -12.72
N GLN D 210 -19.60 -6.17 -12.23
CA GLN D 210 -18.89 -7.21 -12.97
C GLN D 210 -19.40 -8.60 -12.65
N PHE D 211 -20.27 -8.75 -11.64
CA PHE D 211 -20.73 -10.07 -11.22
C PHE D 211 -22.23 -10.05 -10.97
N SER D 212 -22.86 -11.21 -11.18
CA SER D 212 -24.18 -11.51 -10.67
C SER D 212 -24.06 -12.57 -9.58
N ILE D 213 -24.84 -12.41 -8.53
CA ILE D 213 -24.94 -13.44 -7.49
C ILE D 213 -25.92 -14.52 -7.98
N VAL D 214 -25.38 -15.71 -8.28
CA VAL D 214 -26.21 -16.79 -8.76
C VAL D 214 -26.99 -17.42 -7.62
N GLU D 215 -26.32 -17.65 -6.49
CA GLU D 215 -26.85 -18.46 -5.41
C GLU D 215 -26.10 -18.10 -4.13
N HIS D 216 -26.75 -18.31 -3.00
CA HIS D 216 -26.07 -18.35 -1.71
C HIS D 216 -26.52 -19.59 -0.94
N ARG D 217 -25.63 -20.09 -0.10
CA ARG D 217 -25.90 -21.27 0.70
C ARG D 217 -25.45 -21.05 2.14
N LEU D 218 -26.13 -21.71 3.06
CA LEU D 218 -25.80 -21.66 4.48
C LEU D 218 -25.42 -23.05 4.94
N VAL D 219 -24.26 -23.17 5.59
CA VAL D 219 -23.78 -24.46 6.06
C VAL D 219 -23.46 -24.34 7.55
N SER D 220 -23.59 -25.47 8.26
CA SER D 220 -23.24 -25.59 9.66
C SER D 220 -22.44 -26.86 9.84
N ARG D 221 -21.30 -26.77 10.53
CA ARG D 221 -20.53 -27.97 10.83
C ARG D 221 -19.62 -27.68 12.01
N ASN D 222 -18.95 -28.74 12.48
CA ASN D 222 -17.93 -28.66 13.51
C ASN D 222 -16.56 -28.84 12.87
N VAL D 223 -15.60 -28.04 13.31
CA VAL D 223 -14.24 -28.08 12.79
C VAL D 223 -13.30 -28.43 13.94
N VAL D 224 -12.44 -29.41 13.72
CA VAL D 224 -11.54 -29.93 14.74
C VAL D 224 -10.15 -29.36 14.52
N PHE D 225 -9.56 -28.85 15.60
CA PHE D 225 -8.17 -28.43 15.65
C PHE D 225 -7.49 -29.13 16.81
N ALA D 226 -6.18 -28.90 16.94
CA ALA D 226 -5.41 -29.48 18.04
C ALA D 226 -5.99 -29.09 19.39
N THR D 227 -6.58 -27.89 19.49
CA THR D 227 -7.12 -27.41 20.75
C THR D 227 -8.56 -27.87 20.99
N GLY D 228 -9.19 -28.52 20.02
CA GLY D 228 -10.49 -29.13 20.21
C GLY D 228 -11.38 -28.90 19.01
N ALA D 229 -12.65 -29.25 19.19
CA ALA D 229 -13.67 -29.11 18.15
C ALA D 229 -14.41 -27.78 18.32
N TYR D 230 -14.54 -27.03 17.23
CA TYR D 230 -15.13 -25.71 17.31
C TYR D 230 -16.34 -25.61 16.39
N PRO D 231 -17.37 -24.86 16.80
CA PRO D 231 -18.54 -24.65 15.91
C PRO D 231 -18.20 -23.73 14.76
N ARG D 232 -18.75 -24.04 13.59
CA ARG D 232 -18.51 -23.27 12.39
C ARG D 232 -19.83 -23.00 11.68
N LEU D 233 -20.00 -21.77 11.21
CA LEU D 233 -21.01 -21.42 10.23
C LEU D 233 -20.34 -20.85 9.00
N SER D 234 -20.84 -21.23 7.82
CA SER D 234 -20.26 -20.80 6.56
C SER D 234 -21.34 -20.20 5.68
N LEU D 235 -21.07 -19.00 5.16
CA LEU D 235 -21.91 -18.35 4.17
C LEU D 235 -21.09 -18.23 2.89
N SER D 236 -21.63 -18.76 1.79
CA SER D 236 -20.95 -18.72 0.51
C SER D 236 -21.85 -18.12 -0.56
N PHE D 237 -21.23 -17.53 -1.57
CA PHE D 237 -21.93 -17.00 -2.73
C PHE D 237 -21.29 -17.55 -3.99
N ARG D 238 -22.11 -17.72 -5.03
CA ARG D 238 -21.62 -18.08 -6.35
C ARG D 238 -21.70 -16.84 -7.24
N LEU D 239 -20.54 -16.41 -7.74
CA LEU D 239 -20.43 -15.20 -8.55
C LEU D 239 -20.19 -15.59 -10.00
N LYS D 240 -20.97 -15.01 -10.90
CA LYS D 240 -20.80 -15.23 -12.33
C LYS D 240 -20.35 -13.92 -12.97
N ARG D 241 -19.17 -13.95 -13.59
CA ARG D 241 -18.60 -12.76 -14.19
C ARG D 241 -19.43 -12.34 -15.40
N ASN D 242 -19.73 -11.05 -15.51
CA ASN D 242 -20.36 -10.51 -16.71
C ASN D 242 -19.33 -10.33 -17.81
N ILE D 243 -19.61 -10.92 -18.97
CA ILE D 243 -18.65 -10.90 -20.08
C ILE D 243 -18.57 -9.52 -20.73
N GLY D 244 -19.65 -8.73 -20.66
CA GLY D 244 -19.79 -7.57 -21.53
C GLY D 244 -18.58 -6.65 -21.55
N TYR D 245 -18.05 -6.32 -20.36
CA TYR D 245 -16.90 -5.42 -20.28
C TYR D 245 -15.72 -5.99 -21.06
N PHE D 246 -15.50 -7.30 -20.97
CA PHE D 246 -14.33 -7.92 -21.54
C PHE D 246 -14.44 -8.03 -23.06
N ILE D 247 -15.63 -8.34 -23.56
CA ILE D 247 -15.89 -8.26 -25.00
C ILE D 247 -15.44 -6.91 -25.53
N LEU D 248 -15.80 -5.84 -24.84
CA LEU D 248 -15.55 -4.49 -25.34
C LEU D 248 -14.09 -4.10 -25.14
N GLN D 249 -13.49 -4.50 -24.02
CA GLN D 249 -12.19 -3.97 -23.62
C GLN D 249 -11.04 -4.73 -24.29
N THR D 250 -11.14 -6.05 -24.39
CA THR D 250 -10.04 -6.86 -24.91
C THR D 250 -10.42 -7.65 -26.16
N TYR D 251 -11.57 -8.31 -26.16
CA TYR D 251 -11.94 -9.17 -27.29
C TYR D 251 -12.11 -8.36 -28.58
N MET D 252 -12.89 -7.27 -28.51
CA MET D 252 -13.17 -6.51 -29.73
C MET D 252 -11.91 -5.87 -30.30
N PRO D 253 -11.06 -5.17 -29.53
CA PRO D 253 -9.80 -4.67 -30.12
C PRO D 253 -8.98 -5.74 -30.80
N SER D 254 -8.89 -6.94 -30.20
CA SER D 254 -8.09 -8.01 -30.80
C SER D 254 -8.69 -8.48 -32.12
N ILE D 255 -10.02 -8.57 -32.19
CA ILE D 255 -10.67 -8.93 -33.44
C ILE D 255 -10.40 -7.88 -34.51
N LEU D 256 -10.46 -6.61 -34.13
CA LEU D 256 -10.27 -5.53 -35.09
C LEU D 256 -8.84 -5.47 -35.59
N ILE D 257 -7.87 -5.75 -34.71
CA ILE D 257 -6.47 -5.81 -35.14
C ILE D 257 -6.26 -6.96 -36.11
N THR D 258 -6.89 -8.11 -35.84
CA THR D 258 -6.72 -9.27 -36.71
C THR D 258 -7.31 -9.00 -38.09
N ILE D 259 -8.47 -8.36 -38.14
CA ILE D 259 -9.08 -7.99 -39.42
C ILE D 259 -8.16 -7.00 -40.14
N LEU D 260 -7.64 -6.02 -39.40
CA LEU D 260 -6.71 -5.05 -39.97
C LEU D 260 -5.54 -5.73 -40.66
N SER D 261 -5.03 -6.80 -40.05
CA SER D 261 -3.88 -7.52 -40.62
C SER D 261 -4.17 -8.04 -42.01
N TRP D 262 -5.44 -8.36 -42.30
CA TRP D 262 -5.81 -8.98 -43.56
C TRP D 262 -5.83 -7.97 -44.72
N VAL D 263 -5.97 -6.68 -44.41
CA VAL D 263 -5.93 -5.63 -45.43
C VAL D 263 -4.70 -5.79 -46.31
N SER D 264 -3.59 -6.21 -45.71
CA SER D 264 -2.34 -6.43 -46.44
C SER D 264 -2.56 -7.26 -47.70
N PHE D 265 -3.43 -8.26 -47.64
CA PHE D 265 -3.54 -9.19 -48.76
C PHE D 265 -4.19 -8.56 -49.98
N TRP D 266 -4.86 -7.42 -49.81
CA TRP D 266 -5.43 -6.68 -50.93
CA TRP D 266 -5.43 -6.68 -50.93
C TRP D 266 -4.50 -5.62 -51.47
N ILE D 267 -3.33 -5.44 -50.88
CA ILE D 267 -2.36 -4.45 -51.31
C ILE D 267 -1.40 -5.10 -52.28
N ASN D 268 -0.95 -4.32 -53.27
CA ASN D 268 -0.02 -4.83 -54.26
C ASN D 268 1.27 -5.28 -53.59
N TYR D 269 1.82 -6.40 -54.09
CA TYR D 269 3.04 -6.97 -53.51
C TYR D 269 4.26 -6.08 -53.70
N ASP D 270 4.19 -5.09 -54.60
CA ASP D 270 5.30 -4.16 -54.75
C ASP D 270 5.31 -3.11 -53.65
N ALA D 271 4.19 -2.92 -52.96
CA ALA D 271 4.06 -1.95 -51.88
C ALA D 271 4.67 -2.49 -50.60
N SER D 272 6.01 -2.65 -50.64
CA SER D 272 6.70 -3.34 -49.56
C SER D 272 6.58 -2.56 -48.25
N ALA D 273 6.76 -1.25 -48.30
CA ALA D 273 6.67 -0.45 -47.09
C ALA D 273 5.27 -0.54 -46.49
N ALA D 274 4.24 -0.45 -47.32
CA ALA D 274 2.87 -0.46 -46.83
C ALA D 274 2.54 -1.80 -46.17
N ARG D 275 2.89 -2.91 -46.84
CA ARG D 275 2.48 -4.23 -46.37
C ARG D 275 3.30 -4.66 -45.16
N VAL D 276 4.57 -4.28 -45.11
CA VAL D 276 5.40 -4.58 -43.94
C VAL D 276 4.94 -3.75 -42.74
N ALA D 277 4.52 -2.50 -42.99
CA ALA D 277 4.01 -1.66 -41.92
C ALA D 277 2.78 -2.30 -41.28
N LEU D 278 1.85 -2.79 -42.10
CA LEU D 278 0.66 -3.45 -41.58
C LEU D 278 1.04 -4.63 -40.70
N GLY D 279 1.99 -5.45 -41.16
CA GLY D 279 2.41 -6.60 -40.37
C GLY D 279 2.97 -6.21 -39.02
N ILE D 280 3.90 -5.25 -39.01
CA ILE D 280 4.55 -4.83 -37.78
C ILE D 280 3.52 -4.27 -36.79
N THR D 281 2.73 -3.29 -37.24
CA THR D 281 1.86 -2.55 -36.33
C THR D 281 0.86 -3.47 -35.65
N THR D 282 0.32 -4.45 -36.39
CA THR D 282 -0.67 -5.36 -35.82
C THR D 282 0.01 -6.31 -34.83
N VAL D 283 1.19 -6.82 -35.18
CA VAL D 283 1.92 -7.71 -34.30
C VAL D 283 2.25 -7.00 -33.00
N LEU D 284 2.78 -5.78 -33.10
CA LEU D 284 3.21 -5.05 -31.90
C LEU D 284 2.03 -4.60 -31.07
N THR D 285 0.91 -4.22 -31.71
CA THR D 285 -0.28 -3.86 -30.96
C THR D 285 -0.79 -5.05 -30.15
N MET D 286 -0.70 -6.26 -30.71
CA MET D 286 -1.18 -7.44 -30.00
C MET D 286 -0.29 -7.77 -28.80
N THR D 287 1.00 -7.41 -28.86
CA THR D 287 1.88 -7.59 -27.71
C THR D 287 1.53 -6.61 -26.60
N THR D 288 1.31 -5.34 -26.95
CA THR D 288 0.97 -4.35 -25.94
C THR D 288 -0.35 -4.70 -25.25
N ILE D 289 -1.32 -5.22 -26.00
CA ILE D 289 -2.60 -5.61 -25.42
C ILE D 289 -2.40 -6.75 -24.43
N ASN D 290 -1.62 -7.76 -24.82
CA ASN D 290 -1.36 -8.91 -23.96
C ASN D 290 -0.71 -8.47 -22.65
N THR D 291 0.41 -7.75 -22.74
CA THR D 291 1.18 -7.42 -21.55
C THR D 291 0.40 -6.50 -20.62
N HIS D 292 -0.29 -5.51 -21.20
CA HIS D 292 -1.16 -4.64 -20.40
C HIS D 292 -2.18 -5.46 -19.61
N LEU D 293 -2.87 -6.39 -20.28
CA LEU D 293 -3.94 -7.15 -19.64
C LEU D 293 -3.44 -7.84 -18.39
N ARG D 294 -2.30 -8.54 -18.48
CA ARG D 294 -1.83 -9.38 -17.39
C ARG D 294 -1.27 -8.56 -16.24
N GLU D 295 -1.06 -7.26 -16.44
CA GLU D 295 -0.68 -6.34 -15.37
C GLU D 295 -1.87 -5.92 -14.53
N THR D 296 -3.09 -6.23 -14.96
CA THR D 296 -4.31 -5.96 -14.20
C THR D 296 -4.69 -7.11 -13.30
N LEU D 297 -3.94 -8.21 -13.33
CA LEU D 297 -4.30 -9.49 -12.74
C LEU D 297 -3.14 -9.98 -11.90
N PRO D 298 -3.37 -10.92 -10.99
CA PRO D 298 -2.26 -11.49 -10.22
C PRO D 298 -1.33 -12.33 -11.09
N LYS D 299 -0.12 -12.54 -10.56
CA LYS D 299 0.96 -13.21 -11.29
C LYS D 299 0.78 -14.73 -11.19
N ILE D 300 -0.28 -15.21 -11.81
CA ILE D 300 -0.59 -16.65 -11.81
C ILE D 300 0.28 -17.34 -12.85
N PRO D 301 0.70 -18.58 -12.61
CA PRO D 301 1.57 -19.29 -13.55
C PRO D 301 0.86 -20.02 -14.68
N TYR D 302 -0.47 -20.04 -14.73
CA TYR D 302 -1.19 -20.82 -15.71
C TYR D 302 -1.81 -19.90 -16.76
N VAL D 303 -2.26 -20.52 -17.85
CA VAL D 303 -2.87 -19.80 -18.97
C VAL D 303 -4.37 -19.68 -18.73
N LYS D 304 -4.89 -18.46 -18.87
CA LYS D 304 -6.31 -18.20 -18.74
C LYS D 304 -7.00 -18.36 -20.09
N ALA D 305 -8.34 -18.23 -20.06
CA ALA D 305 -9.10 -18.27 -21.30
C ALA D 305 -8.74 -17.08 -22.20
N ILE D 306 -8.61 -15.89 -21.61
CA ILE D 306 -8.32 -14.70 -22.40
C ILE D 306 -6.93 -14.79 -23.01
N ASP D 307 -5.97 -15.37 -22.27
CA ASP D 307 -4.64 -15.60 -22.82
C ASP D 307 -4.71 -16.47 -24.07
N MET D 308 -5.55 -17.51 -24.05
CA MET D 308 -5.66 -18.39 -25.20
C MET D 308 -6.15 -17.63 -26.42
N TYR D 309 -7.14 -16.76 -26.22
CA TYR D 309 -7.67 -15.96 -27.33
C TYR D 309 -6.59 -15.06 -27.90
N LEU D 310 -5.89 -14.32 -27.04
CA LEU D 310 -4.89 -13.37 -27.50
C LEU D 310 -3.74 -14.09 -28.21
N MET D 311 -3.40 -15.29 -27.75
CA MET D 311 -2.35 -16.07 -28.41
C MET D 311 -2.80 -16.52 -29.79
N GLY D 312 -4.06 -16.92 -29.92
CA GLY D 312 -4.60 -17.23 -31.24
C GLY D 312 -4.55 -16.03 -32.17
N CYS D 313 -4.98 -14.87 -31.67
CA CYS D 313 -5.01 -13.68 -32.51
C CYS D 313 -3.60 -13.28 -32.92
N PHE D 314 -2.64 -13.41 -31.99
CA PHE D 314 -1.24 -13.10 -32.30
C PHE D 314 -0.74 -13.98 -33.45
N VAL D 315 -1.05 -15.27 -33.40
CA VAL D 315 -0.58 -16.20 -34.42
C VAL D 315 -1.14 -15.82 -35.79
N PHE D 316 -2.41 -15.42 -35.84
CA PHE D 316 -2.99 -15.02 -37.12
C PHE D 316 -2.24 -13.83 -37.71
N VAL D 317 -2.03 -12.78 -36.91
CA VAL D 317 -1.48 -11.55 -37.46
C VAL D 317 0.00 -11.75 -37.79
N PHE D 318 0.69 -12.59 -37.00
CA PHE D 318 2.09 -12.90 -37.27
C PHE D 318 2.23 -13.66 -38.58
N LEU D 319 1.35 -14.63 -38.81
CA LEU D 319 1.38 -15.39 -40.07
C LEU D 319 1.04 -14.51 -41.26
N ALA D 320 0.21 -13.49 -41.07
CA ALA D 320 -0.10 -12.58 -42.17
C ALA D 320 1.16 -11.84 -42.62
N LEU D 321 1.98 -11.41 -41.68
CA LEU D 321 3.24 -10.76 -42.04
C LEU D 321 4.19 -11.76 -42.68
N LEU D 322 4.28 -12.97 -42.12
CA LEU D 322 5.13 -14.00 -42.68
C LEU D 322 4.68 -14.40 -44.08
N GLU D 323 3.36 -14.34 -44.33
CA GLU D 323 2.86 -14.59 -45.67
C GLU D 323 3.48 -13.62 -46.66
N TYR D 324 3.60 -12.34 -46.29
CA TYR D 324 4.19 -11.36 -47.20
C TYR D 324 5.67 -11.65 -47.40
N ALA D 325 6.38 -12.00 -46.32
CA ALA D 325 7.79 -12.37 -46.44
C ALA D 325 7.94 -13.48 -47.48
N PHE D 326 7.03 -14.46 -47.45
CA PHE D 326 7.07 -15.55 -48.41
C PHE D 326 6.80 -15.03 -49.81
N VAL D 327 5.78 -14.18 -49.97
CA VAL D 327 5.48 -13.60 -51.27
C VAL D 327 6.68 -12.79 -51.74
N ASN D 328 7.21 -11.93 -50.87
CA ASN D 328 8.37 -11.12 -51.21
C ASN D 328 9.53 -12.03 -51.63
N TYR D 329 9.69 -13.15 -50.90
CA TYR D 329 10.80 -14.06 -51.11
C TYR D 329 10.77 -14.66 -52.49
N ILE D 330 9.59 -14.82 -53.10
CA ILE D 330 9.66 -15.59 -54.32
C ILE D 330 9.45 -14.66 -55.48
N PHE D 331 8.89 -13.48 -55.22
CA PHE D 331 8.55 -12.63 -56.35
C PHE D 331 9.84 -12.02 -56.88
N PHE D 332 10.83 -11.90 -55.98
CA PHE D 332 12.17 -11.39 -56.21
C PHE D 332 13.24 -12.45 -55.95
N ALA D 447 -2.25 -15.40 -56.48
CA ALA D 447 -1.63 -16.66 -56.06
C ALA D 447 -1.73 -16.85 -54.56
N ILE D 448 -0.60 -16.63 -53.88
CA ILE D 448 -0.56 -16.79 -52.43
C ILE D 448 -1.49 -15.79 -51.75
N ASP D 449 -1.50 -14.55 -52.23
CA ASP D 449 -2.43 -13.56 -51.66
C ASP D 449 -3.88 -13.99 -51.86
N ARG D 450 -4.22 -14.46 -53.07
CA ARG D 450 -5.60 -14.84 -53.32
C ARG D 450 -6.02 -15.98 -52.41
N TRP D 451 -5.15 -16.96 -52.21
CA TRP D 451 -5.41 -18.03 -51.26
C TRP D 451 -5.48 -17.51 -49.84
N SER D 452 -4.68 -16.49 -49.51
CA SER D 452 -4.72 -15.91 -48.17
C SER D 452 -6.01 -15.16 -47.92
N ARG D 453 -6.57 -14.51 -48.96
CA ARG D 453 -7.78 -13.73 -48.78
C ARG D 453 -8.95 -14.58 -48.32
N ILE D 454 -8.96 -15.87 -48.64
CA ILE D 454 -10.04 -16.75 -48.25
C ILE D 454 -9.69 -17.56 -47.00
N VAL D 455 -8.46 -18.10 -46.95
CA VAL D 455 -8.12 -19.07 -45.91
C VAL D 455 -8.01 -18.38 -44.55
N PHE D 456 -7.47 -17.15 -44.51
CA PHE D 456 -7.30 -16.47 -43.23
C PHE D 456 -8.64 -16.11 -42.60
N PRO D 457 -9.57 -15.43 -43.26
CA PRO D 457 -10.86 -15.14 -42.59
C PRO D 457 -11.58 -16.41 -42.20
N PHE D 458 -11.50 -17.45 -43.04
CA PHE D 458 -12.16 -18.71 -42.75
C PHE D 458 -11.56 -19.38 -41.52
N THR D 459 -10.23 -19.36 -41.39
CA THR D 459 -9.60 -19.97 -40.23
C THR D 459 -9.91 -19.21 -38.95
N PHE D 460 -9.94 -17.87 -39.03
CA PHE D 460 -10.26 -17.08 -37.85
C PHE D 460 -11.69 -17.32 -37.38
N SER D 461 -12.62 -17.49 -38.33
CA SER D 461 -13.99 -17.81 -37.96
C SER D 461 -14.06 -19.17 -37.26
N LEU D 462 -13.36 -20.16 -37.82
CA LEU D 462 -13.27 -21.47 -37.17
C LEU D 462 -12.67 -21.34 -35.77
N PHE D 463 -11.55 -20.62 -35.65
CA PHE D 463 -10.91 -20.43 -34.35
C PHE D 463 -11.89 -19.86 -33.34
N ASN D 464 -12.63 -18.82 -33.74
CA ASN D 464 -13.58 -18.19 -32.82
C ASN D 464 -14.69 -19.16 -32.45
N LEU D 465 -15.18 -19.92 -33.44
CA LEU D 465 -16.26 -20.86 -33.18
C LEU D 465 -15.86 -21.88 -32.13
N VAL D 466 -14.69 -22.50 -32.31
CA VAL D 466 -14.21 -23.51 -31.37
C VAL D 466 -14.03 -22.88 -29.99
N TYR D 467 -13.41 -21.70 -29.95
CA TYR D 467 -13.13 -21.05 -28.67
C TYR D 467 -14.42 -20.79 -27.90
N TRP D 468 -15.37 -20.09 -28.53
CA TRP D 468 -16.54 -19.63 -27.81
C TRP D 468 -17.50 -20.78 -27.48
N LEU D 469 -17.41 -21.88 -28.22
CA LEU D 469 -18.19 -23.08 -27.87
C LEU D 469 -17.60 -23.77 -26.65
N TYR D 470 -16.28 -23.88 -26.60
CA TYR D 470 -15.60 -24.55 -25.48
C TYR D 470 -15.89 -23.83 -24.17
N TYR D 471 -15.93 -22.50 -24.19
CA TYR D 471 -15.91 -21.71 -22.97
C TYR D 471 -17.29 -21.14 -22.61
N VAL D 472 -18.16 -20.95 -23.59
CA VAL D 472 -19.56 -20.59 -23.29
C VAL D 472 -20.44 -21.82 -23.43
N PRO E 42 -21.20 22.13 40.87
CA PRO E 42 -22.20 22.08 41.95
C PRO E 42 -23.41 21.24 41.57
N ASN E 43 -24.47 21.89 41.10
CA ASN E 43 -25.65 21.17 40.63
C ASN E 43 -25.35 20.34 39.39
N LEU E 44 -24.29 20.67 38.66
CA LEU E 44 -23.89 19.85 37.52
C LEU E 44 -23.51 18.44 37.98
N ASP E 45 -22.79 18.34 39.10
CA ASP E 45 -22.50 17.04 39.68
C ASP E 45 -23.76 16.36 40.18
N GLY E 46 -24.70 17.14 40.72
CA GLY E 46 -25.94 16.57 41.21
C GLY E 46 -26.77 15.94 40.10
N LEU E 47 -26.79 16.57 38.92
CA LEU E 47 -27.52 15.99 37.79
C LEU E 47 -26.92 14.65 37.38
N ILE E 48 -25.59 14.56 37.33
CA ILE E 48 -24.93 13.31 37.02
C ILE E 48 -25.16 12.29 38.13
N ALA E 49 -25.18 12.76 39.38
CA ALA E 49 -25.46 11.87 40.51
C ALA E 49 -26.85 11.27 40.38
N GLY E 50 -26.91 9.95 40.24
CA GLY E 50 -28.16 9.27 40.01
C GLY E 50 -28.62 9.23 38.57
N TYR E 51 -27.85 9.82 37.64
CA TYR E 51 -28.22 9.79 36.24
C TYR E 51 -27.99 8.40 35.65
N ALA E 52 -28.97 7.90 34.92
CA ALA E 52 -28.91 6.58 34.31
C ALA E 52 -28.50 6.73 32.85
N ARG E 53 -27.25 6.38 32.54
CA ARG E 53 -26.72 6.60 31.21
C ARG E 53 -27.27 5.59 30.20
N ASN E 54 -27.57 4.36 30.65
CA ASN E 54 -27.96 3.30 29.73
C ASN E 54 -29.38 3.42 29.20
N PHE E 55 -30.18 4.35 29.72
CA PHE E 55 -31.58 4.44 29.37
C PHE E 55 -31.89 5.79 28.73
N ARG E 56 -32.71 5.76 27.68
CA ARG E 56 -33.18 6.97 27.06
C ARG E 56 -34.16 7.69 27.97
N PRO E 57 -34.34 9.00 27.79
CA PRO E 57 -35.33 9.73 28.60
C PRO E 57 -36.73 9.16 28.38
N GLY E 58 -37.35 8.73 29.47
CA GLY E 58 -38.64 8.09 29.38
C GLY E 58 -38.56 6.76 28.67
N ILE E 59 -37.89 5.79 29.29
CA ILE E 59 -37.64 4.50 28.63
C ILE E 59 -38.96 3.79 28.34
N GLY E 60 -39.87 3.78 29.29
CA GLY E 60 -41.15 3.13 29.11
C GLY E 60 -42.24 4.00 28.53
N GLY E 61 -41.95 5.25 28.21
CA GLY E 61 -42.95 6.16 27.73
C GLY E 61 -42.91 6.37 26.23
N PRO E 62 -43.36 7.53 25.77
CA PRO E 62 -43.39 7.81 24.33
C PRO E 62 -41.97 7.97 23.79
N PRO E 63 -41.79 7.80 22.49
CA PRO E 63 -40.45 7.91 21.91
C PRO E 63 -39.89 9.33 22.01
N VAL E 64 -38.57 9.42 22.03
CA VAL E 64 -37.88 10.70 22.15
C VAL E 64 -37.79 11.34 20.77
N ASN E 65 -38.24 12.59 20.68
CA ASN E 65 -38.09 13.35 19.44
C ASN E 65 -36.70 13.98 19.39
N VAL E 66 -36.00 13.73 18.28
CA VAL E 66 -34.63 14.21 18.10
C VAL E 66 -34.60 15.09 16.87
N ALA E 67 -34.47 16.39 17.07
CA ALA E 67 -34.30 17.31 15.95
C ALA E 67 -32.90 17.15 15.37
N LEU E 68 -32.82 17.17 14.04
CA LEU E 68 -31.58 16.88 13.34
C LEU E 68 -31.28 18.01 12.36
N ALA E 69 -30.04 18.51 12.41
CA ALA E 69 -29.60 19.56 11.51
C ALA E 69 -28.22 19.21 10.96
N LEU E 70 -27.94 19.64 9.74
CA LEU E 70 -26.68 19.37 9.07
C LEU E 70 -26.10 20.66 8.50
N GLU E 71 -24.79 20.85 8.68
CA GLU E 71 -24.05 21.95 8.10
C GLU E 71 -22.92 21.36 7.28
N VAL E 72 -23.16 21.17 5.99
CA VAL E 72 -22.18 20.53 5.11
C VAL E 72 -20.99 21.48 4.94
N ALA E 73 -19.86 21.14 5.57
CA ALA E 73 -18.69 21.99 5.46
C ALA E 73 -18.07 21.92 4.06
N SER E 74 -17.92 20.72 3.53
CA SER E 74 -17.33 20.55 2.20
C SER E 74 -17.64 19.16 1.68
N ILE E 75 -17.65 19.04 0.35
CA ILE E 75 -17.78 17.77 -0.34
C ILE E 75 -16.57 17.62 -1.25
N ASP E 76 -15.86 16.49 -1.13
CA ASP E 76 -14.62 16.31 -1.87
C ASP E 76 -14.44 14.82 -2.16
N HIS E 77 -13.43 14.54 -3.00
CA HIS E 77 -13.04 13.17 -3.34
C HIS E 77 -14.21 12.39 -3.94
N ILE E 78 -14.97 13.03 -4.83
CA ILE E 78 -16.06 12.35 -5.52
C ILE E 78 -15.45 11.50 -6.62
N SER E 79 -15.51 10.18 -6.44
CA SER E 79 -14.90 9.23 -7.36
C SER E 79 -15.97 8.37 -8.00
N GLU E 80 -15.98 8.33 -9.34
CA GLU E 80 -16.89 7.44 -10.05
C GLU E 80 -16.43 5.99 -10.02
N ALA E 81 -15.11 5.77 -10.05
CA ALA E 81 -14.59 4.41 -10.02
C ALA E 81 -14.93 3.71 -8.70
N ASN E 82 -14.80 4.41 -7.58
CA ASN E 82 -15.13 3.85 -6.28
C ASN E 82 -16.59 4.06 -5.91
N MET E 83 -17.34 4.87 -6.67
CA MET E 83 -18.74 5.17 -6.39
C MET E 83 -18.92 5.65 -4.95
N GLU E 84 -18.14 6.66 -4.58
CA GLU E 84 -18.16 7.18 -3.23
C GLU E 84 -17.80 8.66 -3.25
N TYR E 85 -18.20 9.37 -2.20
CA TYR E 85 -17.83 10.76 -2.00
C TYR E 85 -17.56 11.00 -0.53
N THR E 86 -16.67 11.96 -0.26
CA THR E 86 -16.30 12.31 1.10
C THR E 86 -16.96 13.63 1.48
N MET E 87 -17.62 13.65 2.63
CA MET E 87 -18.38 14.81 3.10
C MET E 87 -18.05 15.08 4.55
N THR E 88 -17.84 16.36 4.87
CA THR E 88 -17.61 16.82 6.23
C THR E 88 -18.80 17.69 6.66
N VAL E 89 -19.43 17.34 7.77
CA VAL E 89 -20.64 18.02 8.21
C VAL E 89 -20.54 18.35 9.69
N PHE E 90 -21.30 19.38 10.09
CA PHE E 90 -21.55 19.69 11.49
C PHE E 90 -22.94 19.15 11.81
N LEU E 91 -23.00 17.96 12.39
CA LEU E 91 -24.26 17.30 12.66
C LEU E 91 -24.77 17.73 14.03
N HIS E 92 -25.96 18.33 14.07
CA HIS E 92 -26.56 18.83 15.30
C HIS E 92 -27.73 17.94 15.68
N GLN E 93 -27.81 17.57 16.96
CA GLN E 93 -28.92 16.80 17.49
C GLN E 93 -29.49 17.52 18.70
N SER E 94 -30.82 17.56 18.78
CA SER E 94 -31.51 18.23 19.87
C SER E 94 -32.60 17.32 20.40
N TRP E 95 -32.64 17.15 21.71
CA TRP E 95 -33.67 16.35 22.36
C TRP E 95 -33.82 16.82 23.80
N ARG E 96 -34.94 16.45 24.41
CA ARG E 96 -35.26 16.85 25.77
C ARG E 96 -35.03 15.69 26.72
N ASP E 97 -34.31 15.96 27.82
CA ASP E 97 -34.05 14.98 28.86
C ASP E 97 -34.44 15.60 30.20
N SER E 98 -35.54 15.14 30.78
CA SER E 98 -36.03 15.71 32.02
C SER E 98 -35.11 15.44 33.20
N ARG E 99 -34.25 14.41 33.11
CA ARG E 99 -33.35 14.11 34.21
C ARG E 99 -32.33 15.21 34.43
N LEU E 100 -32.02 15.99 33.39
CA LEU E 100 -31.02 17.03 33.47
C LEU E 100 -31.63 18.42 33.63
N SER E 101 -32.92 18.51 33.93
CA SER E 101 -33.55 19.80 34.12
C SER E 101 -33.05 20.45 35.41
N TYR E 102 -32.57 21.69 35.29
CA TYR E 102 -32.08 22.44 36.43
C TYR E 102 -32.80 23.79 36.49
N ASN E 103 -33.03 24.26 37.71
CA ASN E 103 -33.75 25.51 37.91
C ASN E 103 -32.98 26.51 38.77
N HIS E 104 -31.71 26.22 39.09
CA HIS E 104 -30.93 27.16 39.89
C HIS E 104 -30.66 28.45 39.11
N THR E 105 -30.42 28.35 37.81
CA THR E 105 -30.20 29.50 36.95
C THR E 105 -30.99 29.33 35.67
N ASN E 106 -31.24 30.46 35.00
CA ASN E 106 -31.95 30.48 33.72
C ASN E 106 -31.00 30.65 32.55
N GLU E 107 -29.72 30.31 32.72
CA GLU E 107 -28.72 30.44 31.68
C GLU E 107 -28.30 29.07 31.18
N THR E 108 -28.20 28.92 29.86
CA THR E 108 -27.76 27.66 29.28
C THR E 108 -26.32 27.37 29.67
N LEU E 109 -26.02 26.08 29.86
CA LEU E 109 -24.70 25.64 30.29
C LEU E 109 -23.91 25.21 29.06
N GLY E 110 -22.84 25.94 28.76
CA GLY E 110 -21.95 25.57 27.68
C GLY E 110 -20.87 24.62 28.15
N LEU E 111 -20.95 23.36 27.74
CA LEU E 111 -20.05 22.32 28.21
C LEU E 111 -19.21 21.80 27.06
N ASP E 112 -18.04 21.26 27.40
CA ASP E 112 -17.09 20.77 26.41
C ASP E 112 -17.32 19.29 26.15
N SER E 113 -16.42 18.67 25.39
CA SER E 113 -16.55 17.26 25.02
C SER E 113 -16.33 16.32 26.18
N ARG E 114 -15.77 16.79 27.30
CA ARG E 114 -15.56 15.91 28.45
C ARG E 114 -16.89 15.43 29.02
N PHE E 115 -17.89 16.30 29.07
CA PHE E 115 -19.19 15.98 29.63
C PHE E 115 -20.01 15.06 28.73
N VAL E 116 -19.58 14.83 27.49
CA VAL E 116 -20.36 14.05 26.54
C VAL E 116 -20.52 12.61 27.02
N ASP E 117 -19.43 12.02 27.54
CA ASP E 117 -19.45 10.62 27.94
C ASP E 117 -20.41 10.36 29.09
N LYS E 118 -20.79 11.39 29.85
CA LYS E 118 -21.66 11.20 31.00
C LYS E 118 -23.11 10.98 30.60
N LEU E 119 -23.56 11.59 29.50
CA LEU E 119 -24.97 11.64 29.15
C LEU E 119 -25.33 10.55 28.13
N TRP E 120 -26.61 10.20 28.12
CA TRP E 120 -27.14 9.33 27.09
C TRP E 120 -27.22 10.09 25.77
N LEU E 121 -26.87 9.41 24.68
CA LEU E 121 -26.89 10.01 23.36
C LEU E 121 -27.65 9.13 22.38
N PRO E 122 -28.32 9.73 21.41
CA PRO E 122 -28.94 8.93 20.35
C PRO E 122 -27.89 8.18 19.54
N ASP E 123 -28.23 6.97 19.13
CA ASP E 123 -27.33 6.14 18.35
C ASP E 123 -27.48 6.40 16.85
N THR E 124 -27.40 7.67 16.46
CA THR E 124 -27.53 8.03 15.06
C THR E 124 -26.28 7.59 14.29
N PHE E 125 -26.50 6.89 13.18
CA PHE E 125 -25.41 6.44 12.33
C PHE E 125 -25.79 6.67 10.87
N ILE E 126 -24.77 6.80 10.04
CA ILE E 126 -24.98 6.99 8.60
C ILE E 126 -25.12 5.61 7.95
N VAL E 127 -26.26 5.39 7.30
CA VAL E 127 -26.57 4.07 6.78
C VAL E 127 -25.61 3.68 5.65
N ASN E 128 -25.36 4.61 4.72
CA ASN E 128 -24.56 4.33 3.55
C ASN E 128 -23.13 4.86 3.66
N ALA E 129 -22.56 4.83 4.87
CA ALA E 129 -21.21 5.32 5.08
C ALA E 129 -20.23 4.14 4.99
N LYS E 130 -19.34 4.18 3.99
CA LYS E 130 -18.29 3.18 3.92
C LYS E 130 -17.35 3.30 5.11
N SER E 131 -16.98 4.52 5.48
CA SER E 131 -16.13 4.77 6.63
C SER E 131 -16.37 6.19 7.12
N ALA E 132 -16.15 6.41 8.41
CA ALA E 132 -16.33 7.73 9.00
C ALA E 132 -15.49 7.81 10.27
N TRP E 133 -15.22 9.04 10.68
CA TRP E 133 -14.36 9.27 11.84
C TRP E 133 -14.61 10.68 12.37
N PHE E 134 -14.10 10.93 13.57
CA PHE E 134 -14.25 12.21 14.24
C PHE E 134 -12.97 13.03 14.10
N HIS E 135 -13.12 14.35 14.18
CA HIS E 135 -11.98 15.25 14.24
C HIS E 135 -11.67 15.53 15.72
N ASP E 136 -10.49 15.11 16.16
CA ASP E 136 -10.11 15.20 17.56
C ASP E 136 -8.93 16.13 17.79
N VAL E 137 -8.67 17.05 16.87
CA VAL E 137 -7.60 18.02 16.99
C VAL E 137 -8.22 19.41 17.04
N THR E 138 -7.91 20.18 18.08
CA THR E 138 -6.99 19.78 19.15
C THR E 138 -7.64 18.81 20.13
N VAL E 139 -8.94 18.99 20.36
CA VAL E 139 -9.72 18.08 21.20
C VAL E 139 -10.89 17.55 20.37
N GLU E 140 -11.68 16.67 20.97
CA GLU E 140 -12.87 16.18 20.28
C GLU E 140 -13.82 17.33 19.97
N ASN E 141 -14.28 17.39 18.72
CA ASN E 141 -15.14 18.47 18.27
C ASN E 141 -16.60 18.16 18.62
N LYS E 142 -16.89 18.22 19.91
CA LYS E 142 -18.21 17.99 20.44
C LYS E 142 -18.57 19.10 21.42
N LEU E 143 -19.84 19.49 21.45
CA LEU E 143 -20.32 20.47 22.41
C LEU E 143 -21.66 20.02 22.97
N ILE E 144 -21.93 20.42 24.21
CA ILE E 144 -23.18 20.13 24.88
C ILE E 144 -23.74 21.43 25.42
N ARG E 145 -24.95 21.77 24.99
CA ARG E 145 -25.67 22.95 25.49
C ARG E 145 -26.88 22.44 26.26
N LEU E 146 -26.83 22.57 27.59
CA LEU E 146 -27.88 22.05 28.47
C LEU E 146 -28.75 23.21 28.92
N GLN E 147 -29.94 23.32 28.33
CA GLN E 147 -30.89 24.35 28.72
C GLN E 147 -31.58 23.97 30.03
N PRO E 148 -32.06 24.97 30.79
CA PRO E 148 -32.69 24.66 32.08
C PRO E 148 -33.89 23.75 31.98
N ASP E 149 -34.68 23.83 30.91
CA ASP E 149 -35.85 22.98 30.77
C ASP E 149 -35.50 21.53 30.45
N GLY E 150 -34.23 21.23 30.17
CA GLY E 150 -33.81 19.88 29.84
C GLY E 150 -33.50 19.65 28.38
N VAL E 151 -33.62 20.68 27.53
CA VAL E 151 -33.29 20.51 26.13
C VAL E 151 -31.77 20.46 25.96
N ILE E 152 -31.29 19.47 25.22
CA ILE E 152 -29.87 19.24 25.02
C ILE E 152 -29.54 19.50 23.56
N LEU E 153 -28.50 20.31 23.33
CA LEU E 153 -27.96 20.54 21.99
C LEU E 153 -26.62 19.83 21.89
N TYR E 154 -26.51 18.92 20.92
CA TYR E 154 -25.32 18.08 20.76
C TYR E 154 -24.88 18.16 19.30
N SER E 155 -23.70 18.73 19.07
CA SER E 155 -23.16 18.91 17.74
C SER E 155 -21.78 18.28 17.65
N ILE E 156 -21.50 17.61 16.53
CA ILE E 156 -20.23 16.94 16.31
C ILE E 156 -19.78 17.22 14.88
N ARG E 157 -18.48 17.39 14.70
CA ARG E 157 -17.88 17.58 13.39
C ARG E 157 -17.30 16.25 12.93
N ILE E 158 -17.89 15.67 11.89
CA ILE E 158 -17.54 14.33 11.42
C ILE E 158 -17.28 14.38 9.93
N THR E 159 -16.30 13.59 9.48
CA THR E 159 -16.02 13.40 8.07
C THR E 159 -16.31 11.96 7.70
N SER E 160 -17.15 11.76 6.69
CA SER E 160 -17.62 10.43 6.32
C SER E 160 -17.46 10.21 4.82
N THR E 161 -17.01 9.02 4.46
CA THR E 161 -16.98 8.57 3.07
C THR E 161 -18.27 7.80 2.82
N VAL E 162 -19.13 8.34 1.95
CA VAL E 162 -20.48 7.82 1.75
C VAL E 162 -20.56 7.17 0.37
N ALA E 163 -21.06 5.94 0.34
CA ALA E 163 -21.27 5.26 -0.93
C ALA E 163 -22.41 5.91 -1.70
N CYS E 164 -22.22 6.05 -3.01
CA CYS E 164 -23.23 6.64 -3.88
C CYS E 164 -23.19 5.93 -5.21
N ASP E 165 -24.22 5.12 -5.48
CA ASP E 165 -24.30 4.43 -6.77
C ASP E 165 -24.51 5.43 -7.88
N MET E 166 -23.67 5.36 -8.90
CA MET E 166 -23.69 6.32 -10.00
C MET E 166 -23.98 5.60 -11.31
N ASP E 167 -24.90 6.14 -12.09
CA ASP E 167 -25.21 5.61 -13.41
C ASP E 167 -24.34 6.31 -14.44
N LEU E 168 -23.45 5.55 -15.09
CA LEU E 168 -22.53 6.08 -16.08
C LEU E 168 -23.02 5.87 -17.50
N ALA E 169 -24.34 5.75 -17.69
CA ALA E 169 -24.89 5.54 -19.02
C ALA E 169 -24.61 6.74 -19.93
N LYS E 170 -24.76 7.95 -19.39
CA LYS E 170 -24.57 9.18 -20.16
C LYS E 170 -23.22 9.84 -19.89
N TYR E 171 -22.28 9.11 -19.28
CA TYR E 171 -20.99 9.68 -18.96
C TYR E 171 -20.28 10.13 -20.23
N PRO E 172 -19.64 11.31 -20.24
CA PRO E 172 -19.56 12.23 -19.10
C PRO E 172 -20.70 13.25 -19.00
N MET E 173 -21.60 13.28 -19.98
CA MET E 173 -22.73 14.21 -19.95
C MET E 173 -23.88 13.61 -19.13
N ASP E 174 -23.60 13.37 -17.86
CA ASP E 174 -24.54 12.69 -16.97
C ASP E 174 -24.66 13.43 -15.65
N GLU E 175 -25.81 13.28 -15.02
CA GLU E 175 -26.07 13.85 -13.70
C GLU E 175 -26.31 12.72 -12.71
N GLN E 176 -25.74 12.86 -11.51
CA GLN E 176 -25.81 11.82 -10.49
C GLN E 176 -26.48 12.37 -9.25
N GLU E 177 -27.26 11.51 -8.59
CA GLU E 177 -27.93 11.85 -7.34
C GLU E 177 -27.30 11.02 -6.22
N CYS E 178 -26.82 11.69 -5.19
CA CYS E 178 -26.23 11.04 -4.02
C CYS E 178 -27.04 11.35 -2.79
N MET E 179 -27.05 10.39 -1.85
CA MET E 179 -27.90 10.48 -0.66
C MET E 179 -27.06 10.35 0.59
N LEU E 180 -27.57 10.91 1.68
CA LEU E 180 -26.96 10.80 3.01
C LEU E 180 -28.05 10.35 3.97
N ASP E 181 -28.05 9.07 4.33
CA ASP E 181 -29.11 8.49 5.15
C ASP E 181 -28.69 8.47 6.61
N LEU E 182 -29.57 8.95 7.48
CA LEU E 182 -29.34 8.98 8.91
C LEU E 182 -30.45 8.22 9.62
N GLU E 183 -30.06 7.40 10.59
CA GLU E 183 -31.00 6.48 11.21
C GLU E 183 -30.48 6.07 12.58
N SER E 184 -31.40 5.72 13.47
CA SER E 184 -31.03 5.16 14.76
C SER E 184 -30.71 3.68 14.61
N TYR E 185 -29.57 3.26 15.16
CA TYR E 185 -29.12 1.89 14.93
C TYR E 185 -29.93 0.89 15.75
N GLY E 186 -30.20 1.20 17.02
CA GLY E 186 -30.79 0.22 17.91
C GLY E 186 -32.19 0.55 18.39
N TYR E 187 -32.56 1.81 18.35
CA TYR E 187 -33.86 2.26 18.87
C TYR E 187 -34.85 2.37 17.72
N SER E 188 -35.99 1.69 17.87
CA SER E 188 -37.01 1.67 16.83
C SER E 188 -37.87 2.93 16.93
N SER E 189 -38.98 2.95 16.19
CA SER E 189 -39.89 4.10 16.23
C SER E 189 -40.52 4.27 17.60
N GLU E 190 -40.58 3.22 18.41
CA GLU E 190 -41.15 3.31 19.75
C GLU E 190 -40.21 3.99 20.74
N ASP E 191 -38.95 4.21 20.38
CA ASP E 191 -37.97 4.79 21.28
C ASP E 191 -37.41 6.11 20.79
N ILE E 192 -37.00 6.19 19.53
CA ILE E 192 -36.42 7.41 18.97
C ILE E 192 -37.10 7.71 17.64
N VAL E 193 -37.56 8.95 17.49
CA VAL E 193 -38.16 9.43 16.25
C VAL E 193 -37.41 10.68 15.83
N TYR E 194 -36.94 10.69 14.58
CA TYR E 194 -36.17 11.80 14.05
C TYR E 194 -37.04 12.72 13.20
N TYR E 195 -36.62 13.98 13.11
CA TYR E 195 -37.27 14.95 12.25
C TYR E 195 -36.29 16.08 11.98
N TRP E 196 -36.32 16.61 10.77
CA TRP E 196 -35.46 17.73 10.43
C TRP E 196 -35.88 18.97 11.21
N SER E 197 -34.91 19.66 11.80
CA SER E 197 -35.22 20.87 12.56
C SER E 197 -35.61 21.99 11.61
N GLU E 198 -36.28 23.00 12.17
CA GLU E 198 -36.72 24.14 11.36
C GLU E 198 -35.53 24.92 10.81
N SER E 199 -34.42 24.95 11.54
CA SER E 199 -33.24 25.67 11.10
C SER E 199 -32.51 24.99 9.96
N GLN E 200 -32.85 23.72 9.66
CA GLN E 200 -32.13 22.98 8.63
C GLN E 200 -32.25 23.66 7.27
N GLU E 201 -33.38 24.30 7.00
CA GLU E 201 -33.58 24.97 5.71
C GLU E 201 -32.63 26.13 5.50
N HIS E 202 -32.02 26.65 6.56
CA HIS E 202 -31.21 27.86 6.48
C HIS E 202 -29.70 27.60 6.55
N ILE E 203 -29.27 26.66 7.39
CA ILE E 203 -27.83 26.47 7.62
C ILE E 203 -27.34 25.18 6.96
N HIS E 204 -28.02 24.74 5.91
CA HIS E 204 -27.55 23.55 5.20
C HIS E 204 -26.18 23.79 4.56
N GLY E 205 -25.96 24.98 4.02
CA GLY E 205 -24.66 25.34 3.49
C GLY E 205 -24.30 24.71 2.17
N LEU E 206 -25.25 24.07 1.49
CA LEU E 206 -24.94 23.42 0.22
C LEU E 206 -24.73 24.45 -0.89
N ASP E 207 -25.34 25.63 -0.78
CA ASP E 207 -25.18 26.64 -1.81
C ASP E 207 -23.73 27.15 -1.85
N LYS E 208 -23.11 27.33 -0.69
CA LYS E 208 -21.75 27.86 -0.62
C LYS E 208 -20.70 26.87 -1.12
N LEU E 209 -21.06 25.60 -1.29
CA LEU E 209 -20.09 24.60 -1.70
C LEU E 209 -19.63 24.85 -3.13
N GLN E 210 -18.33 24.68 -3.36
CA GLN E 210 -17.73 24.81 -4.70
C GLN E 210 -16.99 23.53 -5.01
N LEU E 211 -17.49 22.77 -5.98
CA LEU E 211 -16.92 21.48 -6.35
C LEU E 211 -16.08 21.63 -7.61
N ALA E 212 -15.03 20.80 -7.69
CA ALA E 212 -14.10 20.91 -8.81
C ALA E 212 -14.75 20.55 -10.14
N GLN E 213 -15.56 19.50 -10.16
CA GLN E 213 -16.11 18.97 -11.40
C GLN E 213 -17.63 18.92 -11.45
N PHE E 214 -18.31 19.04 -10.31
CA PHE E 214 -19.77 18.92 -10.26
C PHE E 214 -20.39 20.20 -9.76
N THR E 215 -21.68 20.36 -10.07
CA THR E 215 -22.48 21.49 -9.61
C THR E 215 -23.73 20.96 -8.94
N ILE E 216 -23.99 21.42 -7.71
CA ILE E 216 -25.16 20.98 -6.96
C ILE E 216 -26.37 21.73 -7.54
N THR E 217 -27.11 21.05 -8.42
CA THR E 217 -28.26 21.69 -9.05
C THR E 217 -29.43 21.84 -8.08
N SER E 218 -29.69 20.81 -7.27
CA SER E 218 -30.81 20.86 -6.35
C SER E 218 -30.50 19.97 -5.15
N TYR E 219 -31.20 20.24 -4.05
CA TYR E 219 -31.07 19.46 -2.83
C TYR E 219 -32.45 19.31 -2.20
N ARG E 220 -32.61 18.22 -1.44
CA ARG E 220 -33.90 17.91 -0.85
C ARG E 220 -33.69 17.12 0.44
N PHE E 221 -34.40 17.52 1.49
CA PHE E 221 -34.38 16.82 2.77
C PHE E 221 -35.66 15.99 2.89
N THR E 222 -35.50 14.67 3.01
CA THR E 222 -36.62 13.76 2.97
C THR E 222 -36.67 12.94 4.26
N THR E 223 -37.89 12.62 4.69
CA THR E 223 -38.13 11.80 5.87
C THR E 223 -38.87 10.53 5.46
N GLU E 224 -38.33 9.38 5.84
CA GLU E 224 -38.94 8.09 5.55
C GLU E 224 -39.22 7.37 6.87
N LEU E 225 -40.49 7.16 7.16
CA LEU E 225 -40.92 6.46 8.37
C LEU E 225 -41.22 5.00 8.13
N MET E 226 -41.02 4.50 6.92
CA MET E 226 -41.40 3.15 6.52
C MET E 226 -40.16 2.32 6.15
N ASN E 227 -39.08 2.48 6.91
CA ASN E 227 -37.89 1.67 6.65
C ASN E 227 -38.15 0.20 6.95
N PHE E 228 -38.68 -0.09 8.13
CA PHE E 228 -39.15 -1.43 8.51
C PHE E 228 -38.06 -2.49 8.34
N LYS E 229 -37.00 -2.34 9.13
CA LYS E 229 -35.95 -3.35 9.16
C LYS E 229 -36.43 -4.59 9.89
N SER E 230 -35.56 -5.61 9.94
CA SER E 230 -35.92 -6.86 10.60
C SER E 230 -36.16 -6.65 12.09
N ALA E 231 -35.32 -5.84 12.74
CA ALA E 231 -35.50 -5.57 14.16
C ALA E 231 -36.82 -4.84 14.43
N GLY E 232 -37.18 -3.90 13.58
CA GLY E 232 -38.41 -3.15 13.77
C GLY E 232 -38.50 -2.02 12.77
N GLN E 233 -39.36 -1.05 13.09
CA GLN E 233 -39.55 0.13 12.27
C GLN E 233 -38.64 1.24 12.76
N PHE E 234 -37.82 1.78 11.86
CA PHE E 234 -36.84 2.81 12.20
C PHE E 234 -37.05 4.03 11.30
N PRO E 235 -37.37 5.20 11.86
CA PRO E 235 -37.43 6.41 11.03
C PRO E 235 -36.07 6.71 10.43
N ARG E 236 -36.08 7.20 9.20
CA ARG E 236 -34.85 7.53 8.49
C ARG E 236 -34.95 8.92 7.90
N LEU E 237 -33.91 9.73 8.12
CA LEU E 237 -33.78 11.04 7.51
C LEU E 237 -32.72 10.97 6.44
N SER E 238 -33.05 11.43 5.24
CA SER E 238 -32.16 11.34 4.10
C SER E 238 -32.02 12.70 3.44
N LEU E 239 -30.80 13.01 3.01
CA LEU E 239 -30.51 14.24 2.28
C LEU E 239 -30.14 13.87 0.84
N HIS E 240 -30.94 14.34 -0.11
CA HIS E 240 -30.71 14.08 -1.53
C HIS E 240 -30.21 15.36 -2.19
N PHE E 241 -29.07 15.26 -2.87
CA PHE E 241 -28.54 16.36 -3.66
C PHE E 241 -28.13 15.83 -5.02
N HIS E 242 -28.43 16.60 -6.06
CA HIS E 242 -28.17 16.20 -7.43
C HIS E 242 -26.93 16.90 -7.95
N LEU E 243 -25.99 16.11 -8.47
CA LEU E 243 -24.73 16.62 -8.99
C LEU E 243 -24.74 16.54 -10.52
N ARG E 244 -24.41 17.66 -11.16
CA ARG E 244 -24.28 17.72 -12.61
C ARG E 244 -22.81 17.92 -12.96
N ARG E 245 -22.27 17.03 -13.78
CA ARG E 245 -20.87 17.15 -14.17
C ARG E 245 -20.67 18.36 -15.06
N ASN E 246 -19.63 19.14 -14.77
CA ASN E 246 -19.37 20.36 -15.52
C ASN E 246 -18.97 20.03 -16.95
N ARG E 247 -19.50 20.79 -17.90
CA ARG E 247 -19.18 20.64 -19.32
C ARG E 247 -18.25 21.77 -19.71
N GLY E 248 -17.02 21.43 -20.06
CA GLY E 248 -16.04 22.42 -20.43
C GLY E 248 -14.80 21.84 -21.08
N VAL E 249 -13.63 22.36 -20.70
CA VAL E 249 -12.37 21.88 -21.28
C VAL E 249 -12.15 20.41 -20.94
N TYR E 250 -12.63 19.97 -19.78
CA TYR E 250 -12.50 18.56 -19.43
C TYR E 250 -13.21 17.66 -20.44
N ILE E 251 -14.42 18.04 -20.84
CA ILE E 251 -15.13 17.27 -21.87
C ILE E 251 -14.47 17.47 -23.22
N ILE E 252 -14.01 18.69 -23.52
CA ILE E 252 -13.35 18.94 -24.80
C ILE E 252 -12.09 18.10 -24.91
N GLN E 253 -11.29 18.04 -23.84
CA GLN E 253 -10.08 17.22 -23.87
C GLN E 253 -10.40 15.74 -24.04
N SER E 254 -11.53 15.28 -23.50
CA SER E 254 -11.89 13.88 -23.65
C SER E 254 -12.16 13.52 -25.11
N TYR E 255 -12.87 14.39 -25.83
CA TYR E 255 -13.20 14.15 -27.22
C TYR E 255 -12.21 14.73 -28.22
N MET E 256 -11.24 15.52 -27.75
CA MET E 256 -10.31 16.16 -28.68
C MET E 256 -9.49 15.17 -29.49
N PRO E 257 -8.79 14.20 -28.89
CA PRO E 257 -8.00 13.28 -29.72
C PRO E 257 -8.84 12.43 -30.66
N SER E 258 -10.05 12.02 -30.23
CA SER E 258 -10.88 11.18 -31.09
C SER E 258 -11.32 11.93 -32.34
N VAL E 259 -11.75 13.18 -32.20
CA VAL E 259 -12.18 13.95 -33.36
C VAL E 259 -11.01 14.25 -34.28
N LEU E 260 -9.85 14.60 -33.71
CA LEU E 260 -8.69 14.92 -34.52
C LEU E 260 -8.22 13.71 -35.33
N LEU E 261 -8.24 12.52 -34.72
CA LEU E 261 -7.83 11.32 -35.44
C LEU E 261 -8.75 11.05 -36.62
N VAL E 262 -10.04 11.34 -36.48
CA VAL E 262 -10.96 11.22 -37.61
C VAL E 262 -10.57 12.19 -38.71
N ALA E 263 -10.23 13.42 -38.33
CA ALA E 263 -9.75 14.39 -39.32
C ALA E 263 -8.42 13.97 -39.94
N MET E 264 -7.60 13.26 -39.18
CA MET E 264 -6.33 12.78 -39.71
C MET E 264 -6.56 11.80 -40.85
N SER E 265 -7.55 10.91 -40.70
CA SER E 265 -7.85 9.95 -41.76
C SER E 265 -8.36 10.64 -43.02
N TRP E 266 -9.09 11.75 -42.86
CA TRP E 266 -9.58 12.49 -44.02
C TRP E 266 -8.47 13.09 -44.85
N VAL E 267 -7.28 13.28 -44.27
CA VAL E 267 -6.17 13.87 -45.00
C VAL E 267 -5.73 12.95 -46.14
N SER E 268 -5.80 11.64 -45.92
CA SER E 268 -5.38 10.68 -46.94
C SER E 268 -6.21 10.78 -48.21
N PHE E 269 -7.45 11.28 -48.12
CA PHE E 269 -8.29 11.39 -49.32
C PHE E 269 -7.67 12.35 -50.33
N TRP E 270 -7.14 13.48 -49.87
CA TRP E 270 -6.48 14.41 -50.79
C TRP E 270 -5.12 13.90 -51.25
N ILE E 271 -4.54 12.94 -50.55
CA ILE E 271 -3.25 12.38 -50.95
C ILE E 271 -3.45 11.46 -52.14
N SER E 272 -2.52 11.54 -53.10
CA SER E 272 -2.63 10.74 -54.31
C SER E 272 -2.56 9.25 -54.00
N GLN E 273 -3.30 8.47 -54.78
CA GLN E 273 -3.33 7.03 -54.59
C GLN E 273 -2.03 6.35 -55.02
N ALA E 274 -1.19 7.04 -55.79
CA ALA E 274 0.07 6.46 -56.22
C ALA E 274 1.00 6.20 -55.04
N ALA E 275 1.04 7.12 -54.08
CA ALA E 275 1.88 6.98 -52.90
C ALA E 275 1.22 5.99 -51.95
N VAL E 276 1.43 4.70 -52.24
CA VAL E 276 0.83 3.65 -51.43
C VAL E 276 1.33 3.67 -49.99
N PRO E 277 2.64 3.72 -49.71
CA PRO E 277 3.07 3.75 -48.30
C PRO E 277 2.60 4.97 -47.54
N ALA E 278 2.38 6.09 -48.23
CA ALA E 278 1.95 7.32 -47.55
C ALA E 278 0.53 7.18 -47.01
N ARG E 279 -0.40 6.71 -47.84
CA ARG E 279 -1.79 6.61 -47.40
C ARG E 279 -2.00 5.44 -46.45
N VAL E 280 -1.29 4.32 -46.68
CA VAL E 280 -1.42 3.17 -45.79
C VAL E 280 -0.91 3.51 -44.40
N SER E 281 0.24 4.19 -44.31
CA SER E 281 0.77 4.57 -43.01
C SER E 281 -0.16 5.54 -42.30
N LEU E 282 -0.75 6.49 -43.03
CA LEU E 282 -1.72 7.40 -42.43
C LEU E 282 -2.96 6.65 -41.98
N GLY E 283 -3.42 5.68 -42.77
CA GLY E 283 -4.61 4.94 -42.40
C GLY E 283 -4.42 4.08 -41.16
N ILE E 284 -3.29 3.40 -41.05
CA ILE E 284 -3.09 2.48 -39.94
C ILE E 284 -2.91 3.24 -38.62
N THR E 285 -2.16 4.35 -38.65
CA THR E 285 -1.89 5.09 -37.42
C THR E 285 -3.16 5.62 -36.79
N THR E 286 -4.09 6.12 -37.62
CA THR E 286 -5.36 6.61 -37.09
C THR E 286 -6.17 5.48 -36.47
N VAL E 287 -6.08 4.27 -37.02
CA VAL E 287 -6.83 3.15 -36.48
C VAL E 287 -6.20 2.64 -35.18
N LEU E 288 -4.88 2.46 -35.19
CA LEU E 288 -4.19 1.93 -34.01
C LEU E 288 -4.29 2.89 -32.83
N THR E 289 -4.09 4.18 -33.08
CA THR E 289 -4.19 5.17 -32.01
C THR E 289 -5.60 5.22 -31.44
N MET E 290 -6.60 5.07 -32.30
CA MET E 290 -7.98 5.01 -31.82
C MET E 290 -8.20 3.78 -30.94
N THR E 291 -7.59 2.65 -31.31
CA THR E 291 -7.69 1.44 -30.47
C THR E 291 -7.06 1.67 -29.10
N THR E 292 -5.90 2.32 -29.06
CA THR E 292 -5.26 2.61 -27.78
C THR E 292 -6.11 3.54 -26.93
N LEU E 293 -6.76 4.52 -27.57
CA LEU E 293 -7.64 5.43 -26.83
C LEU E 293 -8.80 4.69 -26.19
N MET E 294 -9.39 3.74 -26.91
CA MET E 294 -10.49 2.97 -26.35
C MET E 294 -10.03 2.17 -25.13
N VAL E 295 -8.85 1.56 -25.21
CA VAL E 295 -8.32 0.82 -24.07
C VAL E 295 -8.03 1.78 -22.91
N SER E 296 -7.42 2.93 -23.21
CA SER E 296 -7.09 3.89 -22.15
C SER E 296 -8.33 4.56 -21.59
N ALA E 297 -9.40 4.68 -22.38
CA ALA E 297 -10.60 5.35 -21.91
C ALA E 297 -11.23 4.60 -20.73
N ARG E 298 -11.31 3.28 -20.82
CA ARG E 298 -11.88 2.48 -19.74
C ARG E 298 -10.86 2.05 -18.71
N SER E 299 -9.57 2.34 -18.93
CA SER E 299 -8.57 2.04 -17.92
C SER E 299 -8.74 2.92 -16.68
N SER E 300 -9.21 4.16 -16.87
CA SER E 300 -9.48 5.04 -15.75
C SER E 300 -10.63 4.55 -14.89
N LEU E 301 -11.47 3.66 -15.42
CA LEU E 301 -12.60 3.08 -14.69
C LEU E 301 -12.48 1.57 -14.80
N PRO E 302 -11.64 0.95 -13.97
CA PRO E 302 -11.37 -0.50 -14.14
C PRO E 302 -12.60 -1.38 -14.01
N ARG E 303 -13.55 -1.04 -13.16
CA ARG E 303 -14.70 -1.89 -12.88
C ARG E 303 -16.01 -1.35 -13.45
N ALA E 304 -15.95 -0.29 -14.26
CA ALA E 304 -17.16 0.28 -14.84
C ALA E 304 -17.56 -0.58 -16.05
N SER E 305 -18.31 -1.64 -15.78
CA SER E 305 -18.77 -2.53 -16.84
C SER E 305 -19.94 -1.96 -17.63
N ALA E 306 -20.55 -0.88 -17.16
CA ALA E 306 -21.68 -0.29 -17.87
C ALA E 306 -21.21 0.43 -19.13
N ILE E 307 -22.16 0.71 -20.01
CA ILE E 307 -21.89 1.40 -21.26
C ILE E 307 -21.93 2.90 -21.01
N LYS E 308 -20.87 3.59 -21.42
CA LYS E 308 -20.79 5.04 -21.30
C LYS E 308 -20.91 5.68 -22.67
N ALA E 309 -21.44 6.91 -22.69
CA ALA E 309 -21.57 7.64 -23.95
C ALA E 309 -20.21 7.92 -24.56
N LEU E 310 -19.17 8.07 -23.74
CA LEU E 310 -17.82 8.25 -24.26
C LEU E 310 -17.37 7.02 -25.04
N ASP E 311 -17.68 5.83 -24.53
CA ASP E 311 -17.29 4.60 -25.23
C ASP E 311 -17.99 4.49 -26.58
N VAL E 312 -19.26 4.91 -26.65
CA VAL E 312 -19.98 4.87 -27.91
C VAL E 312 -19.33 5.79 -28.94
N TYR E 313 -18.89 6.98 -28.50
CA TYR E 313 -18.28 7.93 -29.43
C TYR E 313 -16.99 7.38 -30.01
N PHE E 314 -16.20 6.65 -29.21
CA PHE E 314 -14.98 6.06 -29.72
C PHE E 314 -15.26 5.05 -30.82
N TRP E 315 -16.32 4.25 -30.65
CA TRP E 315 -16.69 3.29 -31.69
C TRP E 315 -17.07 3.99 -32.98
N ILE E 316 -17.83 5.09 -32.88
CA ILE E 316 -18.18 5.87 -34.05
C ILE E 316 -16.92 6.41 -34.72
N CYS E 317 -16.00 6.95 -33.91
CA CYS E 317 -14.72 7.42 -34.46
C CYS E 317 -13.94 6.27 -35.08
N TYR E 318 -13.95 5.09 -34.43
CA TYR E 318 -13.20 3.96 -34.95
C TYR E 318 -13.76 3.50 -36.30
N VAL E 319 -15.08 3.53 -36.46
CA VAL E 319 -15.68 3.10 -37.72
C VAL E 319 -15.22 3.98 -38.87
N PHE E 320 -15.22 5.30 -38.65
CA PHE E 320 -14.85 6.22 -39.72
C PHE E 320 -13.38 6.09 -40.08
N VAL E 321 -12.49 5.99 -39.09
CA VAL E 321 -11.07 5.87 -39.38
C VAL E 321 -10.76 4.53 -40.03
N PHE E 322 -11.46 3.47 -39.62
CA PHE E 322 -11.26 2.16 -40.24
C PHE E 322 -11.84 2.13 -41.65
N ALA E 323 -12.97 2.80 -41.86
CA ALA E 323 -13.56 2.84 -43.20
C ALA E 323 -12.66 3.59 -44.17
N ALA E 324 -11.99 4.64 -43.71
CA ALA E 324 -11.11 5.40 -44.58
C ALA E 324 -9.97 4.53 -45.10
N LEU E 325 -9.38 3.71 -44.23
CA LEU E 325 -8.35 2.78 -44.69
C LEU E 325 -8.93 1.74 -45.65
N VAL E 326 -10.13 1.24 -45.35
CA VAL E 326 -10.81 0.32 -46.27
C VAL E 326 -11.14 1.03 -47.57
N GLU E 327 -11.49 2.31 -47.49
CA GLU E 327 -11.82 3.07 -48.71
C GLU E 327 -10.62 3.13 -49.65
N TYR E 328 -9.43 3.38 -49.12
CA TYR E 328 -8.24 3.37 -49.96
C TYR E 328 -7.94 1.95 -50.46
N ALA E 329 -8.10 0.95 -49.60
CA ALA E 329 -7.87 -0.43 -50.01
C ALA E 329 -8.81 -0.83 -51.14
N PHE E 330 -10.07 -0.42 -51.04
CA PHE E 330 -11.01 -0.65 -52.13
C PHE E 330 -10.58 0.08 -53.39
N ALA E 331 -10.12 1.33 -53.25
CA ALA E 331 -9.65 2.08 -54.41
C ALA E 331 -8.35 1.51 -54.96
N HIS E 332 -7.43 1.12 -54.06
CA HIS E 332 -6.15 0.56 -54.51
C HIS E 332 -6.35 -0.77 -55.23
N PHE E 333 -7.25 -1.61 -54.73
CA PHE E 333 -7.48 -2.91 -55.36
C PHE E 333 -8.05 -2.76 -56.76
N ASN E 334 -8.92 -1.77 -56.96
CA ASN E 334 -9.54 -1.55 -58.27
C ASN E 334 -8.62 -0.79 -59.23
N ALA E 335 -7.46 -0.32 -58.77
CA ALA E 335 -6.52 0.41 -59.62
C ALA E 335 -5.36 -0.46 -60.08
N ASP E 336 -5.61 -1.76 -60.28
CA ASP E 336 -4.57 -2.67 -60.75
C ASP E 336 -4.42 -2.60 -62.27
N ALA E 424 -9.90 3.96 -58.58
CA ALA E 424 -10.53 5.05 -59.33
C ALA E 424 -10.43 6.37 -58.59
N ASP E 425 -10.13 7.45 -59.31
CA ASP E 425 -10.02 8.77 -58.70
C ASP E 425 -11.36 9.28 -58.20
N THR E 426 -12.47 8.79 -58.75
CA THR E 426 -13.78 9.23 -58.30
C THR E 426 -14.06 8.81 -56.86
N ILE E 427 -13.47 7.69 -56.42
CA ILE E 427 -13.71 7.23 -55.06
C ILE E 427 -13.19 8.23 -54.05
N ASP E 428 -12.01 8.80 -54.29
CA ASP E 428 -11.47 9.81 -53.39
C ASP E 428 -12.34 11.06 -53.38
N ILE E 429 -12.83 11.47 -54.55
CA ILE E 429 -13.65 12.67 -54.63
C ILE E 429 -14.93 12.51 -53.81
N TYR E 430 -15.57 11.35 -53.92
CA TYR E 430 -16.74 11.07 -53.08
C TYR E 430 -16.36 11.03 -51.61
N ALA E 431 -15.21 10.42 -51.29
CA ALA E 431 -14.78 10.32 -49.90
C ALA E 431 -14.53 11.69 -49.28
N ARG E 432 -14.03 12.64 -50.08
CA ARG E 432 -13.77 13.99 -49.56
C ARG E 432 -15.04 14.71 -49.13
N ALA E 433 -16.20 14.23 -49.56
CA ALA E 433 -17.47 14.87 -49.21
C ALA E 433 -18.37 13.97 -48.36
N VAL E 434 -18.41 12.67 -48.64
CA VAL E 434 -19.29 11.78 -47.89
C VAL E 434 -18.83 11.66 -46.44
N PHE E 435 -17.53 11.41 -46.24
CA PHE E 435 -17.02 11.23 -44.88
C PHE E 435 -17.21 12.46 -44.00
N PRO E 436 -16.85 13.69 -44.43
CA PRO E 436 -17.15 14.85 -43.59
C PRO E 436 -18.62 15.05 -43.32
N ALA E 437 -19.49 14.73 -44.30
CA ALA E 437 -20.92 14.88 -44.10
C ALA E 437 -21.47 13.79 -43.18
N ALA E 438 -21.04 12.54 -43.40
CA ALA E 438 -21.54 11.45 -42.57
C ALA E 438 -21.11 11.61 -41.12
N PHE E 439 -19.85 12.01 -40.89
CA PHE E 439 -19.38 12.23 -39.53
C PHE E 439 -20.13 13.39 -38.87
N ALA E 440 -20.42 14.44 -39.64
CA ALA E 440 -21.21 15.54 -39.09
C ALA E 440 -22.63 15.07 -38.74
N ALA E 441 -23.22 14.24 -39.60
CA ALA E 441 -24.58 13.78 -39.36
C ALA E 441 -24.68 12.92 -38.10
N VAL E 442 -23.74 11.98 -37.93
CA VAL E 442 -23.80 11.09 -36.77
C VAL E 442 -23.54 11.86 -35.49
N ASN E 443 -22.69 12.89 -35.54
CA ASN E 443 -22.45 13.71 -34.35
C ASN E 443 -23.72 14.42 -33.90
N VAL E 444 -24.50 14.94 -34.85
CA VAL E 444 -25.75 15.60 -34.50
C VAL E 444 -26.70 14.63 -33.80
N ILE E 445 -26.80 13.41 -34.33
CA ILE E 445 -27.60 12.38 -33.67
C ILE E 445 -27.03 12.04 -32.30
N TYR E 446 -25.70 11.92 -32.22
CA TYR E 446 -25.05 11.55 -30.96
C TYR E 446 -25.27 12.62 -29.89
N TRP E 447 -25.06 13.89 -30.24
CA TRP E 447 -25.18 14.95 -29.25
C TRP E 447 -26.63 15.23 -28.90
N ALA E 448 -27.56 14.98 -29.82
CA ALA E 448 -28.97 15.14 -29.49
C ALA E 448 -29.44 14.10 -28.50
N ALA E 449 -28.92 12.87 -28.62
CA ALA E 449 -29.32 11.80 -27.71
C ALA E 449 -28.89 12.10 -26.27
N TYR E 450 -27.69 12.63 -26.10
CA TYR E 450 -27.13 12.93 -24.78
C TYR E 450 -27.16 14.45 -24.58
N ALA E 451 -28.17 14.93 -23.86
CA ALA E 451 -28.30 16.35 -23.59
C ALA E 451 -28.34 16.62 -22.10
N GLN F 1 25.00 -22.42 5.06
CA GLN F 1 26.16 -23.27 4.83
C GLN F 1 27.29 -22.48 4.20
N VAL F 2 28.23 -22.03 5.03
CA VAL F 2 29.35 -21.19 4.61
C VAL F 2 30.64 -21.90 5.00
N GLN F 3 31.64 -21.84 4.12
CA GLN F 3 32.98 -22.33 4.41
C GLN F 3 33.96 -21.16 4.36
N LEU F 4 34.82 -21.07 5.38
CA LEU F 4 35.79 -19.99 5.49
C LEU F 4 37.19 -20.58 5.62
N VAL F 5 38.09 -20.16 4.74
CA VAL F 5 39.50 -20.55 4.80
C VAL F 5 40.31 -19.26 4.90
N GLU F 6 41.13 -19.16 5.94
CA GLU F 6 41.97 -17.99 6.18
C GLU F 6 43.44 -18.35 6.01
N SER F 7 44.23 -17.38 5.57
CA SER F 7 45.65 -17.60 5.31
C SER F 7 46.38 -16.26 5.38
N GLY F 8 47.70 -16.34 5.47
CA GLY F 8 48.54 -15.17 5.59
C GLY F 8 48.78 -14.72 7.02
N GLY F 9 48.99 -15.67 7.92
CA GLY F 9 49.35 -15.36 9.28
C GLY F 9 50.85 -15.36 9.52
N GLY F 10 51.35 -16.44 10.13
CA GLY F 10 52.78 -16.64 10.29
C GLY F 10 53.37 -15.81 11.41
N LEU F 11 54.70 -15.82 11.44
CA LEU F 11 55.47 -15.18 12.50
C LEU F 11 56.37 -14.09 11.92
N VAL F 12 56.29 -12.89 12.50
CA VAL F 12 57.08 -11.74 12.09
C VAL F 12 57.60 -11.06 13.36
N GLN F 13 58.43 -10.04 13.17
CA GLN F 13 58.93 -9.26 14.30
C GLN F 13 57.89 -8.24 14.77
N GLY F 14 55.79 -3.90 11.84
CA GLY F 14 55.62 -4.70 10.65
C GLY F 14 54.18 -4.76 10.17
N SER F 15 54.00 -4.80 8.85
CA SER F 15 52.69 -4.88 8.24
C SER F 15 52.39 -6.32 7.81
N LEU F 16 51.15 -6.75 8.04
CA LEU F 16 50.70 -8.07 7.68
C LEU F 16 49.31 -7.97 7.07
N ARG F 17 48.96 -8.95 6.24
CA ARG F 17 47.64 -9.01 5.60
C ARG F 17 47.09 -10.43 5.74
N LEU F 18 46.30 -10.63 6.79
CA LEU F 18 45.41 -11.79 6.86
C LEU F 18 44.30 -11.68 5.83
N SER F 19 43.95 -12.82 5.23
CA SER F 19 42.86 -12.90 4.27
C SER F 19 41.89 -13.99 4.68
N CYS F 20 40.63 -13.83 4.25
CA CYS F 20 39.54 -14.71 4.65
C CYS F 20 38.61 -14.91 3.47
N ALA F 21 38.64 -16.10 2.87
CA ALA F 21 37.95 -16.41 1.64
C ALA F 21 36.68 -17.20 1.94
N ALA F 22 35.53 -16.64 1.54
CA ALA F 22 34.23 -17.24 1.81
C ALA F 22 33.69 -17.93 0.57
N SER F 23 32.86 -18.96 0.80
CA SER F 23 32.19 -19.65 -0.30
C SER F 23 30.89 -20.25 0.22
N GLY F 24 29.88 -20.26 -0.64
CA GLY F 24 28.57 -20.77 -0.28
C GLY F 24 27.48 -19.73 -0.18
N HIS F 25 26.49 -19.99 0.67
CA HIS F 25 25.37 -19.07 0.89
C HIS F 25 25.85 -17.88 1.72
N THR F 26 26.53 -16.95 1.06
CA THR F 26 26.97 -15.72 1.72
C THR F 26 25.86 -14.68 1.80
N PHE F 27 24.78 -14.84 1.03
CA PHE F 27 23.69 -13.88 1.06
C PHE F 27 23.00 -13.85 2.43
N ASN F 28 22.76 -15.04 2.99
CA ASN F 28 22.12 -15.14 4.30
C ASN F 28 23.02 -14.65 5.42
N TYR F 29 24.32 -14.49 5.17
CA TYR F 29 25.29 -14.14 6.19
C TYR F 29 26.05 -12.91 5.73
N PRO F 30 25.41 -11.74 5.78
CA PRO F 30 25.98 -10.54 5.14
C PRO F 30 27.19 -9.96 5.86
N ILE F 31 27.48 -10.39 7.08
CA ILE F 31 28.53 -9.79 7.89
C ILE F 31 29.63 -10.83 8.11
N MET F 32 30.88 -10.40 7.93
CA MET F 32 32.06 -11.18 8.32
C MET F 32 32.76 -10.48 9.48
N GLY F 33 33.11 -11.26 10.50
CA GLY F 33 33.81 -10.75 11.66
C GLY F 33 35.20 -11.34 11.79
N TRP F 34 36.12 -10.55 12.31
CA TRP F 34 37.44 -11.00 12.74
C TRP F 34 37.49 -11.07 14.26
N PHE F 35 37.79 -12.25 14.79
CA PHE F 35 38.08 -12.43 16.21
C PHE F 35 39.53 -12.86 16.41
N ARG F 36 39.97 -12.79 17.66
CA ARG F 36 41.29 -13.29 18.04
C ARG F 36 41.23 -13.81 19.47
N GLN F 37 41.83 -14.97 19.69
CA GLN F 37 41.83 -15.64 20.99
C GLN F 37 43.27 -15.80 21.47
N ALA F 38 43.66 -15.00 22.46
CA ALA F 38 44.95 -15.20 23.11
C ALA F 38 44.91 -16.45 23.99
N PRO F 39 46.06 -17.08 24.22
CA PRO F 39 46.08 -18.27 25.09
C PRO F 39 45.62 -17.95 26.50
N GLY F 40 44.53 -18.60 26.90
CA GLY F 40 43.95 -18.41 28.22
C GLY F 40 42.77 -17.47 28.18
N LYS F 41 42.94 -16.36 27.45
CA LYS F 41 41.95 -15.30 27.45
C LYS F 41 40.74 -15.70 26.61
N GLU F 42 39.66 -14.94 26.76
CA GLU F 42 38.44 -15.21 26.01
C GLU F 42 38.60 -14.74 24.56
N ARG F 43 37.77 -15.29 23.69
CA ARG F 43 37.79 -14.91 22.28
C ARG F 43 37.26 -13.49 22.13
N GLU F 44 37.97 -12.66 21.38
CA GLU F 44 37.88 -11.21 21.48
C GLU F 44 37.59 -10.63 20.10
N PHE F 45 36.66 -9.68 20.07
CA PHE F 45 36.27 -9.02 18.83
C PHE F 45 37.39 -8.10 18.33
N VAL F 46 37.62 -8.15 17.02
CA VAL F 46 38.57 -7.26 16.36
C VAL F 46 37.86 -6.28 15.44
N GLY F 47 37.06 -6.79 14.50
CA GLY F 47 36.30 -5.92 13.63
C GLY F 47 35.37 -6.73 12.75
N ALA F 48 34.54 -6.00 12.00
CA ALA F 48 33.53 -6.64 11.16
C ALA F 48 33.26 -5.76 9.95
N ILE F 49 32.89 -6.40 8.84
CA ILE F 49 32.55 -5.70 7.61
C ILE F 49 31.29 -6.32 7.02
N SER F 50 30.36 -5.46 6.58
CA SER F 50 29.28 -5.90 5.70
C SER F 50 29.81 -6.18 4.31
N TRP F 51 29.43 -7.34 3.75
CA TRP F 51 29.69 -7.62 2.35
C TRP F 51 29.15 -6.53 1.43
N SER F 52 27.89 -6.15 1.61
CA SER F 52 27.26 -5.11 0.81
C SER F 52 27.35 -3.79 1.55
N GLY F 53 28.11 -2.84 0.99
CA GLY F 53 28.26 -1.52 1.55
C GLY F 53 29.61 -1.28 2.19
N GLY F 54 30.20 -2.32 2.78
CA GLY F 54 31.47 -2.17 3.48
C GLY F 54 31.39 -1.36 4.75
N SER F 55 30.22 -1.30 5.39
CA SER F 55 30.09 -0.67 6.68
C SER F 55 30.98 -1.38 7.70
N THR F 56 31.92 -0.63 8.29
CA THR F 56 33.00 -1.21 9.05
C THR F 56 32.95 -0.75 10.49
N SER F 57 33.45 -1.61 11.38
CA SER F 57 33.55 -1.29 12.80
C SER F 57 34.78 -1.98 13.37
N TYR F 58 35.41 -1.33 14.35
CA TYR F 58 36.63 -1.83 14.95
C TYR F 58 36.55 -1.75 16.46
N ALA F 59 37.18 -2.72 17.11
CA ALA F 59 37.52 -2.59 18.53
C ALA F 59 38.51 -1.46 18.76
N ASP F 60 38.44 -0.87 19.96
CA ASP F 60 39.29 0.26 20.30
C ASP F 60 40.77 -0.09 20.18
N SER F 61 41.15 -1.28 20.67
CA SER F 61 42.55 -1.71 20.66
C SER F 61 43.18 -1.55 19.29
N VAL F 62 42.44 -1.90 18.24
CA VAL F 62 42.95 -1.94 16.88
C VAL F 62 42.44 -0.77 16.04
N LYS F 63 41.66 0.13 16.63
CA LYS F 63 41.18 1.31 15.93
C LYS F 63 42.36 2.19 15.50
N ASP F 64 42.40 2.49 14.20
CA ASP F 64 43.48 3.27 13.58
C ASP F 64 44.81 2.50 13.61
N ARG F 65 44.72 1.19 13.42
CA ARG F 65 45.88 0.32 13.24
C ARG F 65 45.53 -0.70 12.16
N PHE F 66 44.58 -1.58 12.48
CA PHE F 66 44.07 -2.56 11.54
C PHE F 66 43.07 -1.90 10.60
N THR F 67 42.98 -2.42 9.38
CA THR F 67 41.94 -2.01 8.44
C THR F 67 41.38 -3.22 7.73
N ILE F 68 40.06 -3.35 7.75
CA ILE F 68 39.35 -4.41 7.05
C ILE F 68 38.74 -3.84 5.78
N SER F 69 38.79 -4.62 4.71
CA SER F 69 37.88 -4.45 3.57
C SER F 69 37.80 -5.76 2.82
N ARG F 70 37.06 -5.75 1.71
CA ARG F 70 36.70 -6.97 1.02
C ARG F 70 36.68 -6.72 -0.49
N ASP F 71 36.54 -7.81 -1.24
CA ASP F 71 36.19 -7.73 -2.66
C ASP F 71 35.17 -8.82 -2.97
N ASN F 72 33.99 -8.41 -3.44
CA ASN F 72 32.90 -9.34 -3.65
C ASN F 72 33.15 -10.28 -4.82
N ALA F 73 34.04 -9.91 -5.74
CA ALA F 73 34.39 -10.78 -6.85
C ALA F 73 34.95 -12.11 -6.37
N LYS F 74 35.97 -12.06 -5.52
CA LYS F 74 36.61 -13.26 -5.00
C LYS F 74 35.89 -13.84 -3.79
N ASN F 75 34.99 -13.07 -3.18
CA ASN F 75 34.38 -13.42 -1.89
C ASN F 75 35.45 -13.57 -0.81
N THR F 76 36.18 -12.48 -0.60
CA THR F 76 37.37 -12.47 0.24
C THR F 76 37.30 -11.25 1.16
N VAL F 77 37.65 -11.45 2.42
CA VAL F 77 37.83 -10.37 3.38
C VAL F 77 39.25 -10.42 3.89
N TYR F 78 39.84 -9.25 4.14
CA TYR F 78 41.22 -9.17 4.60
C TYR F 78 41.34 -8.23 5.79
N LEU F 79 42.08 -8.68 6.80
CA LEU F 79 42.52 -7.86 7.92
C LEU F 79 43.96 -7.42 7.68
N GLU F 80 44.15 -6.15 7.34
CA GLU F 80 45.47 -5.56 7.13
C GLU F 80 46.04 -5.09 8.47
N MET F 81 46.83 -5.97 9.09
CA MET F 81 47.37 -5.75 10.43
C MET F 81 48.67 -4.94 10.32
N ASN F 82 48.53 -3.61 10.37
CA ASN F 82 49.67 -2.71 10.38
C ASN F 82 49.99 -2.29 11.81
N ASN F 83 51.27 -1.95 12.04
CA ASN F 83 51.73 -1.35 13.29
C ASN F 83 51.59 -2.36 14.45
N LEU F 84 52.07 -3.57 14.22
CA LEU F 84 51.84 -4.68 15.13
C LEU F 84 52.52 -4.46 16.48
N LYS F 85 52.06 -5.19 17.47
CA LYS F 85 52.47 -5.06 18.86
C LYS F 85 52.50 -6.45 19.48
N PRO F 86 53.25 -6.63 20.57
CA PRO F 86 53.27 -7.95 21.22
C PRO F 86 51.96 -8.31 21.91
N GLU F 87 51.04 -7.36 22.08
CA GLU F 87 49.69 -7.69 22.51
C GLU F 87 48.91 -8.41 21.43
N ASP F 88 49.27 -8.21 20.16
CA ASP F 88 48.56 -8.76 19.01
C ASP F 88 49.03 -10.17 18.68
N THR F 89 49.06 -11.04 19.69
CA THR F 89 49.60 -12.38 19.57
C THR F 89 48.51 -13.37 19.98
N ALA F 90 47.84 -13.95 18.99
CA ALA F 90 46.63 -14.73 19.21
C ALA F 90 46.35 -15.56 17.98
N VAL F 91 45.47 -16.56 18.14
CA VAL F 91 44.83 -17.25 17.03
C VAL F 91 43.72 -16.36 16.49
N TYR F 92 43.96 -15.74 15.34
CA TYR F 92 42.96 -14.91 14.68
C TYR F 92 41.99 -15.82 13.91
N TYR F 93 40.70 -15.71 14.23
CA TYR F 93 39.65 -16.45 13.54
C TYR F 93 38.77 -15.52 12.73
N CYS F 94 38.23 -16.08 11.65
CA CYS F 94 37.22 -15.44 10.81
C CYS F 94 35.88 -16.09 11.09
N ALA F 95 34.81 -15.30 11.04
CA ALA F 95 33.48 -15.86 11.25
C ALA F 95 32.42 -15.05 10.52
N ALA F 96 31.29 -15.73 10.25
CA ALA F 96 30.15 -15.17 9.54
C ALA F 96 28.97 -15.01 10.50
N LYS F 97 28.25 -13.89 10.36
CA LYS F 97 27.10 -13.60 11.19
C LYS F 97 25.83 -13.54 10.34
N GLY F 98 24.76 -14.16 10.84
CA GLY F 98 23.47 -14.03 10.22
C GLY F 98 22.90 -12.62 10.30
N ARG F 99 21.96 -12.36 9.40
CA ARG F 99 21.34 -11.03 9.31
C ARG F 99 20.74 -10.59 10.64
N TYR F 100 20.04 -11.49 11.33
CA TYR F 100 19.29 -11.14 12.53
C TYR F 100 19.93 -11.74 13.79
N SER F 101 21.24 -11.99 13.75
CA SER F 101 21.91 -12.81 14.76
C SER F 101 22.51 -12.00 15.90
N GLY F 102 22.19 -10.72 16.03
CA GLY F 102 22.54 -9.98 17.21
C GLY F 102 23.70 -9.01 17.02
N GLY F 103 24.31 -8.64 18.14
CA GLY F 103 25.39 -7.68 18.11
C GLY F 103 26.65 -8.19 17.44
N LEU F 104 27.35 -7.27 16.79
CA LEU F 104 28.62 -7.57 16.13
C LEU F 104 29.64 -8.18 17.09
N TYR F 105 29.69 -7.70 18.33
CA TYR F 105 30.82 -7.94 19.20
C TYR F 105 30.90 -9.35 19.76
N TYR F 106 29.82 -10.12 19.71
CA TYR F 106 29.70 -11.29 20.57
C TYR F 106 29.93 -12.56 19.76
N PRO F 107 31.03 -13.28 19.99
CA PRO F 107 31.35 -14.44 19.13
C PRO F 107 30.31 -15.54 19.14
N THR F 108 29.50 -15.65 20.19
CA THR F 108 28.44 -16.65 20.20
C THR F 108 27.34 -16.35 19.20
N ASN F 109 27.26 -15.12 18.70
CA ASN F 109 26.28 -14.78 17.67
C ASN F 109 26.67 -15.33 16.30
N TYR F 110 27.92 -15.74 16.13
CA TYR F 110 28.48 -16.13 14.85
C TYR F 110 28.39 -17.64 14.70
N ASP F 111 28.15 -18.11 13.48
CA ASP F 111 27.85 -19.51 13.22
C ASP F 111 29.00 -20.27 12.58
N TYR F 112 29.69 -19.69 11.61
CA TYR F 112 30.62 -20.42 10.74
C TYR F 112 32.02 -19.89 10.98
N TRP F 113 32.84 -20.66 11.69
CA TRP F 113 34.14 -20.20 12.16
C TRP F 113 35.24 -20.77 11.27
N GLY F 114 36.10 -19.89 10.76
CA GLY F 114 37.33 -20.33 10.12
C GLY F 114 38.23 -21.14 11.04
N GLN F 115 39.26 -21.73 10.43
CA GLN F 115 40.19 -22.58 11.17
C GLN F 115 40.90 -21.80 12.28
N GLY F 116 41.50 -20.68 11.94
CA GLY F 116 42.20 -19.85 12.90
C GLY F 116 43.71 -19.85 12.74
N THR F 117 44.24 -18.77 12.15
CA THR F 117 45.68 -18.60 12.01
C THR F 117 46.29 -18.15 13.33
N GLN F 118 47.28 -18.90 13.81
CA GLN F 118 48.12 -18.44 14.91
C GLN F 118 49.10 -17.39 14.41
N VAL F 119 49.20 -16.27 15.14
CA VAL F 119 50.12 -15.18 14.80
C VAL F 119 50.88 -14.80 16.07
N THR F 120 52.20 -14.90 16.03
CA THR F 120 53.06 -14.47 17.12
C THR F 120 54.08 -13.46 16.60
N VAL F 121 54.41 -12.48 17.45
CA VAL F 121 55.36 -11.44 17.06
C VAL F 121 56.28 -11.13 18.24
N GLN G 1 -18.45 -31.12 -4.67
CA GLN G 1 -18.83 -32.40 -5.24
C GLN G 1 -17.62 -33.10 -5.87
N VAL G 2 -17.00 -33.99 -5.11
CA VAL G 2 -15.79 -34.69 -5.52
C VAL G 2 -16.07 -36.20 -5.48
N GLN G 3 -15.55 -36.92 -6.47
CA GLN G 3 -15.60 -38.37 -6.50
C GLN G 3 -14.18 -38.91 -6.45
N LEU G 4 -13.95 -39.90 -5.59
CA LEU G 4 -12.64 -40.50 -5.41
C LEU G 4 -12.73 -42.01 -5.60
N VAL G 5 -11.92 -42.54 -6.52
CA VAL G 5 -11.80 -43.97 -6.75
C VAL G 5 -10.35 -44.36 -6.51
N GLU G 6 -10.13 -45.32 -5.61
CA GLU G 6 -8.79 -45.78 -5.27
C GLU G 6 -8.61 -47.23 -5.72
N SER G 7 -7.38 -47.58 -6.07
CA SER G 7 -7.06 -48.90 -6.59
C SER G 7 -5.59 -49.19 -6.35
N GLY G 8 -5.23 -50.47 -6.48
CA GLY G 8 -3.88 -50.91 -6.26
C GLY G 8 -3.57 -51.30 -4.82
N GLY G 9 -4.52 -51.98 -4.18
CA GLY G 9 -4.31 -52.51 -2.85
C GLY G 9 -3.85 -53.95 -2.84
N GLY G 10 -4.77 -54.86 -2.55
CA GLY G 10 -4.50 -56.28 -2.66
C GLY G 10 -3.69 -56.82 -1.50
N LEU G 11 -3.25 -58.07 -1.67
CA LEU G 11 -2.55 -58.81 -0.63
C LEU G 11 -1.15 -59.19 -1.10
N VAL G 12 -0.15 -58.88 -0.29
CA VAL G 12 1.25 -59.19 -0.56
C VAL G 12 1.87 -59.72 0.72
N GLN G 13 3.13 -60.15 0.62
CA GLN G 13 3.87 -60.61 1.79
C GLN G 13 4.40 -59.43 2.61
N GLY G 14 8.15 -55.55 0.99
CA GLY G 14 7.51 -55.38 -0.30
C GLY G 14 7.05 -53.96 -0.56
N SER G 15 7.14 -53.54 -1.82
CA SER G 15 6.71 -52.21 -2.23
C SER G 15 5.34 -52.27 -2.89
N LEU G 16 4.49 -51.30 -2.56
CA LEU G 16 3.15 -51.21 -3.12
C LEU G 16 2.87 -49.76 -3.47
N ARG G 17 1.96 -49.55 -4.42
CA ARG G 17 1.56 -48.21 -4.86
C ARG G 17 0.03 -48.17 -4.93
N LEU G 18 -0.58 -47.71 -3.84
CA LEU G 18 -1.96 -47.25 -3.86
C LEU G 18 -2.09 -45.98 -4.67
N SER G 19 -3.18 -45.86 -5.43
CA SER G 19 -3.48 -44.67 -6.21
C SER G 19 -4.89 -44.18 -5.89
N CYS G 20 -5.09 -42.87 -6.08
CA CYS G 20 -6.34 -42.20 -5.70
C CYS G 20 -6.66 -41.16 -6.75
N ALA G 21 -7.68 -41.43 -7.57
CA ALA G 21 -8.02 -40.61 -8.73
C ALA G 21 -9.22 -39.73 -8.40
N ALA G 22 -9.04 -38.42 -8.50
CA ALA G 22 -10.07 -37.45 -8.16
C ALA G 22 -10.72 -36.91 -9.42
N SER G 23 -11.97 -36.49 -9.29
CA SER G 23 -12.69 -35.84 -10.38
C SER G 23 -13.77 -34.92 -9.81
N GLY G 24 -13.99 -33.80 -10.49
CA GLY G 24 -14.97 -32.82 -10.05
C GLY G 24 -14.37 -31.51 -9.56
N HIS G 25 -15.07 -30.84 -8.65
CA HIS G 25 -14.61 -29.57 -8.08
C HIS G 25 -13.47 -29.84 -7.10
N THR G 26 -12.28 -30.05 -7.67
CA THR G 26 -11.09 -30.22 -6.84
C THR G 26 -10.50 -28.89 -6.39
N PHE G 27 -10.90 -27.77 -6.99
CA PHE G 27 -10.36 -26.47 -6.60
C PHE G 27 -10.77 -26.12 -5.17
N ASN G 28 -12.04 -26.36 -4.83
CA ASN G 28 -12.54 -26.08 -3.49
C ASN G 28 -11.94 -27.00 -2.44
N TYR G 29 -11.33 -28.11 -2.85
CA TYR G 29 -10.81 -29.13 -1.94
C TYR G 29 -9.35 -29.36 -2.24
N PRO G 30 -8.48 -28.42 -1.87
CA PRO G 30 -7.08 -28.44 -2.32
C PRO G 30 -6.24 -29.54 -1.70
N ILE G 31 -6.71 -30.21 -0.65
CA ILE G 31 -5.93 -31.18 0.11
C ILE G 31 -6.55 -32.55 -0.07
N MET G 32 -5.71 -33.55 -0.33
CA MET G 32 -6.09 -34.95 -0.30
C MET G 32 -5.38 -35.65 0.85
N GLY G 33 -6.13 -36.42 1.63
CA GLY G 33 -5.58 -37.15 2.76
C GLY G 33 -5.68 -38.65 2.54
N TRP G 34 -4.70 -39.38 3.07
CA TRP G 34 -4.76 -40.83 3.19
C TRP G 34 -5.02 -41.22 4.63
N PHE G 35 -6.08 -41.98 4.87
CA PHE G 35 -6.37 -42.59 6.15
C PHE G 35 -6.31 -44.11 6.04
N ARG G 36 -6.27 -44.76 7.20
CA ARG G 36 -6.34 -46.22 7.27
C ARG G 36 -7.06 -46.62 8.55
N GLN G 37 -7.98 -47.59 8.44
CA GLN G 37 -8.78 -48.06 9.55
C GLN G 37 -8.51 -49.55 9.77
N ALA G 38 -7.78 -49.87 10.83
CA ALA G 38 -7.63 -51.26 11.22
C ALA G 38 -8.92 -51.78 11.82
N PRO G 39 -9.17 -53.10 11.75
CA PRO G 39 -10.38 -53.67 12.34
C PRO G 39 -10.45 -53.43 13.84
N GLY G 40 -11.48 -52.70 14.26
CA GLY G 40 -11.69 -52.38 15.67
C GLY G 40 -11.20 -50.98 16.00
N LYS G 41 -10.00 -50.65 15.50
CA LYS G 41 -9.35 -49.41 15.86
C LYS G 41 -10.02 -48.24 15.15
N GLU G 42 -9.69 -47.03 15.61
CA GLU G 42 -10.24 -45.83 15.01
C GLU G 42 -9.54 -45.53 13.69
N ARG G 43 -10.21 -44.74 12.86
CA ARG G 43 -9.64 -44.34 11.58
C ARG G 43 -8.48 -43.38 11.79
N GLU G 44 -7.36 -43.65 11.12
CA GLU G 44 -6.06 -43.14 11.53
C GLU G 44 -5.41 -42.41 10.37
N PHE G 45 -4.84 -41.24 10.67
CA PHE G 45 -4.17 -40.43 9.66
C PHE G 45 -2.87 -41.07 9.20
N VAL G 46 -2.65 -41.04 7.89
CA VAL G 46 -1.41 -41.51 7.28
C VAL G 46 -0.60 -40.35 6.70
N GLY G 47 -1.21 -39.57 5.81
CA GLY G 47 -0.53 -38.41 5.26
C GLY G 47 -1.47 -37.62 4.39
N ALA G 48 -0.97 -36.47 3.94
CA ALA G 48 -1.77 -35.55 3.14
C ALA G 48 -0.87 -34.77 2.19
N ILE G 49 -1.44 -34.38 1.05
CA ILE G 49 -0.72 -33.60 0.04
C ILE G 49 -1.64 -32.49 -0.45
N SER G 50 -1.09 -31.28 -0.56
CA SER G 50 -1.73 -30.22 -1.34
C SER G 50 -1.61 -30.51 -2.83
N TRP G 51 -2.74 -30.39 -3.53
CA TRP G 51 -2.72 -30.42 -4.99
C TRP G 51 -1.74 -29.40 -5.57
N SER G 52 -1.85 -28.16 -5.14
CA SER G 52 -0.97 -27.09 -5.60
C SER G 52 0.18 -26.93 -4.62
N GLY G 53 1.39 -27.22 -5.09
CA GLY G 53 2.61 -27.08 -4.31
C GLY G 53 3.19 -28.40 -3.84
N GLY G 54 2.33 -29.38 -3.56
CA GLY G 54 2.80 -30.66 -3.05
C GLY G 54 3.35 -30.61 -1.65
N SER G 55 2.91 -29.63 -0.86
CA SER G 55 3.26 -29.60 0.56
C SER G 55 2.77 -30.85 1.26
N THR G 56 3.69 -31.62 1.84
CA THR G 56 3.40 -32.97 2.28
C THR G 56 3.60 -33.08 3.79
N SER G 57 2.85 -33.99 4.40
CA SER G 57 2.97 -34.28 5.82
C SER G 57 2.67 -35.75 6.04
N TYR G 58 3.34 -36.35 7.03
CA TYR G 58 3.20 -37.76 7.31
C TYR G 58 3.03 -37.98 8.81
N ALA G 59 2.24 -39.00 9.15
CA ALA G 59 2.27 -39.57 10.49
C ALA G 59 3.63 -40.20 10.80
N ASP G 60 3.97 -40.21 12.09
CA ASP G 60 5.26 -40.73 12.52
C ASP G 60 5.45 -42.19 12.10
N SER G 61 4.40 -43.01 12.28
CA SER G 61 4.48 -44.43 11.98
C SER G 61 5.03 -44.68 10.58
N VAL G 62 4.61 -43.87 9.61
CA VAL G 62 4.94 -44.07 8.20
C VAL G 62 5.97 -43.07 7.71
N LYS G 63 6.47 -42.20 8.59
CA LYS G 63 7.51 -41.25 8.22
C LYS G 63 8.78 -41.98 7.80
N ASP G 64 9.26 -41.67 6.60
CA ASP G 64 10.44 -42.31 5.99
C ASP G 64 10.17 -43.77 5.67
N ARG G 65 8.94 -44.05 5.24
CA ARG G 65 8.55 -45.35 4.70
C ARG G 65 7.64 -45.11 3.51
N PHE G 66 6.45 -44.57 3.78
CA PHE G 66 5.51 -44.19 2.74
C PHE G 66 5.92 -42.86 2.13
N THR G 67 5.57 -42.68 0.85
CA THR G 67 5.75 -41.39 0.18
C THR G 67 4.52 -41.09 -0.67
N ILE G 68 3.96 -39.90 -0.47
CA ILE G 68 2.83 -39.41 -1.25
C ILE G 68 3.35 -38.41 -2.28
N SER G 69 2.79 -38.47 -3.48
CA SER G 69 2.82 -37.33 -4.40
C SER G 69 1.67 -37.50 -5.40
N ARG G 70 1.59 -36.57 -6.36
CA ARG G 70 0.43 -36.46 -7.22
C ARG G 70 0.88 -36.06 -8.61
N ASP G 71 -0.07 -36.10 -9.55
CA ASP G 71 0.08 -35.44 -10.85
C ASP G 71 -1.23 -34.76 -11.21
N ASN G 72 -1.17 -33.44 -11.41
CA ASN G 72 -2.39 -32.67 -11.64
C ASN G 72 -3.00 -32.94 -12.99
N ALA G 73 -2.22 -33.46 -13.94
CA ALA G 73 -2.76 -33.82 -15.26
C ALA G 73 -3.88 -34.84 -15.13
N LYS G 74 -3.60 -35.96 -14.46
CA LYS G 74 -4.59 -37.02 -14.31
C LYS G 74 -5.53 -36.78 -13.14
N ASN G 75 -5.22 -35.84 -12.25
CA ASN G 75 -5.93 -35.65 -10.99
C ASN G 75 -5.87 -36.92 -10.13
N THR G 76 -4.64 -37.31 -9.82
CA THR G 76 -4.35 -38.59 -9.18
C THR G 76 -3.36 -38.35 -8.05
N VAL G 77 -3.62 -38.99 -6.91
CA VAL G 77 -2.68 -39.03 -5.79
C VAL G 77 -2.33 -40.49 -5.53
N TYR G 78 -1.08 -40.73 -5.14
CA TYR G 78 -0.62 -42.09 -4.88
C TYR G 78 0.14 -42.16 -3.56
N LEU G 79 -0.18 -43.20 -2.79
CA LEU G 79 0.57 -43.59 -1.60
C LEU G 79 1.50 -44.75 -1.96
N GLU G 80 2.79 -44.47 -2.06
CA GLU G 80 3.81 -45.47 -2.34
C GLU G 80 4.24 -46.14 -1.04
N MET G 81 3.62 -47.27 -0.74
CA MET G 81 3.81 -47.99 0.52
C MET G 81 5.01 -48.93 0.38
N ASN G 82 6.19 -48.41 0.72
CA ASN G 82 7.41 -49.20 0.74
C ASN G 82 7.71 -49.67 2.16
N ASN G 83 8.41 -50.81 2.25
CA ASN G 83 8.94 -51.30 3.52
C ASN G 83 7.80 -51.72 4.47
N LEU G 84 6.86 -52.50 3.91
CA LEU G 84 5.62 -52.80 4.61
C LEU G 84 5.87 -53.66 5.84
N LYS G 85 4.89 -53.65 6.73
CA LYS G 85 4.95 -54.29 8.03
C LYS G 85 3.58 -54.87 8.36
N PRO G 86 3.50 -55.85 9.25
CA PRO G 86 2.18 -56.40 9.62
C PRO G 86 1.31 -55.44 10.40
N GLU G 87 1.87 -54.33 10.89
CA GLU G 87 1.03 -53.28 11.46
C GLU G 87 0.26 -52.53 10.38
N ASP G 88 0.75 -52.54 9.15
CA ASP G 88 0.17 -51.81 8.02
C ASP G 88 -0.93 -52.61 7.34
N THR G 89 -1.88 -53.11 8.14
CA THR G 89 -2.94 -53.99 7.67
C THR G 89 -4.28 -53.37 8.04
N ALA G 90 -4.90 -52.71 7.05
CA ALA G 90 -6.06 -51.87 7.30
C ALA G 90 -6.76 -51.59 5.98
N VAL G 91 -8.00 -51.12 6.07
CA VAL G 91 -8.71 -50.50 4.95
C VAL G 91 -8.17 -49.08 4.78
N TYR G 92 -7.35 -48.88 3.76
CA TYR G 92 -6.82 -47.56 3.42
C TYR G 92 -7.87 -46.77 2.65
N TYR G 93 -8.25 -45.61 3.18
CA TYR G 93 -9.20 -44.71 2.52
C TYR G 93 -8.52 -43.43 2.05
N CYS G 94 -9.05 -42.88 0.97
CA CYS G 94 -8.67 -41.57 0.45
C CYS G 94 -9.77 -40.57 0.80
N ALA G 95 -9.39 -39.32 1.07
CA ALA G 95 -10.39 -38.31 1.36
C ALA G 95 -9.89 -36.93 0.98
N ALA G 96 -10.85 -36.03 0.75
CA ALA G 96 -10.62 -34.65 0.36
C ALA G 96 -11.00 -33.71 1.50
N LYS G 97 -10.20 -32.66 1.69
CA LYS G 97 -10.41 -31.68 2.74
C LYS G 97 -10.68 -30.32 2.12
N GLY G 98 -11.68 -29.61 2.64
CA GLY G 98 -11.90 -28.24 2.25
C GLY G 98 -10.79 -27.30 2.71
N ARG G 99 -10.73 -26.15 2.04
CA ARG G 99 -9.70 -25.16 2.31
C ARG G 99 -9.69 -24.75 3.78
N TYR G 100 -10.85 -24.51 4.37
CA TYR G 100 -10.95 -23.97 5.73
C TYR G 100 -11.48 -25.01 6.71
N SER G 101 -11.26 -26.29 6.43
CA SER G 101 -11.94 -27.37 7.13
C SER G 101 -11.15 -27.92 8.31
N GLY G 102 -10.08 -27.26 8.74
CA GLY G 102 -9.45 -27.62 9.99
C GLY G 102 -8.14 -28.36 9.82
N GLY G 103 -7.74 -29.06 10.88
CA GLY G 103 -6.48 -29.75 10.90
C GLY G 103 -6.44 -30.94 9.95
N LEU G 104 -5.24 -31.18 9.40
CA LEU G 104 -5.01 -32.31 8.50
C LEU G 104 -5.37 -33.64 9.15
N TYR G 105 -5.09 -33.79 10.45
CA TYR G 105 -5.06 -35.11 11.07
C TYR G 105 -6.42 -35.73 11.31
N TYR G 106 -7.50 -34.95 11.27
CA TYR G 106 -8.75 -35.37 11.87
C TYR G 106 -9.73 -35.80 10.79
N PRO G 107 -10.07 -37.09 10.71
CA PRO G 107 -10.91 -37.55 9.60
C PRO G 107 -12.29 -36.92 9.53
N THR G 108 -12.81 -36.42 10.65
CA THR G 108 -14.10 -35.75 10.62
C THR G 108 -14.06 -34.42 9.87
N ASN G 109 -12.87 -33.87 9.65
CA ASN G 109 -12.73 -32.65 8.88
C ASN G 109 -12.90 -32.88 7.39
N TYR G 110 -12.85 -34.14 6.96
CA TYR G 110 -12.84 -34.50 5.55
C TYR G 110 -14.26 -34.85 5.11
N ASP G 111 -14.59 -34.50 3.87
CA ASP G 111 -15.96 -34.60 3.38
C ASP G 111 -16.20 -35.77 2.43
N TYR G 112 -15.27 -36.03 1.51
CA TYR G 112 -15.52 -36.92 0.38
C TYR G 112 -14.59 -38.12 0.49
N TRP G 113 -15.13 -39.26 0.91
CA TRP G 113 -14.34 -40.43 1.26
C TRP G 113 -14.38 -41.44 0.11
N GLY G 114 -13.20 -41.87 -0.33
CA GLY G 114 -13.10 -43.01 -1.23
C GLY G 114 -13.69 -44.28 -0.64
N GLN G 115 -13.80 -45.29 -1.50
CA GLN G 115 -14.38 -46.57 -1.10
C GLN G 115 -13.59 -47.22 0.02
N GLY G 116 -12.28 -47.38 -0.18
CA GLY G 116 -11.41 -47.97 0.82
C GLY G 116 -10.88 -49.33 0.44
N THR G 117 -9.62 -49.38 0.01
CA THR G 117 -8.95 -50.64 -0.32
C THR G 117 -8.52 -51.36 0.96
N GLN G 118 -8.96 -52.61 1.12
CA GLN G 118 -8.40 -53.47 2.15
C GLN G 118 -7.02 -53.96 1.74
N VAL G 119 -6.06 -53.86 2.65
CA VAL G 119 -4.69 -54.33 2.41
C VAL G 119 -4.26 -55.17 3.60
N THR G 120 -3.89 -56.42 3.34
CA THR G 120 -3.37 -57.32 4.35
C THR G 120 -2.01 -57.85 3.90
N VAL G 121 -1.11 -58.04 4.85
CA VAL G 121 0.24 -58.54 4.57
C VAL G 121 0.66 -59.54 5.62
#